data_1Q3Q
#
_entry.id   1Q3Q
#
_cell.length_a   210.829
_cell.length_b   210.829
_cell.length_c   156.421
_cell.angle_alpha   90.00
_cell.angle_beta   90.00
_cell.angle_gamma   90.00
#
_symmetry.space_group_name_H-M   'P 4 21 2'
#
loop_
_entity.id
_entity.type
_entity.pdbx_description
1 polymer 'Thermosome alpha subunit'
2 non-polymer 'MAGNESIUM ION'
3 non-polymer 'PHOSPHOAMINOPHOSPHONIC ACID-ADENYLATE ESTER'
4 water water
#
_entity_poly.entity_id   1
_entity_poly.type   'polypeptide(L)'
_entity_poly.pdbx_seq_one_letter_code
;MAQLSGQPVVILPEGTQRYVGRDAQRLNILAARIIAETVRTTLGPKGMDKMLVDSLGDIVVTNDCATILDKIDLQHPAAK
MMVEVAKTQDKEAGDGTTTAVVIAGELLRKAEELLDQNIHPSIITKGYALAAEKAQEILDEIAIRVDPDDEETLLKIAAT
SITGKNAESHKELLAKLAVEAVKQVAEKKDGKYVVDLDNIKFEKKAGEGVEESELVRGVVIDKEVVHPRMPKRVENAKIA
LINEALEVKKTETDAKINITSPDQLMSFLEQEEKMLKDMVDHIAQTGANVVFVQKGIDDLAQHYLAKYGIMAVRRVKKSD
MEKLAKATGAKIVTNVKDLTPEDLGYAEVVEERKLAGENMIFVEGCKNPKAVTILIRGGTEHVIDEVERALEDAVKVVKD
VMEDGAVLPAGGAPEIELAIRLDEYAKQVGGKEALAIENFADALKIIPKTLAENAGLDTVEMLVKVISEHKNRGLGIGID
VFEGKPADMLEKGIIEPLRVKKQAIKSASEAAIMILRIDDVIAAKATKPEGGQGGGMPGGMGGMDMGM
;
_entity_poly.pdbx_strand_id   A,B,C,D
#
# COMPACT_ATOMS: atom_id res chain seq x y z
N VAL A 9 -14.28 -5.16 39.99
CA VAL A 9 -15.72 -5.20 40.19
C VAL A 9 -16.38 -4.83 38.86
N VAL A 10 -17.05 -5.79 38.25
CA VAL A 10 -17.70 -5.61 36.96
C VAL A 10 -18.63 -4.40 36.89
N ILE A 11 -18.20 -3.37 36.16
CA ILE A 11 -18.97 -2.14 36.01
C ILE A 11 -19.53 -2.06 34.58
N LEU A 12 -18.66 -2.34 33.61
CA LEU A 12 -19.05 -2.31 32.21
C LEU A 12 -19.21 -3.72 31.65
N PRO A 13 -20.14 -3.91 30.70
CA PRO A 13 -20.37 -5.23 30.09
C PRO A 13 -19.11 -5.75 29.42
N GLU A 14 -18.95 -7.07 29.36
CA GLU A 14 -17.77 -7.63 28.72
C GLU A 14 -17.86 -7.24 27.25
N GLY A 15 -16.71 -6.94 26.65
CA GLY A 15 -16.72 -6.55 25.25
C GLY A 15 -16.59 -5.05 25.07
N THR A 16 -16.90 -4.28 26.12
CA THR A 16 -16.79 -2.83 26.04
C THR A 16 -15.33 -2.45 25.92
N GLN A 17 -15.04 -1.48 25.06
CA GLN A 17 -13.66 -1.03 24.87
C GLN A 17 -13.54 0.34 25.51
N ARG A 18 -12.41 0.59 26.16
CA ARG A 18 -12.20 1.88 26.79
C ARG A 18 -10.77 2.34 26.65
N TYR A 19 -10.62 3.62 26.27
CA TYR A 19 -9.32 4.23 26.10
C TYR A 19 -9.39 5.52 26.88
N VAL A 20 -8.37 5.82 27.66
CA VAL A 20 -8.39 7.05 28.44
C VAL A 20 -7.08 7.80 28.32
N GLY A 21 -7.10 9.08 28.69
CA GLY A 21 -5.90 9.89 28.63
C GLY A 21 -5.27 9.96 27.26
N ARG A 22 -3.95 9.85 27.23
CA ARG A 22 -3.19 9.92 26.00
C ARG A 22 -3.58 8.83 25.01
N ASP A 23 -4.01 7.68 25.53
CA ASP A 23 -4.43 6.57 24.67
C ASP A 23 -5.62 7.02 23.84
N ALA A 24 -6.61 7.59 24.50
CA ALA A 24 -7.80 8.07 23.82
C ALA A 24 -7.43 9.16 22.81
N GLN A 25 -6.52 10.06 23.19
CA GLN A 25 -6.10 11.14 22.32
C GLN A 25 -5.33 10.60 21.11
N ARG A 26 -4.38 9.70 21.37
CA ARG A 26 -3.60 9.11 20.30
C ARG A 26 -4.51 8.41 19.30
N LEU A 27 -5.42 7.58 19.81
CA LEU A 27 -6.33 6.87 18.93
C LEU A 27 -7.22 7.79 18.08
N ASN A 28 -7.90 8.73 18.73
CA ASN A 28 -8.77 9.65 18.01
C ASN A 28 -8.03 10.46 16.96
N ILE A 29 -6.89 11.01 17.34
CA ILE A 29 -6.09 11.83 16.43
C ILE A 29 -5.55 11.04 15.26
N LEU A 30 -5.03 9.84 15.51
CA LEU A 30 -4.49 9.02 14.43
C LEU A 30 -5.60 8.68 13.44
N ALA A 31 -6.80 8.39 13.95
CA ALA A 31 -7.92 8.07 13.08
C ALA A 31 -8.34 9.27 12.23
N ALA A 32 -8.38 10.46 12.82
CA ALA A 32 -8.77 11.64 12.07
C ALA A 32 -7.69 11.93 11.03
N ARG A 33 -6.43 11.77 11.43
CA ARG A 33 -5.33 12.02 10.52
C ARG A 33 -5.37 11.08 9.32
N ILE A 34 -5.60 9.79 9.57
CA ILE A 34 -5.66 8.82 8.49
C ILE A 34 -6.80 9.12 7.51
N ILE A 35 -7.95 9.54 8.03
CA ILE A 35 -9.05 9.87 7.13
C ILE A 35 -8.62 11.04 6.24
N ALA A 36 -8.01 12.04 6.87
CA ALA A 36 -7.55 13.23 6.16
C ALA A 36 -6.48 12.86 5.14
N GLU A 37 -5.56 11.98 5.52
CA GLU A 37 -4.51 11.58 4.58
C GLU A 37 -5.16 10.85 3.42
N THR A 38 -6.23 10.12 3.70
CA THR A 38 -6.91 9.37 2.65
C THR A 38 -7.53 10.23 1.56
N VAL A 39 -8.16 11.35 1.93
CA VAL A 39 -8.78 12.21 0.93
C VAL A 39 -7.91 13.34 0.39
N ARG A 40 -6.80 13.63 1.09
CA ARG A 40 -5.91 14.72 0.66
C ARG A 40 -5.33 14.50 -0.74
N THR A 41 -5.26 13.24 -1.17
CA THR A 41 -4.73 12.95 -2.48
C THR A 41 -5.66 13.38 -3.61
N THR A 42 -6.91 13.76 -3.29
CA THR A 42 -7.87 14.21 -4.29
C THR A 42 -7.80 15.73 -4.47
N LEU A 43 -7.01 16.39 -3.62
CA LEU A 43 -6.90 17.85 -3.63
C LEU A 43 -6.21 18.56 -4.79
N GLY A 44 -6.89 19.57 -5.32
CA GLY A 44 -6.31 20.37 -6.39
C GLY A 44 -6.30 19.87 -7.81
N PRO A 45 -5.75 20.68 -8.73
CA PRO A 45 -5.61 20.44 -10.17
C PRO A 45 -4.96 19.10 -10.50
N LYS A 46 -4.02 18.67 -9.66
CA LYS A 46 -3.33 17.41 -9.86
C LYS A 46 -3.85 16.33 -8.93
N GLY A 47 -4.96 16.62 -8.27
CA GLY A 47 -5.57 15.65 -7.37
C GLY A 47 -6.21 14.53 -8.18
N MET A 48 -6.18 13.32 -7.64
CA MET A 48 -6.75 12.15 -8.33
C MET A 48 -8.06 11.63 -7.74
N ASP A 49 -8.65 10.63 -8.40
CA ASP A 49 -9.93 10.08 -7.96
C ASP A 49 -9.92 8.71 -7.28
N LYS A 50 -11.06 8.37 -6.68
CA LYS A 50 -11.23 7.09 -6.01
C LYS A 50 -12.38 6.27 -6.57
N MET A 51 -12.25 4.95 -6.48
CA MET A 51 -13.30 4.05 -6.94
C MET A 51 -13.84 3.38 -5.68
N LEU A 52 -15.10 3.61 -5.37
CA LEU A 52 -15.73 3.04 -4.18
C LEU A 52 -16.77 1.99 -4.55
N VAL A 53 -16.56 0.77 -4.08
CA VAL A 53 -17.49 -0.32 -4.35
C VAL A 53 -18.11 -0.77 -3.02
N ASP A 54 -19.42 -0.58 -2.89
CA ASP A 54 -20.10 -0.97 -1.65
C ASP A 54 -20.31 -2.48 -1.55
N SER A 55 -21.00 -2.90 -0.49
CA SER A 55 -21.26 -4.32 -0.24
C SER A 55 -22.19 -4.97 -1.27
N LEU A 56 -23.04 -4.15 -1.90
CA LEU A 56 -23.96 -4.66 -2.91
C LEU A 56 -23.33 -4.67 -4.30
N GLY A 57 -22.10 -4.16 -4.39
CA GLY A 57 -21.40 -4.14 -5.66
C GLY A 57 -21.61 -2.90 -6.51
N ASP A 58 -22.28 -1.88 -5.95
CA ASP A 58 -22.49 -0.65 -6.67
C ASP A 58 -21.22 0.18 -6.73
N ILE A 59 -20.95 0.80 -7.87
CA ILE A 59 -19.71 1.54 -8.06
C ILE A 59 -19.81 3.06 -8.16
N VAL A 60 -18.97 3.74 -7.39
CA VAL A 60 -18.91 5.20 -7.42
C VAL A 60 -17.48 5.66 -7.71
N VAL A 61 -17.33 6.55 -8.69
CA VAL A 61 -16.02 7.07 -9.04
C VAL A 61 -16.07 8.59 -8.92
N THR A 62 -15.31 9.14 -7.98
CA THR A 62 -15.28 10.57 -7.76
C THR A 62 -13.96 11.14 -7.31
N ASN A 63 -13.98 12.46 -7.23
CA ASN A 63 -12.87 13.25 -6.75
C ASN A 63 -13.43 13.97 -5.51
N ASP A 64 -14.75 13.95 -5.40
CA ASP A 64 -15.46 14.62 -4.32
C ASP A 64 -15.32 14.00 -2.93
N CYS A 65 -14.62 14.71 -2.06
CA CYS A 65 -14.39 14.27 -0.69
C CYS A 65 -15.64 13.97 0.11
N ALA A 66 -16.66 14.80 -0.03
CA ALA A 66 -17.91 14.60 0.70
C ALA A 66 -18.59 13.30 0.26
N THR A 67 -18.58 13.04 -1.04
CA THR A 67 -19.19 11.84 -1.61
C THR A 67 -18.41 10.61 -1.17
N ILE A 68 -17.09 10.71 -1.18
CA ILE A 68 -16.21 9.62 -0.79
C ILE A 68 -16.43 9.20 0.67
N LEU A 69 -16.35 10.15 1.60
CA LEU A 69 -16.51 9.83 3.01
C LEU A 69 -17.92 9.35 3.32
N ASP A 70 -18.91 9.87 2.60
CA ASP A 70 -20.29 9.46 2.80
C ASP A 70 -20.49 8.02 2.32
N LYS A 71 -19.71 7.58 1.35
CA LYS A 71 -19.84 6.23 0.81
C LYS A 71 -19.13 5.11 1.57
N ILE A 72 -17.84 5.27 1.83
CA ILE A 72 -17.10 4.22 2.54
C ILE A 72 -17.66 3.97 3.94
N ASP A 73 -17.67 2.71 4.35
CA ASP A 73 -18.20 2.32 5.65
C ASP A 73 -17.13 2.45 6.74
N LEU A 74 -17.01 3.64 7.31
CA LEU A 74 -16.03 3.91 8.35
C LEU A 74 -16.42 3.31 9.70
N GLN A 75 -15.43 2.77 10.41
CA GLN A 75 -15.66 2.15 11.71
C GLN A 75 -15.33 3.04 12.91
N HIS A 76 -14.09 3.52 12.98
CA HIS A 76 -13.65 4.38 14.08
C HIS A 76 -14.51 5.64 14.25
N PRO A 77 -14.93 5.93 15.50
CA PRO A 77 -15.77 7.09 15.83
C PRO A 77 -15.18 8.42 15.38
N ALA A 78 -13.89 8.61 15.64
CA ALA A 78 -13.23 9.87 15.28
C ALA A 78 -13.25 10.06 13.77
N ALA A 79 -13.12 8.96 13.03
CA ALA A 79 -13.15 9.05 11.58
C ALA A 79 -14.55 9.47 11.16
N LYS A 80 -15.56 8.98 11.85
CA LYS A 80 -16.95 9.33 11.52
C LYS A 80 -17.16 10.83 11.72
N MET A 81 -16.59 11.35 12.80
CA MET A 81 -16.71 12.77 13.10
C MET A 81 -16.17 13.66 11.99
N MET A 82 -15.18 13.16 11.27
CA MET A 82 -14.57 13.90 10.18
C MET A 82 -15.53 14.03 9.01
N VAL A 83 -16.38 13.02 8.84
CA VAL A 83 -17.37 13.01 7.78
C VAL A 83 -18.30 14.21 7.93
N GLU A 84 -18.63 14.56 9.18
CA GLU A 84 -19.51 15.68 9.44
C GLU A 84 -18.90 17.00 8.98
N VAL A 85 -17.58 17.06 9.01
CA VAL A 85 -16.89 18.27 8.56
C VAL A 85 -17.12 18.44 7.07
N ALA A 86 -16.93 17.36 6.32
CA ALA A 86 -17.10 17.39 4.87
C ALA A 86 -18.55 17.65 4.48
N LYS A 87 -19.46 17.05 5.25
CA LYS A 87 -20.89 17.18 5.00
C LYS A 87 -21.38 18.62 5.19
N THR A 88 -21.03 19.22 6.33
CA THR A 88 -21.45 20.59 6.60
C THR A 88 -20.84 21.60 5.61
N GLN A 89 -19.58 21.38 5.24
CA GLN A 89 -18.89 22.24 4.28
C GLN A 89 -19.61 22.15 2.93
N ASP A 90 -20.01 20.93 2.58
CA ASP A 90 -20.69 20.68 1.32
C ASP A 90 -22.04 21.39 1.26
N LYS A 91 -22.78 21.37 2.37
CA LYS A 91 -24.09 22.01 2.40
C LYS A 91 -24.02 23.53 2.40
N GLU A 92 -22.99 24.10 3.01
CA GLU A 92 -22.87 25.55 3.10
C GLU A 92 -22.19 26.24 1.92
N ALA A 93 -21.05 25.73 1.48
CA ALA A 93 -20.30 26.35 0.41
C ALA A 93 -20.06 25.53 -0.85
N GLY A 94 -20.36 24.23 -0.82
CA GLY A 94 -20.14 23.40 -1.99
C GLY A 94 -18.72 22.91 -2.09
N ASP A 95 -17.78 23.81 -2.39
CA ASP A 95 -16.38 23.42 -2.49
C ASP A 95 -15.67 23.48 -1.15
N GLY A 96 -14.44 22.97 -1.14
CA GLY A 96 -13.64 22.97 0.06
C GLY A 96 -13.92 21.87 1.05
N THR A 97 -14.57 20.77 0.62
CA THR A 97 -14.87 19.68 1.54
C THR A 97 -13.60 18.92 1.82
N THR A 98 -12.73 18.82 0.82
CA THR A 98 -11.45 18.14 1.02
C THR A 98 -10.60 19.03 1.92
N THR A 99 -10.56 20.32 1.59
CA THR A 99 -9.78 21.30 2.35
C THR A 99 -10.11 21.28 3.85
N ALA A 100 -11.39 21.32 4.19
CA ALA A 100 -11.83 21.31 5.58
C ALA A 100 -11.41 20.05 6.33
N VAL A 101 -11.48 18.89 5.67
CA VAL A 101 -11.09 17.65 6.32
C VAL A 101 -9.58 17.58 6.51
N VAL A 102 -8.84 17.96 5.48
CA VAL A 102 -7.39 17.95 5.51
C VAL A 102 -6.82 18.91 6.55
N ILE A 103 -7.41 20.10 6.67
CA ILE A 103 -6.95 21.07 7.67
C ILE A 103 -7.26 20.54 9.07
N ALA A 104 -8.45 19.94 9.24
CA ALA A 104 -8.84 19.41 10.54
C ALA A 104 -7.86 18.34 11.01
N GLY A 105 -7.45 17.48 10.08
CA GLY A 105 -6.50 16.44 10.44
C GLY A 105 -5.14 17.02 10.81
N GLU A 106 -4.67 17.99 10.03
CA GLU A 106 -3.39 18.61 10.29
C GLU A 106 -3.43 19.37 11.63
N LEU A 107 -4.55 19.99 11.91
CA LEU A 107 -4.75 20.73 13.14
C LEU A 107 -4.56 19.78 14.33
N LEU A 108 -5.09 18.57 14.20
CA LEU A 108 -4.97 17.57 15.27
C LEU A 108 -3.54 17.05 15.38
N ARG A 109 -2.89 16.86 14.23
CA ARG A 109 -1.52 16.38 14.22
C ARG A 109 -0.61 17.41 14.94
N LYS A 110 -0.77 18.69 14.61
CA LYS A 110 0.04 19.74 15.23
C LYS A 110 -0.25 19.90 16.71
N ALA A 111 -1.49 19.62 17.12
CA ALA A 111 -1.87 19.75 18.51
C ALA A 111 -1.29 18.63 19.38
N GLU A 112 -1.18 17.42 18.83
CA GLU A 112 -0.64 16.31 19.61
C GLU A 112 0.81 16.61 19.99
N GLU A 113 1.52 17.34 19.14
CA GLU A 113 2.90 17.69 19.46
C GLU A 113 2.91 18.47 20.77
N LEU A 114 1.90 19.33 20.96
CA LEU A 114 1.80 20.11 22.19
C LEU A 114 1.32 19.18 23.31
N LEU A 115 0.45 18.24 22.98
CA LEU A 115 -0.03 17.27 23.97
C LEU A 115 1.13 16.41 24.47
N ASP A 116 2.03 16.03 23.57
CA ASP A 116 3.18 15.23 23.96
C ASP A 116 4.13 16.03 24.84
N GLN A 117 4.07 17.35 24.70
CA GLN A 117 4.91 18.25 25.48
C GLN A 117 4.30 18.48 26.88
N ASN A 118 3.13 17.88 27.08
CA ASN A 118 2.41 17.98 28.35
C ASN A 118 1.66 19.28 28.54
N ILE A 119 1.40 19.98 27.45
CA ILE A 119 0.63 21.21 27.55
C ILE A 119 -0.82 20.77 27.69
N HIS A 120 -1.53 21.37 28.64
CA HIS A 120 -2.90 21.02 28.91
C HIS A 120 -3.82 21.30 27.73
N PRO A 121 -4.67 20.31 27.36
CA PRO A 121 -5.60 20.47 26.24
C PRO A 121 -6.46 21.73 26.32
N SER A 122 -6.78 22.18 27.53
CA SER A 122 -7.59 23.38 27.66
C SER A 122 -6.78 24.57 27.12
N ILE A 123 -5.45 24.47 27.21
CA ILE A 123 -4.59 25.52 26.70
C ILE A 123 -4.52 25.46 25.18
N ILE A 124 -4.39 24.26 24.65
CA ILE A 124 -4.32 24.07 23.21
C ILE A 124 -5.64 24.50 22.59
N THR A 125 -6.73 24.12 23.24
CA THR A 125 -8.08 24.47 22.78
C THR A 125 -8.35 25.98 22.79
N LYS A 126 -7.90 26.64 23.84
CA LYS A 126 -8.07 28.09 23.95
C LYS A 126 -7.30 28.74 22.81
N GLY A 127 -6.08 28.28 22.57
CA GLY A 127 -5.27 28.83 21.50
C GLY A 127 -5.90 28.65 20.13
N TYR A 128 -6.41 27.44 19.87
CA TYR A 128 -7.04 27.17 18.60
C TYR A 128 -8.28 28.03 18.40
N ALA A 129 -9.06 28.22 19.45
CA ALA A 129 -10.26 29.05 19.36
C ALA A 129 -9.88 30.48 19.00
N LEU A 130 -8.82 31.00 19.63
CA LEU A 130 -8.38 32.35 19.34
C LEU A 130 -7.91 32.47 17.89
N ALA A 131 -7.17 31.47 17.44
CA ALA A 131 -6.65 31.47 16.08
C ALA A 131 -7.77 31.37 15.05
N ALA A 132 -8.76 30.52 15.30
CA ALA A 132 -9.86 30.35 14.37
C ALA A 132 -10.69 31.64 14.27
N GLU A 133 -10.98 32.23 15.42
CA GLU A 133 -11.74 33.47 15.46
C GLU A 133 -10.94 34.57 14.77
N LYS A 134 -9.63 34.61 14.98
CA LYS A 134 -8.80 35.62 14.35
C LYS A 134 -8.79 35.40 12.84
N ALA A 135 -8.78 34.14 12.43
CA ALA A 135 -8.76 33.78 11.02
C ALA A 135 -10.00 34.31 10.30
N GLN A 136 -11.14 34.35 10.98
CA GLN A 136 -12.35 34.85 10.34
C GLN A 136 -12.21 36.36 10.11
N GLU A 137 -11.68 37.06 11.11
CA GLU A 137 -11.49 38.51 10.98
C GLU A 137 -10.58 38.79 9.80
N ILE A 138 -9.51 38.00 9.69
CA ILE A 138 -8.55 38.17 8.61
C ILE A 138 -9.17 37.90 7.25
N LEU A 139 -9.94 36.81 7.15
CA LEU A 139 -10.61 36.46 5.90
C LEU A 139 -11.58 37.57 5.48
N ASP A 140 -12.38 38.07 6.42
CA ASP A 140 -13.30 39.13 6.07
C ASP A 140 -12.58 40.36 5.54
N GLU A 141 -11.40 40.63 6.08
CA GLU A 141 -10.62 41.80 5.66
C GLU A 141 -9.91 41.66 4.32
N ILE A 142 -9.23 40.53 4.10
CA ILE A 142 -8.51 40.36 2.85
C ILE A 142 -9.38 40.00 1.67
N ALA A 143 -10.63 39.63 1.95
CA ALA A 143 -11.55 39.25 0.90
C ALA A 143 -11.71 40.34 -0.14
N ILE A 144 -11.72 39.94 -1.40
CA ILE A 144 -11.86 40.88 -2.50
C ILE A 144 -13.35 41.02 -2.81
N ARG A 145 -13.85 42.24 -2.63
CA ARG A 145 -15.25 42.53 -2.87
C ARG A 145 -15.48 42.78 -4.36
N VAL A 146 -16.59 42.27 -4.88
CA VAL A 146 -16.91 42.41 -6.28
C VAL A 146 -18.42 42.49 -6.53
N ASP A 147 -18.80 42.80 -7.76
CA ASP A 147 -20.21 42.88 -8.13
C ASP A 147 -20.73 41.46 -8.13
N PRO A 148 -21.73 41.17 -7.27
CA PRO A 148 -22.32 39.83 -7.16
C PRO A 148 -22.68 39.15 -8.48
N ASP A 149 -22.94 39.94 -9.51
CA ASP A 149 -23.30 39.36 -10.80
C ASP A 149 -22.28 39.60 -11.89
N ASP A 150 -21.08 40.04 -11.50
CA ASP A 150 -20.03 40.26 -12.49
C ASP A 150 -19.79 38.92 -13.18
N GLU A 151 -20.09 38.85 -14.47
CA GLU A 151 -19.94 37.61 -15.20
C GLU A 151 -18.52 37.07 -15.28
N GLU A 152 -17.55 37.95 -15.50
CA GLU A 152 -16.18 37.49 -15.61
C GLU A 152 -15.69 36.79 -14.35
N THR A 153 -15.89 37.40 -13.19
CA THR A 153 -15.44 36.79 -11.95
C THR A 153 -16.22 35.50 -11.72
N LEU A 154 -17.52 35.55 -11.99
CA LEU A 154 -18.38 34.38 -11.83
C LEU A 154 -17.82 33.20 -12.63
N LEU A 155 -17.50 33.45 -13.89
CA LEU A 155 -16.95 32.43 -14.77
C LEU A 155 -15.65 31.88 -14.20
N LYS A 156 -14.80 32.76 -13.67
CA LYS A 156 -13.53 32.36 -13.07
C LYS A 156 -13.79 31.48 -11.85
N ILE A 157 -14.77 31.87 -11.04
CA ILE A 157 -15.12 31.11 -9.85
C ILE A 157 -15.52 29.70 -10.24
N ALA A 158 -16.44 29.59 -11.20
CA ALA A 158 -16.92 28.28 -11.67
C ALA A 158 -15.81 27.44 -12.30
N ALA A 159 -15.00 28.06 -13.15
CA ALA A 159 -13.91 27.34 -13.82
C ALA A 159 -12.90 26.80 -12.80
N THR A 160 -12.52 27.63 -11.82
CA THR A 160 -11.57 27.21 -10.80
C THR A 160 -12.11 25.98 -10.10
N SER A 161 -13.41 25.97 -9.87
CA SER A 161 -14.08 24.87 -9.20
C SER A 161 -13.98 23.57 -10.00
N ILE A 162 -14.14 23.69 -11.31
CA ILE A 162 -14.09 22.53 -12.21
C ILE A 162 -12.67 22.28 -12.69
N THR A 163 -11.79 21.93 -11.77
CA THR A 163 -10.42 21.64 -12.13
C THR A 163 -9.96 20.53 -11.20
N GLY A 164 -9.23 19.56 -11.73
CA GLY A 164 -8.78 18.46 -10.90
C GLY A 164 -9.88 17.41 -10.83
N LYS A 165 -10.73 17.39 -11.85
CA LYS A 165 -11.85 16.45 -11.96
C LYS A 165 -11.88 16.01 -13.42
N ASN A 166 -12.38 14.85 -13.78
CA ASN A 166 -12.27 14.42 -15.18
C ASN A 166 -13.20 15.14 -16.16
N ALA A 167 -13.65 16.32 -15.82
CA ALA A 167 -14.45 16.99 -16.80
C ALA A 167 -13.85 18.37 -16.99
N GLU A 168 -12.60 18.53 -16.56
CA GLU A 168 -11.93 19.83 -16.67
C GLU A 168 -11.62 20.28 -18.08
N SER A 169 -11.43 19.32 -18.98
CA SER A 169 -11.15 19.65 -20.38
C SER A 169 -12.29 20.48 -20.95
N HIS A 170 -13.47 20.35 -20.36
CA HIS A 170 -14.64 21.12 -20.80
C HIS A 170 -15.03 22.14 -19.74
N LYS A 171 -14.07 22.57 -18.93
CA LYS A 171 -14.37 23.53 -17.88
C LYS A 171 -14.98 24.81 -18.42
N GLU A 172 -14.53 25.24 -19.60
CA GLU A 172 -15.05 26.47 -20.18
C GLU A 172 -16.53 26.37 -20.48
N LEU A 173 -16.93 25.26 -21.10
CA LEU A 173 -18.33 25.03 -21.42
C LEU A 173 -19.13 24.90 -20.14
N LEU A 174 -18.69 23.98 -19.27
CA LEU A 174 -19.39 23.72 -18.01
C LEU A 174 -19.50 24.96 -17.12
N ALA A 175 -18.43 25.74 -17.06
CA ALA A 175 -18.45 26.95 -16.24
C ALA A 175 -19.51 27.88 -16.83
N LYS A 176 -19.50 28.03 -18.15
CA LYS A 176 -20.47 28.88 -18.82
C LYS A 176 -21.91 28.47 -18.52
N LEU A 177 -22.17 27.16 -18.54
CA LEU A 177 -23.53 26.67 -18.27
C LEU A 177 -23.93 26.94 -16.83
N ALA A 178 -23.02 26.69 -15.90
CA ALA A 178 -23.30 26.91 -14.48
C ALA A 178 -23.59 28.38 -14.16
N VAL A 179 -22.80 29.28 -14.72
CA VAL A 179 -22.99 30.70 -14.46
C VAL A 179 -24.29 31.23 -15.08
N GLU A 180 -24.63 30.76 -16.28
CA GLU A 180 -25.87 31.21 -16.90
C GLU A 180 -27.05 30.70 -16.10
N ALA A 181 -26.99 29.43 -15.71
CA ALA A 181 -28.06 28.82 -14.93
C ALA A 181 -28.34 29.59 -13.64
N VAL A 182 -27.29 29.82 -12.84
CA VAL A 182 -27.44 30.52 -11.57
C VAL A 182 -27.96 31.95 -11.74
N LYS A 183 -27.34 32.71 -12.64
CA LYS A 183 -27.76 34.09 -12.86
C LYS A 183 -29.19 34.15 -13.36
N GLN A 184 -29.58 33.17 -14.18
CA GLN A 184 -30.94 33.15 -14.71
C GLN A 184 -31.97 32.92 -13.63
N VAL A 185 -31.68 32.03 -12.68
CA VAL A 185 -32.64 31.73 -11.63
C VAL A 185 -32.44 32.55 -10.36
N ALA A 186 -31.39 33.35 -10.32
CA ALA A 186 -31.10 34.18 -9.15
C ALA A 186 -32.22 35.19 -8.91
N GLU A 187 -32.57 35.39 -7.65
CA GLU A 187 -33.62 36.34 -7.29
C GLU A 187 -32.97 37.56 -6.62
N LYS A 188 -33.16 38.72 -7.22
CA LYS A 188 -32.60 39.96 -6.68
C LYS A 188 -33.66 40.64 -5.82
N LYS A 189 -33.49 40.52 -4.51
CA LYS A 189 -34.43 41.13 -3.56
C LYS A 189 -34.40 42.66 -3.66
N ASP A 190 -33.21 43.24 -3.53
CA ASP A 190 -33.04 44.68 -3.60
C ASP A 190 -31.67 45.04 -4.16
N GLY A 191 -30.62 44.69 -3.43
CA GLY A 191 -29.27 44.96 -3.87
C GLY A 191 -28.44 43.73 -3.60
N LYS A 192 -29.09 42.71 -3.06
CA LYS A 192 -28.45 41.45 -2.73
C LYS A 192 -29.18 40.30 -3.42
N TYR A 193 -28.42 39.35 -3.97
CA TYR A 193 -29.02 38.20 -4.64
C TYR A 193 -29.28 37.02 -3.72
N VAL A 194 -30.30 36.25 -4.05
CA VAL A 194 -30.62 35.04 -3.30
C VAL A 194 -30.84 33.96 -4.35
N VAL A 195 -30.26 32.78 -4.14
CA VAL A 195 -30.39 31.72 -5.11
C VAL A 195 -30.91 30.41 -4.56
N ASP A 196 -31.99 29.91 -5.13
CA ASP A 196 -32.56 28.64 -4.71
C ASP A 196 -32.11 27.63 -5.77
N LEU A 197 -31.15 26.79 -5.40
CA LEU A 197 -30.63 25.80 -6.33
C LEU A 197 -31.68 24.77 -6.72
N ASP A 198 -32.80 24.73 -6.02
CA ASP A 198 -33.84 23.77 -6.38
C ASP A 198 -34.47 24.20 -7.70
N ASN A 199 -34.12 25.39 -8.19
CA ASN A 199 -34.67 25.89 -9.45
C ASN A 199 -33.78 25.53 -10.64
N ILE A 200 -32.66 24.86 -10.37
CA ILE A 200 -31.76 24.45 -11.44
C ILE A 200 -31.78 22.92 -11.50
N LYS A 201 -32.34 22.38 -12.57
CA LYS A 201 -32.41 20.93 -12.72
C LYS A 201 -31.24 20.34 -13.52
N PHE A 202 -30.81 19.16 -13.12
CA PHE A 202 -29.76 18.44 -13.82
C PHE A 202 -30.39 17.16 -14.40
N GLU A 203 -30.32 17.02 -15.72
CA GLU A 203 -30.87 15.85 -16.40
C GLU A 203 -29.69 15.18 -17.09
N LYS A 204 -29.53 13.88 -16.84
CA LYS A 204 -28.42 13.11 -17.40
C LYS A 204 -28.86 12.03 -18.38
N LYS A 205 -28.14 11.93 -19.49
CA LYS A 205 -28.41 10.93 -20.51
C LYS A 205 -27.10 10.51 -21.16
N ALA A 206 -26.71 9.26 -20.94
CA ALA A 206 -25.48 8.75 -21.53
C ALA A 206 -25.62 8.85 -23.04
N GLY A 207 -24.52 9.06 -23.75
CA GLY A 207 -24.56 9.19 -25.19
C GLY A 207 -23.87 10.48 -25.58
N GLU A 208 -23.28 10.53 -26.79
CA GLU A 208 -22.56 11.72 -27.15
C GLU A 208 -21.45 11.83 -26.12
N GLY A 209 -20.87 13.03 -25.98
CA GLY A 209 -19.80 13.25 -25.02
C GLY A 209 -20.13 14.46 -24.12
N VAL A 210 -19.28 14.74 -23.14
CA VAL A 210 -19.55 15.87 -22.25
C VAL A 210 -19.71 17.21 -22.99
N GLU A 211 -19.01 17.36 -24.11
CA GLU A 211 -19.07 18.57 -24.95
C GLU A 211 -20.50 18.92 -25.35
N GLU A 212 -21.32 17.90 -25.56
CA GLU A 212 -22.70 18.13 -25.98
C GLU A 212 -23.65 18.55 -24.87
N SER A 213 -23.13 18.73 -23.66
CA SER A 213 -23.99 19.17 -22.56
C SER A 213 -24.47 20.58 -22.87
N GLU A 214 -25.65 20.94 -22.39
CA GLU A 214 -26.20 22.26 -22.68
C GLU A 214 -27.15 22.77 -21.61
N LEU A 215 -27.47 24.05 -21.73
CA LEU A 215 -28.40 24.70 -20.82
C LEU A 215 -29.68 24.93 -21.58
N VAL A 216 -30.78 24.45 -21.02
CA VAL A 216 -32.10 24.61 -21.62
C VAL A 216 -32.84 25.62 -20.76
N ARG A 217 -33.22 26.75 -21.36
CA ARG A 217 -33.95 27.78 -20.64
C ARG A 217 -35.39 27.31 -20.57
N GLY A 218 -35.60 26.28 -19.75
CA GLY A 218 -36.90 25.69 -19.60
C GLY A 218 -36.74 24.40 -18.81
N VAL A 219 -37.45 23.35 -19.19
CA VAL A 219 -37.35 22.11 -18.46
C VAL A 219 -37.25 20.90 -19.37
N VAL A 220 -36.46 19.92 -18.95
CA VAL A 220 -36.35 18.69 -19.71
C VAL A 220 -36.94 17.65 -18.77
N ILE A 221 -37.95 16.95 -19.24
CA ILE A 221 -38.63 15.95 -18.42
C ILE A 221 -38.50 14.57 -19.02
N ASP A 222 -38.13 13.60 -18.18
CA ASP A 222 -37.99 12.22 -18.62
C ASP A 222 -39.39 11.59 -18.72
N LYS A 223 -40.15 12.02 -19.71
CA LYS A 223 -41.50 11.52 -19.93
C LYS A 223 -41.81 11.45 -21.43
N GLU A 224 -42.95 10.86 -21.76
CA GLU A 224 -43.39 10.72 -23.13
C GLU A 224 -44.76 11.34 -23.26
N VAL A 225 -45.16 11.62 -24.48
CA VAL A 225 -46.48 12.15 -24.73
C VAL A 225 -47.38 10.94 -24.54
N VAL A 226 -48.38 11.06 -23.67
CA VAL A 226 -49.27 9.95 -23.33
C VAL A 226 -49.99 9.21 -24.47
N HIS A 227 -50.45 9.95 -25.47
CA HIS A 227 -51.18 9.35 -26.57
C HIS A 227 -50.43 9.51 -27.91
N PRO A 228 -50.40 8.44 -28.73
CA PRO A 228 -49.71 8.42 -30.03
C PRO A 228 -50.21 9.45 -31.04
N ARG A 229 -51.49 9.80 -30.98
CA ARG A 229 -52.09 10.76 -31.90
C ARG A 229 -51.82 12.22 -31.57
N MET A 230 -51.36 12.49 -30.35
CA MET A 230 -51.09 13.86 -29.95
C MET A 230 -49.87 14.41 -30.67
N PRO A 231 -49.78 15.74 -30.80
CA PRO A 231 -48.65 16.37 -31.49
C PRO A 231 -47.36 16.01 -30.73
N LYS A 232 -46.25 15.93 -31.45
CA LYS A 232 -44.97 15.62 -30.83
C LYS A 232 -44.16 16.90 -30.67
N ARG A 233 -44.64 17.97 -31.31
CA ARG A 233 -43.98 19.26 -31.25
C ARG A 233 -45.06 20.34 -31.32
N VAL A 234 -44.88 21.39 -30.52
CA VAL A 234 -45.83 22.51 -30.47
C VAL A 234 -45.02 23.79 -30.40
N GLU A 235 -45.15 24.63 -31.42
CA GLU A 235 -44.41 25.88 -31.50
C GLU A 235 -44.68 26.82 -30.33
N ASN A 236 -45.62 27.73 -30.46
CA ASN A 236 -45.89 28.67 -29.38
C ASN A 236 -46.86 28.09 -28.37
N ALA A 237 -46.38 27.08 -27.66
CA ALA A 237 -47.17 26.35 -26.68
C ALA A 237 -47.77 27.17 -25.55
N LYS A 238 -49.04 26.88 -25.27
CA LYS A 238 -49.76 27.51 -24.16
C LYS A 238 -49.87 26.33 -23.19
N ILE A 239 -49.02 26.36 -22.17
CA ILE A 239 -48.94 25.29 -21.19
C ILE A 239 -49.91 25.35 -20.01
N ALA A 240 -50.60 24.23 -19.81
CA ALA A 240 -51.54 24.11 -18.70
C ALA A 240 -50.90 23.16 -17.68
N LEU A 241 -51.04 23.50 -16.40
CA LEU A 241 -50.49 22.69 -15.32
C LEU A 241 -51.60 22.30 -14.34
N ILE A 242 -51.99 21.03 -14.40
CA ILE A 242 -53.04 20.48 -13.55
C ILE A 242 -52.40 19.42 -12.68
N ASN A 243 -52.68 19.43 -11.38
CA ASN A 243 -52.08 18.40 -10.55
C ASN A 243 -53.10 17.31 -10.20
N GLU A 244 -54.37 17.60 -10.42
CA GLU A 244 -55.45 16.65 -10.16
C GLU A 244 -55.56 15.68 -11.36
N ALA A 245 -55.91 14.44 -11.10
CA ALA A 245 -56.05 13.46 -12.17
C ALA A 245 -57.24 13.73 -13.10
N LEU A 246 -57.03 13.47 -14.39
CA LEU A 246 -58.10 13.63 -15.37
C LEU A 246 -58.82 12.29 -15.42
N GLU A 247 -59.61 12.02 -14.37
CA GLU A 247 -60.36 10.77 -14.26
C GLU A 247 -61.70 11.07 -13.61
N VAL A 248 -62.55 10.06 -13.51
CA VAL A 248 -63.84 10.22 -12.88
C VAL A 248 -63.57 10.46 -11.41
N LYS A 249 -63.96 11.62 -10.92
CA LYS A 249 -63.73 11.96 -9.52
C LYS A 249 -64.73 11.29 -8.58
N LYS A 250 -64.29 10.97 -7.37
CA LYS A 250 -65.14 10.35 -6.37
C LYS A 250 -65.12 11.19 -5.10
N THR A 251 -66.25 11.29 -4.42
CA THR A 251 -66.32 12.09 -3.20
C THR A 251 -65.38 11.56 -2.12
N GLU A 252 -65.05 12.41 -1.17
CA GLU A 252 -64.16 12.02 -0.08
C GLU A 252 -65.00 11.17 0.88
N THR A 253 -66.28 11.49 0.98
CA THR A 253 -67.20 10.75 1.83
C THR A 253 -67.57 9.46 1.10
N ASP A 254 -67.67 8.34 1.82
CA ASP A 254 -68.02 7.08 1.17
C ASP A 254 -69.35 7.24 0.43
N ALA A 255 -69.43 6.66 -0.75
CA ALA A 255 -70.64 6.75 -1.56
C ALA A 255 -70.81 5.54 -2.47
N LYS A 256 -72.06 5.17 -2.74
CA LYS A 256 -72.33 4.05 -3.62
C LYS A 256 -73.60 4.27 -4.38
N ILE A 257 -73.61 3.88 -5.65
CA ILE A 257 -74.79 4.03 -6.47
C ILE A 257 -75.73 2.86 -6.21
N ASN A 258 -76.99 3.19 -5.96
CA ASN A 258 -78.01 2.16 -5.73
C ASN A 258 -78.91 2.16 -6.96
N ILE A 259 -78.78 1.11 -7.75
CA ILE A 259 -79.54 0.96 -8.98
C ILE A 259 -80.86 0.25 -8.75
N THR A 260 -81.93 0.83 -9.29
CA THR A 260 -83.25 0.28 -9.13
C THR A 260 -83.99 0.06 -10.46
N SER A 261 -83.38 0.50 -11.56
CA SER A 261 -83.95 0.29 -12.89
C SER A 261 -82.85 0.16 -13.97
N PRO A 262 -83.09 -0.69 -14.97
CA PRO A 262 -82.15 -0.94 -16.07
C PRO A 262 -81.57 0.29 -16.74
N ASP A 263 -82.40 1.29 -17.02
CA ASP A 263 -81.93 2.49 -17.68
C ASP A 263 -80.84 3.26 -16.91
N GLN A 264 -80.71 2.98 -15.63
CA GLN A 264 -79.69 3.65 -14.82
C GLN A 264 -78.30 3.13 -15.13
N LEU A 265 -78.21 1.87 -15.51
CA LEU A 265 -76.91 1.29 -15.84
C LEU A 265 -76.24 2.17 -16.89
N MET A 266 -77.02 2.59 -17.88
CA MET A 266 -76.49 3.45 -18.95
C MET A 266 -76.41 4.92 -18.56
N SER A 267 -77.38 5.40 -17.78
CA SER A 267 -77.37 6.80 -17.40
C SER A 267 -76.15 7.16 -16.55
N PHE A 268 -75.77 6.30 -15.61
CA PHE A 268 -74.60 6.58 -14.79
C PHE A 268 -73.31 6.44 -15.59
N LEU A 269 -73.28 5.47 -16.50
CA LEU A 269 -72.11 5.26 -17.36
C LEU A 269 -71.91 6.52 -18.19
N GLU A 270 -73.00 7.04 -18.73
CA GLU A 270 -72.94 8.23 -19.56
C GLU A 270 -72.60 9.49 -18.76
N GLN A 271 -73.00 9.54 -17.49
CA GLN A 271 -72.70 10.70 -16.66
C GLN A 271 -71.20 10.79 -16.40
N GLU A 272 -70.57 9.65 -16.13
CA GLU A 272 -69.13 9.61 -15.90
C GLU A 272 -68.40 9.95 -17.20
N GLU A 273 -68.96 9.56 -18.34
CA GLU A 273 -68.34 9.87 -19.62
C GLU A 273 -68.40 11.37 -19.88
N LYS A 274 -69.50 11.99 -19.47
CA LYS A 274 -69.69 13.43 -19.65
C LYS A 274 -68.75 14.22 -18.74
N MET A 275 -68.57 13.74 -17.51
CA MET A 275 -67.70 14.42 -16.55
C MET A 275 -66.27 14.42 -17.09
N LEU A 276 -65.86 13.31 -17.68
CA LEU A 276 -64.53 13.17 -18.23
C LEU A 276 -64.38 14.11 -19.42
N LYS A 277 -65.39 14.11 -20.28
CA LYS A 277 -65.40 14.96 -21.46
C LYS A 277 -65.42 16.44 -21.12
N ASP A 278 -66.15 16.82 -20.07
CA ASP A 278 -66.24 18.22 -19.68
C ASP A 278 -64.87 18.75 -19.27
N MET A 279 -64.14 17.95 -18.48
CA MET A 279 -62.81 18.34 -18.04
C MET A 279 -61.95 18.69 -19.25
N VAL A 280 -61.86 17.78 -20.21
CA VAL A 280 -61.06 17.99 -21.39
C VAL A 280 -61.56 19.15 -22.24
N ASP A 281 -62.88 19.27 -22.39
CA ASP A 281 -63.42 20.37 -23.17
C ASP A 281 -63.03 21.69 -22.51
N HIS A 282 -63.04 21.70 -21.18
CA HIS A 282 -62.69 22.89 -20.42
C HIS A 282 -61.26 23.30 -20.66
N ILE A 283 -60.36 22.33 -20.62
CA ILE A 283 -58.95 22.59 -20.84
C ILE A 283 -58.81 23.18 -22.23
N ALA A 284 -59.44 22.54 -23.22
CA ALA A 284 -59.38 23.01 -24.60
C ALA A 284 -59.87 24.45 -24.73
N GLN A 285 -60.90 24.80 -23.97
CA GLN A 285 -61.48 26.14 -24.03
C GLN A 285 -60.59 27.27 -23.52
N THR A 286 -59.56 26.93 -22.75
CA THR A 286 -58.65 27.96 -22.25
C THR A 286 -57.69 28.34 -23.39
N GLY A 287 -57.52 27.44 -24.35
CA GLY A 287 -56.63 27.70 -25.47
C GLY A 287 -55.36 26.87 -25.34
N ALA A 288 -55.20 26.21 -24.20
CA ALA A 288 -54.03 25.38 -23.94
C ALA A 288 -53.88 24.30 -24.99
N ASN A 289 -52.64 24.09 -25.44
CA ASN A 289 -52.37 23.05 -26.43
C ASN A 289 -51.32 22.08 -25.92
N VAL A 290 -50.94 22.26 -24.65
CA VAL A 290 -49.98 21.38 -23.99
C VAL A 290 -50.41 21.33 -22.53
N VAL A 291 -50.51 20.13 -21.97
CA VAL A 291 -50.93 20.00 -20.60
C VAL A 291 -50.11 18.98 -19.83
N PHE A 292 -49.61 19.40 -18.66
CA PHE A 292 -48.86 18.51 -17.79
C PHE A 292 -49.76 18.17 -16.60
N VAL A 293 -50.01 16.89 -16.42
CA VAL A 293 -50.85 16.43 -15.33
C VAL A 293 -49.98 15.66 -14.34
N GLN A 294 -50.06 16.05 -13.07
CA GLN A 294 -49.27 15.40 -12.05
C GLN A 294 -49.71 13.98 -11.73
N LYS A 295 -51.01 13.72 -11.86
CA LYS A 295 -51.54 12.39 -11.58
C LYS A 295 -51.80 11.70 -12.91
N GLY A 296 -52.77 10.78 -12.94
CA GLY A 296 -53.05 10.07 -14.17
C GLY A 296 -54.00 10.77 -15.13
N ILE A 297 -54.21 10.14 -16.28
CA ILE A 297 -55.11 10.64 -17.32
C ILE A 297 -55.83 9.43 -17.91
N ASP A 298 -57.12 9.32 -17.61
CA ASP A 298 -57.96 8.22 -18.09
C ASP A 298 -57.85 8.12 -19.62
N ASP A 299 -57.93 6.90 -20.16
CA ASP A 299 -57.84 6.70 -21.61
C ASP A 299 -58.84 7.56 -22.38
N LEU A 300 -60.06 7.66 -21.89
CA LEU A 300 -61.06 8.45 -22.57
C LEU A 300 -60.62 9.90 -22.67
N ALA A 301 -60.05 10.42 -21.58
CA ALA A 301 -59.58 11.80 -21.55
C ALA A 301 -58.47 11.94 -22.59
N GLN A 302 -57.58 10.97 -22.64
CA GLN A 302 -56.46 10.98 -23.57
C GLN A 302 -56.97 11.09 -25.01
N HIS A 303 -57.99 10.31 -25.31
CA HIS A 303 -58.59 10.29 -26.64
C HIS A 303 -59.11 11.67 -27.01
N TYR A 304 -59.83 12.31 -26.09
CA TYR A 304 -60.35 13.65 -26.37
C TYR A 304 -59.22 14.67 -26.50
N LEU A 305 -58.23 14.59 -25.63
CA LEU A 305 -57.09 15.51 -25.72
C LEU A 305 -56.48 15.37 -27.11
N ALA A 306 -56.26 14.13 -27.52
CA ALA A 306 -55.69 13.84 -28.82
C ALA A 306 -56.60 14.35 -29.94
N LYS A 307 -57.90 14.22 -29.73
CA LYS A 307 -58.88 14.65 -30.72
C LYS A 307 -58.82 16.17 -30.87
N TYR A 308 -58.48 16.86 -29.78
CA TYR A 308 -58.38 18.32 -29.79
C TYR A 308 -57.02 18.81 -30.26
N GLY A 309 -56.10 17.90 -30.54
CA GLY A 309 -54.77 18.30 -30.97
C GLY A 309 -53.95 18.84 -29.82
N ILE A 310 -54.28 18.42 -28.60
CA ILE A 310 -53.57 18.84 -27.40
C ILE A 310 -52.56 17.79 -26.94
N MET A 311 -51.33 18.22 -26.70
CA MET A 311 -50.27 17.32 -26.25
C MET A 311 -50.37 17.19 -24.72
N ALA A 312 -50.45 15.96 -24.23
CA ALA A 312 -50.55 15.74 -22.78
C ALA A 312 -49.54 14.74 -22.22
N VAL A 313 -49.14 14.97 -20.98
CA VAL A 313 -48.19 14.12 -20.27
C VAL A 313 -48.76 13.83 -18.87
N ARG A 314 -48.77 12.57 -18.47
CA ARG A 314 -49.31 12.22 -17.17
C ARG A 314 -48.23 11.83 -16.17
N ARG A 315 -48.65 11.64 -14.91
CA ARG A 315 -47.75 11.23 -13.84
C ARG A 315 -46.45 12.05 -13.76
N VAL A 316 -46.57 13.36 -13.92
CA VAL A 316 -45.40 14.24 -13.84
C VAL A 316 -45.02 14.48 -12.39
N LYS A 317 -43.74 14.28 -12.06
CA LYS A 317 -43.24 14.48 -10.71
C LYS A 317 -43.56 15.88 -10.20
N LYS A 318 -43.95 15.97 -8.93
CA LYS A 318 -44.29 17.25 -8.34
C LYS A 318 -43.18 18.30 -8.53
N SER A 319 -41.93 17.92 -8.28
CA SER A 319 -40.82 18.87 -8.44
C SER A 319 -40.70 19.39 -9.87
N ASP A 320 -41.07 18.56 -10.85
CA ASP A 320 -41.03 18.97 -12.26
C ASP A 320 -42.19 19.94 -12.56
N MET A 321 -43.34 19.72 -11.91
CA MET A 321 -44.49 20.59 -12.10
C MET A 321 -44.09 21.99 -11.65
N GLU A 322 -43.42 22.06 -10.51
CA GLU A 322 -42.98 23.33 -9.95
C GLU A 322 -41.95 24.03 -10.82
N LYS A 323 -41.03 23.26 -11.42
CA LYS A 323 -40.04 23.86 -12.31
C LYS A 323 -40.76 24.33 -13.56
N LEU A 324 -41.74 23.56 -14.03
CA LEU A 324 -42.49 23.96 -15.23
C LEU A 324 -43.18 25.31 -15.01
N ALA A 325 -43.77 25.49 -13.83
CA ALA A 325 -44.46 26.73 -13.49
C ALA A 325 -43.47 27.90 -13.51
N LYS A 326 -42.33 27.72 -12.84
CA LYS A 326 -41.32 28.77 -12.79
C LYS A 326 -40.70 29.10 -14.13
N ALA A 327 -40.62 28.11 -15.02
CA ALA A 327 -40.02 28.34 -16.33
C ALA A 327 -40.98 28.96 -17.34
N THR A 328 -42.19 28.40 -17.44
CA THR A 328 -43.18 28.85 -18.40
C THR A 328 -44.03 30.03 -17.94
N GLY A 329 -44.21 30.15 -16.63
CA GLY A 329 -45.01 31.24 -16.10
C GLY A 329 -46.42 30.77 -15.78
N ALA A 330 -46.70 29.50 -16.10
CA ALA A 330 -48.02 28.94 -15.83
C ALA A 330 -48.19 28.76 -14.33
N LYS A 331 -49.44 28.74 -13.88
CA LYS A 331 -49.74 28.56 -12.48
C LYS A 331 -50.36 27.19 -12.30
N ILE A 332 -49.84 26.42 -11.34
CA ILE A 332 -50.37 25.08 -11.10
C ILE A 332 -51.80 25.22 -10.58
N VAL A 333 -52.74 24.56 -11.25
CA VAL A 333 -54.13 24.59 -10.81
C VAL A 333 -54.44 23.20 -10.26
N THR A 334 -55.17 23.15 -9.15
CA THR A 334 -55.51 21.88 -8.55
C THR A 334 -56.65 21.19 -9.29
N ASN A 335 -57.73 21.93 -9.53
CA ASN A 335 -58.88 21.35 -10.21
C ASN A 335 -59.01 21.89 -11.63
N VAL A 336 -59.15 20.99 -12.61
CA VAL A 336 -59.27 21.39 -14.00
C VAL A 336 -60.27 22.52 -14.18
N LYS A 337 -61.36 22.46 -13.42
CA LYS A 337 -62.42 23.47 -13.52
C LYS A 337 -61.98 24.89 -13.13
N ASP A 338 -60.87 25.01 -12.40
CA ASP A 338 -60.39 26.33 -12.00
C ASP A 338 -59.42 26.89 -13.04
N LEU A 339 -58.99 26.03 -13.98
CA LEU A 339 -58.05 26.45 -15.01
C LEU A 339 -58.61 27.55 -15.90
N THR A 340 -57.88 28.65 -15.98
CA THR A 340 -58.29 29.78 -16.82
C THR A 340 -57.13 30.12 -17.74
N PRO A 341 -57.38 30.92 -18.80
CA PRO A 341 -56.31 31.28 -19.73
C PRO A 341 -55.17 32.04 -19.03
N GLU A 342 -55.50 32.74 -17.96
CA GLU A 342 -54.49 33.51 -17.22
C GLU A 342 -53.54 32.57 -16.48
N ASP A 343 -53.91 31.30 -16.41
CA ASP A 343 -53.10 30.30 -15.72
C ASP A 343 -52.10 29.64 -16.65
N LEU A 344 -52.31 29.83 -17.95
CA LEU A 344 -51.44 29.22 -18.95
C LEU A 344 -50.04 29.80 -18.99
N GLY A 345 -49.06 28.94 -19.25
CA GLY A 345 -47.68 29.38 -19.34
C GLY A 345 -47.25 29.40 -20.79
N TYR A 346 -46.02 29.84 -21.05
CA TYR A 346 -45.53 29.90 -22.41
C TYR A 346 -44.18 29.23 -22.64
N ALA A 347 -44.00 28.70 -23.83
CA ALA A 347 -42.74 28.07 -24.22
C ALA A 347 -42.62 28.19 -25.74
N GLU A 348 -41.45 28.58 -26.19
CA GLU A 348 -41.22 28.74 -27.61
C GLU A 348 -41.38 27.41 -28.34
N VAL A 349 -41.01 26.33 -27.66
CA VAL A 349 -41.12 24.99 -28.24
C VAL A 349 -41.27 23.92 -27.16
N VAL A 350 -42.24 23.03 -27.36
CA VAL A 350 -42.44 21.90 -26.46
C VAL A 350 -42.34 20.73 -27.43
N GLU A 351 -41.40 19.83 -27.20
CA GLU A 351 -41.24 18.73 -28.13
C GLU A 351 -40.71 17.47 -27.51
N GLU A 352 -41.20 16.34 -28.00
CA GLU A 352 -40.75 15.05 -27.54
C GLU A 352 -39.60 14.62 -28.46
N ARG A 353 -38.43 14.40 -27.89
CA ARG A 353 -37.26 13.97 -28.65
C ARG A 353 -36.67 12.75 -27.99
N LYS A 354 -35.86 12.01 -28.75
CA LYS A 354 -35.21 10.82 -28.22
C LYS A 354 -33.74 11.05 -27.91
N LEU A 355 -33.31 10.62 -26.74
CA LEU A 355 -31.92 10.72 -26.34
C LEU A 355 -31.52 9.31 -25.95
N ALA A 356 -30.49 8.78 -26.60
CA ALA A 356 -30.05 7.42 -26.30
C ALA A 356 -31.27 6.52 -26.54
N GLY A 357 -31.98 6.79 -27.62
CA GLY A 357 -33.17 6.02 -27.96
C GLY A 357 -34.29 6.07 -26.94
N GLU A 358 -34.28 7.08 -26.06
CA GLU A 358 -35.31 7.22 -25.02
C GLU A 358 -36.09 8.53 -25.17
N ASN A 359 -37.40 8.43 -25.32
CA ASN A 359 -38.24 9.63 -25.47
C ASN A 359 -38.21 10.52 -24.24
N MET A 360 -38.12 11.82 -24.48
CA MET A 360 -38.12 12.80 -23.42
C MET A 360 -38.83 14.04 -23.90
N ILE A 361 -39.21 14.90 -22.98
CA ILE A 361 -39.91 16.11 -23.35
C ILE A 361 -39.13 17.37 -23.01
N PHE A 362 -38.98 18.22 -24.03
CA PHE A 362 -38.26 19.48 -23.89
C PHE A 362 -39.22 20.65 -23.89
N VAL A 363 -39.07 21.53 -22.91
CA VAL A 363 -39.88 22.74 -22.82
C VAL A 363 -38.81 23.82 -22.86
N GLU A 364 -38.57 24.34 -24.06
CA GLU A 364 -37.53 25.32 -24.27
C GLU A 364 -37.97 26.67 -24.84
N GLY A 365 -37.08 27.64 -24.73
CA GLY A 365 -37.37 28.97 -25.24
C GLY A 365 -38.36 29.73 -24.39
N CYS A 366 -38.35 29.49 -23.08
CA CYS A 366 -39.25 30.20 -22.19
C CYS A 366 -38.75 31.64 -22.10
N LYS A 367 -39.66 32.57 -21.81
CA LYS A 367 -39.35 33.98 -21.72
C LYS A 367 -38.28 34.31 -20.68
N ASN A 368 -38.68 34.48 -19.43
CA ASN A 368 -37.70 34.79 -18.39
C ASN A 368 -37.88 33.71 -17.34
N PRO A 369 -37.45 32.48 -17.67
CA PRO A 369 -37.56 31.32 -16.78
C PRO A 369 -36.95 31.52 -15.40
N LYS A 370 -37.70 31.11 -14.38
CA LYS A 370 -37.25 31.20 -13.00
C LYS A 370 -36.67 29.86 -12.56
N ALA A 371 -36.76 28.90 -13.47
CA ALA A 371 -36.24 27.55 -13.26
C ALA A 371 -35.53 27.23 -14.56
N VAL A 372 -34.48 26.44 -14.48
CA VAL A 372 -33.74 26.13 -15.68
C VAL A 372 -33.20 24.70 -15.63
N THR A 373 -32.82 24.17 -16.79
CA THR A 373 -32.29 22.82 -16.86
C THR A 373 -30.96 22.68 -17.57
N ILE A 374 -30.02 21.97 -16.95
CA ILE A 374 -28.74 21.72 -17.56
C ILE A 374 -28.77 20.25 -17.98
N LEU A 375 -28.74 20.01 -19.30
CA LEU A 375 -28.78 18.67 -19.84
C LEU A 375 -27.34 18.18 -19.91
N ILE A 376 -27.06 17.08 -19.25
CA ILE A 376 -25.72 16.52 -19.25
C ILE A 376 -25.62 15.31 -20.16
N ARG A 377 -24.61 15.31 -21.03
CA ARG A 377 -24.39 14.19 -21.93
C ARG A 377 -23.00 13.66 -21.59
N GLY A 378 -22.68 12.45 -22.05
CA GLY A 378 -21.38 11.89 -21.77
C GLY A 378 -21.26 10.47 -22.30
N GLY A 379 -20.03 10.05 -22.54
CA GLY A 379 -19.80 8.72 -23.09
C GLY A 379 -20.23 7.53 -22.25
N THR A 380 -20.48 7.73 -20.96
CA THR A 380 -20.85 6.63 -20.08
C THR A 380 -21.66 7.12 -18.87
N GLU A 381 -22.34 6.22 -18.19
CA GLU A 381 -23.14 6.62 -17.03
C GLU A 381 -22.29 7.17 -15.90
N HIS A 382 -21.15 6.54 -15.65
CA HIS A 382 -20.28 7.01 -14.57
C HIS A 382 -19.74 8.40 -14.88
N VAL A 383 -19.33 8.62 -16.12
CA VAL A 383 -18.79 9.89 -16.55
C VAL A 383 -19.82 11.00 -16.36
N ILE A 384 -21.07 10.67 -16.60
CA ILE A 384 -22.13 11.64 -16.47
C ILE A 384 -22.50 11.92 -15.02
N ASP A 385 -22.33 10.93 -14.15
CA ASP A 385 -22.65 11.14 -12.73
C ASP A 385 -21.61 12.07 -12.13
N GLU A 386 -20.37 11.97 -12.62
CA GLU A 386 -19.28 12.78 -12.10
C GLU A 386 -19.35 14.21 -12.62
N VAL A 387 -19.91 14.38 -13.82
CA VAL A 387 -20.04 15.72 -14.38
C VAL A 387 -21.13 16.44 -13.56
N GLU A 388 -22.19 15.72 -13.22
CA GLU A 388 -23.26 16.31 -12.42
C GLU A 388 -22.70 16.78 -11.09
N ARG A 389 -21.79 16.00 -10.51
CA ARG A 389 -21.20 16.37 -9.24
C ARG A 389 -20.31 17.61 -9.40
N ALA A 390 -19.59 17.67 -10.50
CA ALA A 390 -18.73 18.81 -10.79
C ALA A 390 -19.59 20.05 -11.00
N LEU A 391 -20.77 19.85 -11.60
CA LEU A 391 -21.69 20.95 -11.84
C LEU A 391 -22.37 21.37 -10.55
N GLU A 392 -22.64 20.40 -9.68
CA GLU A 392 -23.27 20.71 -8.41
C GLU A 392 -22.38 21.66 -7.63
N ASP A 393 -21.06 21.46 -7.70
CA ASP A 393 -20.14 22.33 -6.99
C ASP A 393 -20.01 23.67 -7.69
N ALA A 394 -19.91 23.65 -9.01
CA ALA A 394 -19.77 24.88 -9.79
C ALA A 394 -20.92 25.80 -9.48
N VAL A 395 -22.12 25.24 -9.52
CA VAL A 395 -23.32 26.00 -9.26
C VAL A 395 -23.35 26.56 -7.83
N LYS A 396 -22.83 25.81 -6.85
CA LYS A 396 -22.84 26.30 -5.48
C LYS A 396 -21.85 27.44 -5.25
N VAL A 397 -20.66 27.35 -5.85
CA VAL A 397 -19.68 28.41 -5.66
C VAL A 397 -20.11 29.67 -6.38
N VAL A 398 -20.84 29.52 -7.47
CA VAL A 398 -21.30 30.70 -8.19
C VAL A 398 -22.36 31.34 -7.31
N LYS A 399 -23.20 30.51 -6.72
CA LYS A 399 -24.23 31.00 -5.82
C LYS A 399 -23.57 31.72 -4.64
N ASP A 400 -22.50 31.13 -4.10
CA ASP A 400 -21.81 31.73 -2.96
C ASP A 400 -21.44 33.18 -3.23
N VAL A 401 -20.84 33.41 -4.40
CA VAL A 401 -20.40 34.74 -4.79
C VAL A 401 -21.54 35.70 -5.09
N MET A 402 -22.65 35.20 -5.60
CA MET A 402 -23.77 36.08 -5.89
C MET A 402 -24.49 36.51 -4.60
N GLU A 403 -24.35 35.72 -3.54
CA GLU A 403 -24.98 36.04 -2.26
C GLU A 403 -23.99 36.75 -1.36
N ASP A 404 -22.71 36.52 -1.61
CA ASP A 404 -21.62 37.15 -0.85
C ASP A 404 -20.76 37.72 -1.97
N GLY A 405 -20.85 39.02 -2.22
CA GLY A 405 -20.03 39.57 -3.28
C GLY A 405 -18.58 39.63 -2.86
N ALA A 406 -18.01 38.46 -2.52
CA ALA A 406 -16.64 38.36 -2.05
C ALA A 406 -15.93 37.11 -2.55
N VAL A 407 -14.65 37.25 -2.88
CA VAL A 407 -13.86 36.13 -3.37
C VAL A 407 -12.45 36.18 -2.79
N LEU A 408 -11.65 35.16 -3.07
CA LEU A 408 -10.28 35.10 -2.59
C LEU A 408 -9.40 34.42 -3.62
N PRO A 409 -8.09 34.68 -3.58
CA PRO A 409 -7.26 33.99 -4.57
C PRO A 409 -7.29 32.53 -4.14
N ALA A 410 -6.94 31.62 -5.04
CA ALA A 410 -6.94 30.21 -4.69
C ALA A 410 -5.47 29.73 -4.62
N GLY A 411 -5.25 28.47 -4.97
CA GLY A 411 -3.90 27.91 -4.97
C GLY A 411 -3.15 27.97 -3.65
N GLY A 412 -3.88 28.00 -2.55
CA GLY A 412 -3.21 28.04 -1.25
C GLY A 412 -2.80 29.45 -0.81
N ALA A 413 -3.11 30.44 -1.63
CA ALA A 413 -2.75 31.82 -1.28
C ALA A 413 -3.40 32.26 0.03
N PRO A 414 -4.70 31.96 0.22
CA PRO A 414 -5.37 32.36 1.46
C PRO A 414 -4.80 31.70 2.71
N GLU A 415 -4.57 30.40 2.65
CA GLU A 415 -4.02 29.74 3.84
C GLU A 415 -2.62 30.25 4.15
N ILE A 416 -1.86 30.62 3.13
CA ILE A 416 -0.53 31.15 3.34
C ILE A 416 -0.66 32.51 4.02
N GLU A 417 -1.59 33.32 3.52
CA GLU A 417 -1.83 34.65 4.09
C GLU A 417 -2.22 34.49 5.56
N LEU A 418 -2.99 33.45 5.86
CA LEU A 418 -3.42 33.19 7.23
C LEU A 418 -2.30 32.69 8.12
N ALA A 419 -1.44 31.83 7.58
CA ALA A 419 -0.31 31.29 8.31
C ALA A 419 0.65 32.42 8.71
N ILE A 420 0.97 33.27 7.75
CA ILE A 420 1.87 34.40 8.02
C ILE A 420 1.28 35.32 9.08
N ARG A 421 0.03 35.74 8.89
CA ARG A 421 -0.62 36.64 9.84
C ARG A 421 -0.92 36.06 11.21
N LEU A 422 -1.39 34.81 11.25
CA LEU A 422 -1.71 34.18 12.52
C LEU A 422 -0.43 33.95 13.33
N ASP A 423 0.67 33.72 12.62
CA ASP A 423 1.94 33.52 13.31
C ASP A 423 2.30 34.85 14.00
N GLU A 424 1.96 35.97 13.37
CA GLU A 424 2.21 37.28 13.93
C GLU A 424 1.27 37.56 15.09
N TYR A 425 0.03 37.10 14.97
CA TYR A 425 -0.96 37.29 16.02
C TYR A 425 -0.55 36.51 17.26
N ALA A 426 0.07 35.36 17.07
CA ALA A 426 0.52 34.55 18.20
C ALA A 426 1.48 35.37 19.05
N LYS A 427 2.35 36.13 18.39
CA LYS A 427 3.32 36.96 19.10
C LYS A 427 2.64 38.00 19.99
N GLN A 428 1.53 38.56 19.55
CA GLN A 428 0.89 39.56 20.39
C GLN A 428 0.07 38.95 21.53
N VAL A 429 -0.18 37.65 21.44
CA VAL A 429 -0.93 36.95 22.48
C VAL A 429 0.02 36.43 23.57
N GLY A 430 1.08 35.75 23.14
CA GLY A 430 2.09 35.24 24.06
C GLY A 430 1.73 34.02 24.89
N GLY A 431 2.72 33.50 25.61
CA GLY A 431 2.51 32.34 26.46
C GLY A 431 2.24 31.03 25.74
N LYS A 432 1.70 30.06 26.47
CA LYS A 432 1.41 28.76 25.90
C LYS A 432 0.32 28.86 24.80
N GLU A 433 -0.59 29.82 24.93
CA GLU A 433 -1.64 29.99 23.93
C GLU A 433 -0.99 30.29 22.59
N ALA A 434 0.06 31.10 22.63
CA ALA A 434 0.80 31.48 21.43
C ALA A 434 1.34 30.24 20.73
N LEU A 435 1.77 29.25 21.50
CA LEU A 435 2.29 28.00 20.93
C LEU A 435 1.20 27.36 20.09
N ALA A 436 0.01 27.27 20.67
CA ALA A 436 -1.13 26.69 20.00
C ALA A 436 -1.49 27.48 18.74
N ILE A 437 -1.44 28.82 18.84
CA ILE A 437 -1.76 29.65 17.71
C ILE A 437 -0.75 29.48 16.58
N GLU A 438 0.52 29.31 16.94
CA GLU A 438 1.56 29.11 15.91
C GLU A 438 1.34 27.78 15.20
N ASN A 439 0.97 26.75 15.97
CA ASN A 439 0.72 25.43 15.40
C ASN A 439 -0.50 25.44 14.49
N PHE A 440 -1.51 26.21 14.88
CA PHE A 440 -2.74 26.34 14.09
C PHE A 440 -2.36 26.95 12.75
N ALA A 441 -1.51 27.97 12.81
CA ALA A 441 -1.03 28.68 11.64
C ALA A 441 -0.23 27.75 10.74
N ASP A 442 0.70 27.03 11.35
CA ASP A 442 1.55 26.08 10.62
C ASP A 442 0.67 25.01 9.97
N ALA A 443 -0.38 24.61 10.69
CA ALA A 443 -1.30 23.61 10.19
C ALA A 443 -1.95 24.01 8.87
N LEU A 444 -2.32 25.29 8.75
CA LEU A 444 -2.98 25.77 7.55
C LEU A 444 -2.16 25.59 6.28
N LYS A 445 -0.88 25.28 6.43
CA LYS A 445 -0.02 25.10 5.29
C LYS A 445 -0.18 23.74 4.59
N ILE A 446 -0.91 22.80 5.19
CA ILE A 446 -1.06 21.53 4.47
C ILE A 446 -1.73 21.73 3.12
N ILE A 447 -2.49 22.82 2.96
CA ILE A 447 -3.14 23.05 1.68
C ILE A 447 -2.10 23.27 0.58
N PRO A 448 -1.31 24.36 0.67
CA PRO A 448 -0.29 24.61 -0.36
C PRO A 448 0.62 23.38 -0.48
N LYS A 449 0.99 22.81 0.67
CA LYS A 449 1.86 21.63 0.71
C LYS A 449 1.28 20.46 -0.07
N THR A 450 0.01 20.15 0.17
CA THR A 450 -0.61 19.02 -0.51
C THR A 450 -0.87 19.33 -1.98
N LEU A 451 -1.10 20.61 -2.30
CA LEU A 451 -1.32 20.97 -3.69
C LEU A 451 -0.04 20.61 -4.44
N ALA A 452 1.09 21.02 -3.88
CA ALA A 452 2.38 20.75 -4.48
C ALA A 452 2.66 19.27 -4.47
N GLU A 453 2.38 18.62 -3.35
CA GLU A 453 2.61 17.19 -3.21
C GLU A 453 1.91 16.39 -4.29
N ASN A 454 0.60 16.54 -4.42
CA ASN A 454 -0.15 15.81 -5.44
C ASN A 454 0.41 16.04 -6.84
N ALA A 455 1.04 17.21 -7.04
CA ALA A 455 1.59 17.56 -8.34
C ALA A 455 2.98 16.96 -8.55
N GLY A 456 3.49 16.29 -7.53
CA GLY A 456 4.81 15.68 -7.62
C GLY A 456 5.97 16.65 -7.42
N LEU A 457 5.68 17.87 -6.98
CA LEU A 457 6.74 18.85 -6.75
C LEU A 457 7.38 18.70 -5.37
N ASP A 458 8.60 19.21 -5.23
CA ASP A 458 9.31 19.17 -3.96
C ASP A 458 8.52 20.05 -3.00
N THR A 459 7.94 19.43 -1.98
CA THR A 459 7.12 20.18 -1.04
C THR A 459 7.86 21.19 -0.16
N VAL A 460 9.04 20.81 0.33
CA VAL A 460 9.81 21.71 1.19
C VAL A 460 10.22 22.99 0.47
N GLU A 461 10.71 22.84 -0.76
CA GLU A 461 11.15 23.97 -1.56
C GLU A 461 9.99 24.85 -2.00
N MET A 462 8.93 24.22 -2.50
CA MET A 462 7.77 24.98 -2.92
C MET A 462 7.26 25.87 -1.79
N LEU A 463 7.27 25.35 -0.58
CA LEU A 463 6.81 26.14 0.56
C LEU A 463 7.71 27.35 0.80
N VAL A 464 9.02 27.13 0.83
CA VAL A 464 9.96 28.22 1.04
C VAL A 464 9.72 29.33 0.03
N LYS A 465 9.67 28.95 -1.26
CA LYS A 465 9.47 29.92 -2.32
C LYS A 465 8.13 30.65 -2.27
N VAL A 466 7.03 29.92 -2.07
CA VAL A 466 5.72 30.53 -2.05
C VAL A 466 5.51 31.49 -0.89
N ILE A 467 5.95 31.11 0.31
CA ILE A 467 5.79 31.98 1.47
C ILE A 467 6.61 33.26 1.29
N SER A 468 7.81 33.10 0.76
CA SER A 468 8.73 34.21 0.53
C SER A 468 8.19 35.19 -0.50
N GLU A 469 7.74 34.65 -1.63
CA GLU A 469 7.19 35.46 -2.70
C GLU A 469 5.90 36.13 -2.20
N HIS A 470 5.09 35.38 -1.47
CA HIS A 470 3.83 35.90 -0.94
C HIS A 470 4.12 37.10 -0.05
N LYS A 471 5.16 36.99 0.77
CA LYS A 471 5.52 38.09 1.67
C LYS A 471 5.97 39.30 0.84
N ASN A 472 6.59 39.05 -0.30
CA ASN A 472 7.04 40.14 -1.14
C ASN A 472 6.00 40.73 -2.09
N ARG A 473 5.14 39.89 -2.65
CA ARG A 473 4.14 40.37 -3.61
C ARG A 473 2.68 40.49 -3.15
N GLY A 474 2.34 39.97 -1.98
CA GLY A 474 0.98 40.10 -1.50
C GLY A 474 0.01 38.94 -1.57
N LEU A 475 -1.19 39.19 -1.08
CA LEU A 475 -2.30 38.25 -1.02
C LEU A 475 -2.48 37.23 -2.14
N GLY A 476 -2.43 37.70 -3.38
CA GLY A 476 -2.65 36.81 -4.51
C GLY A 476 -1.63 35.71 -4.78
N ILE A 477 -0.46 35.77 -4.15
CA ILE A 477 0.56 34.75 -4.39
C ILE A 477 0.25 33.37 -3.81
N GLY A 478 0.17 32.39 -4.70
CA GLY A 478 -0.11 31.02 -4.30
C GLY A 478 0.76 30.07 -5.11
N ILE A 479 0.42 28.79 -5.10
CA ILE A 479 1.20 27.81 -5.86
C ILE A 479 0.57 27.45 -7.20
N ASP A 480 1.40 27.48 -8.24
CA ASP A 480 0.95 27.10 -9.57
C ASP A 480 1.47 25.68 -9.74
N VAL A 481 0.58 24.70 -9.59
CA VAL A 481 0.96 23.30 -9.70
C VAL A 481 1.31 22.86 -11.12
N PHE A 482 0.85 23.62 -12.11
CA PHE A 482 1.14 23.28 -13.50
C PHE A 482 2.54 23.72 -13.88
N GLU A 483 2.92 24.93 -13.48
CA GLU A 483 4.23 25.47 -13.78
C GLU A 483 5.22 25.16 -12.65
N GLY A 484 4.71 24.59 -11.56
CA GLY A 484 5.57 24.24 -10.45
C GLY A 484 6.33 25.40 -9.83
N LYS A 485 5.62 26.47 -9.47
CA LYS A 485 6.24 27.64 -8.86
C LYS A 485 5.19 28.64 -8.39
N PRO A 486 5.59 29.62 -7.57
CA PRO A 486 4.67 30.63 -7.07
C PRO A 486 4.12 31.47 -8.23
N ALA A 487 2.91 31.99 -8.06
CA ALA A 487 2.28 32.80 -9.09
C ALA A 487 1.16 33.63 -8.49
N ASP A 488 0.80 34.70 -9.19
CA ASP A 488 -0.28 35.56 -8.71
C ASP A 488 -1.59 34.94 -9.16
N MET A 489 -2.29 34.30 -8.23
CA MET A 489 -3.57 33.66 -8.52
C MET A 489 -4.60 34.65 -9.02
N LEU A 490 -4.58 35.86 -8.48
CA LEU A 490 -5.53 36.89 -8.89
C LEU A 490 -5.33 37.20 -10.37
N GLU A 491 -4.08 37.36 -10.79
CA GLU A 491 -3.80 37.64 -12.19
C GLU A 491 -4.19 36.45 -13.06
N LYS A 492 -4.01 35.25 -12.52
CA LYS A 492 -4.33 34.04 -13.26
C LYS A 492 -5.83 33.72 -13.28
N GLY A 493 -6.63 34.52 -12.58
CA GLY A 493 -8.06 34.27 -12.56
C GLY A 493 -8.42 33.00 -11.80
N ILE A 494 -7.53 32.58 -10.89
CA ILE A 494 -7.74 31.40 -10.08
C ILE A 494 -8.28 31.85 -8.72
N ILE A 495 -9.60 31.92 -8.61
CA ILE A 495 -10.22 32.39 -7.38
C ILE A 495 -11.32 31.48 -6.85
N GLU A 496 -11.68 31.70 -5.59
CA GLU A 496 -12.72 30.91 -4.94
C GLU A 496 -13.60 31.81 -4.08
N PRO A 497 -14.82 31.36 -3.76
CA PRO A 497 -15.72 32.16 -2.93
C PRO A 497 -15.13 32.36 -1.54
N LEU A 498 -15.43 33.49 -0.92
CA LEU A 498 -14.92 33.80 0.42
C LEU A 498 -15.44 32.74 1.38
N ARG A 499 -16.71 32.36 1.17
CA ARG A 499 -17.40 31.41 2.01
C ARG A 499 -16.71 30.06 2.14
N VAL A 500 -16.03 29.61 1.09
CA VAL A 500 -15.36 28.32 1.17
C VAL A 500 -14.34 28.30 2.30
N LYS A 501 -13.46 29.30 2.35
CA LYS A 501 -12.45 29.38 3.40
C LYS A 501 -13.08 29.60 4.77
N LYS A 502 -14.08 30.47 4.85
CA LYS A 502 -14.73 30.77 6.11
C LYS A 502 -15.36 29.54 6.75
N GLN A 503 -16.16 28.81 5.99
CA GLN A 503 -16.80 27.62 6.54
C GLN A 503 -15.78 26.52 6.82
N ALA A 504 -14.81 26.40 5.93
CA ALA A 504 -13.77 25.38 6.07
C ALA A 504 -13.07 25.46 7.42
N ILE A 505 -12.64 26.67 7.78
CA ILE A 505 -11.94 26.89 9.04
C ILE A 505 -12.87 26.71 10.24
N LYS A 506 -14.12 27.15 10.10
CA LYS A 506 -15.06 27.00 11.19
C LYS A 506 -15.30 25.52 11.50
N SER A 507 -15.60 24.72 10.48
CA SER A 507 -15.85 23.30 10.70
C SER A 507 -14.60 22.57 11.15
N ALA A 508 -13.49 22.81 10.47
CA ALA A 508 -12.23 22.14 10.82
C ALA A 508 -11.86 22.43 12.27
N SER A 509 -11.95 23.70 12.64
CA SER A 509 -11.60 24.17 13.99
C SER A 509 -12.46 23.62 15.11
N GLU A 510 -13.76 23.84 15.02
CA GLU A 510 -14.66 23.38 16.07
C GLU A 510 -14.62 21.86 16.24
N ALA A 511 -14.32 21.15 15.16
CA ALA A 511 -14.24 19.69 15.23
C ALA A 511 -12.92 19.26 15.88
N ALA A 512 -11.84 19.97 15.54
CA ALA A 512 -10.54 19.66 16.11
C ALA A 512 -10.59 19.95 17.60
N ILE A 513 -11.18 21.07 17.96
CA ILE A 513 -11.28 21.43 19.37
C ILE A 513 -12.08 20.37 20.14
N MET A 514 -13.17 19.90 19.54
CA MET A 514 -14.00 18.88 20.18
C MET A 514 -13.24 17.56 20.37
N ILE A 515 -12.51 17.15 19.34
CA ILE A 515 -11.75 15.90 19.44
C ILE A 515 -10.62 16.04 20.46
N LEU A 516 -10.00 17.22 20.49
CA LEU A 516 -8.92 17.48 21.41
C LEU A 516 -9.40 17.50 22.87
N ARG A 517 -10.69 17.76 23.08
CA ARG A 517 -11.18 17.78 24.46
C ARG A 517 -11.53 16.41 25.00
N ILE A 518 -11.47 15.37 24.16
CA ILE A 518 -11.82 14.03 24.60
C ILE A 518 -10.68 13.25 25.25
N ASP A 519 -10.86 12.83 26.50
CA ASP A 519 -9.81 12.06 27.17
C ASP A 519 -10.34 10.71 27.65
N ASP A 520 -11.50 10.31 27.14
CA ASP A 520 -12.12 9.05 27.53
C ASP A 520 -13.04 8.54 26.42
N VAL A 521 -12.77 7.34 25.93
CA VAL A 521 -13.60 6.77 24.88
C VAL A 521 -14.15 5.44 25.39
N ILE A 522 -15.48 5.37 25.49
CA ILE A 522 -16.15 4.17 25.97
C ILE A 522 -17.08 3.65 24.87
N ALA A 523 -16.70 2.54 24.27
CA ALA A 523 -17.46 1.94 23.18
C ALA A 523 -18.05 0.59 23.53
N ALA A 524 -19.37 0.49 23.43
CA ALA A 524 -20.08 -0.74 23.74
C ALA A 524 -19.70 -1.83 22.74
N LYS A 525 -20.18 -3.06 22.99
CA LYS A 525 -19.91 -4.17 22.09
C LYS A 525 -20.98 -4.09 21.02
N ALA A 526 -20.55 -4.09 19.75
CA ALA A 526 -21.48 -3.99 18.63
C ALA A 526 -22.38 -5.23 18.48
N VAL B 9 -4.94 1.49 13.55
CA VAL B 9 -6.20 1.92 14.14
C VAL B 9 -7.32 1.56 13.15
N VAL B 10 -8.10 0.53 13.51
CA VAL B 10 -9.19 0.04 12.66
C VAL B 10 -10.09 1.13 12.10
N ILE B 11 -9.81 1.56 10.87
CA ILE B 11 -10.59 2.59 10.21
C ILE B 11 -11.67 1.99 9.32
N LEU B 12 -11.29 0.99 8.54
CA LEU B 12 -12.23 0.32 7.64
C LEU B 12 -12.60 -1.05 8.18
N PRO B 13 -13.83 -1.51 7.89
CA PRO B 13 -14.35 -2.81 8.33
C PRO B 13 -13.47 -3.95 7.83
N GLU B 14 -13.37 -5.03 8.60
CA GLU B 14 -12.55 -6.16 8.15
C GLU B 14 -13.20 -6.72 6.89
N GLY B 15 -12.37 -7.23 5.98
CA GLY B 15 -12.92 -7.78 4.76
C GLY B 15 -12.91 -6.75 3.65
N THR B 16 -12.57 -5.52 3.99
CA THR B 16 -12.49 -4.45 3.01
C THR B 16 -11.14 -4.56 2.33
N GLN B 17 -11.12 -4.50 1.01
CA GLN B 17 -9.84 -4.57 0.30
C GLN B 17 -9.56 -3.22 -0.33
N ARG B 18 -8.29 -2.82 -0.32
CA ARG B 18 -7.91 -1.54 -0.86
C ARG B 18 -6.64 -1.59 -1.68
N TYR B 19 -6.61 -0.83 -2.78
CA TYR B 19 -5.44 -0.75 -3.64
C TYR B 19 -5.18 0.72 -3.92
N VAL B 20 -3.92 1.13 -3.81
CA VAL B 20 -3.60 2.53 -4.01
C VAL B 20 -2.49 2.74 -5.02
N GLY B 21 -2.46 3.95 -5.59
CA GLY B 21 -1.43 4.31 -6.55
C GLY B 21 -1.23 3.38 -7.72
N ARG B 22 0.04 3.09 -8.02
CA ARG B 22 0.39 2.19 -9.11
C ARG B 22 -0.37 0.87 -9.03
N ASP B 23 -0.62 0.38 -7.82
CA ASP B 23 -1.35 -0.88 -7.65
C ASP B 23 -2.77 -0.73 -8.16
N ALA B 24 -3.39 0.40 -7.84
CA ALA B 24 -4.75 0.64 -8.27
C ALA B 24 -4.76 0.73 -9.80
N GLN B 25 -3.89 1.58 -10.34
CA GLN B 25 -3.80 1.77 -11.77
C GLN B 25 -3.55 0.44 -12.47
N ARG B 26 -2.64 -0.35 -11.93
CA ARG B 26 -2.31 -1.64 -12.52
C ARG B 26 -3.47 -2.61 -12.56
N LEU B 27 -4.18 -2.74 -11.45
CA LEU B 27 -5.31 -3.65 -11.39
C LEU B 27 -6.47 -3.22 -12.29
N ASN B 28 -6.80 -1.94 -12.28
CA ASN B 28 -7.89 -1.40 -13.10
C ASN B 28 -7.60 -1.51 -14.59
N ILE B 29 -6.36 -1.23 -14.98
CA ILE B 29 -5.98 -1.29 -16.39
C ILE B 29 -5.95 -2.73 -16.89
N LEU B 30 -5.51 -3.65 -16.05
CA LEU B 30 -5.43 -5.06 -16.46
C LEU B 30 -6.83 -5.61 -16.68
N ALA B 31 -7.73 -5.34 -15.73
CA ALA B 31 -9.09 -5.81 -15.84
C ALA B 31 -9.75 -5.31 -17.12
N ALA B 32 -9.62 -4.01 -17.38
CA ALA B 32 -10.21 -3.42 -18.58
C ALA B 32 -9.60 -4.02 -19.85
N ARG B 33 -8.27 -4.17 -19.86
CA ARG B 33 -7.59 -4.74 -21.01
C ARG B 33 -8.10 -6.16 -21.29
N ILE B 34 -8.26 -6.96 -20.24
CA ILE B 34 -8.73 -8.32 -20.38
C ILE B 34 -10.14 -8.39 -20.95
N ILE B 35 -10.99 -7.46 -20.55
CA ILE B 35 -12.34 -7.45 -21.10
C ILE B 35 -12.25 -7.16 -22.60
N ALA B 36 -11.41 -6.18 -22.95
CA ALA B 36 -11.23 -5.82 -24.35
C ALA B 36 -10.69 -7.01 -25.15
N GLU B 37 -9.67 -7.66 -24.62
CA GLU B 37 -9.09 -8.82 -25.28
C GLU B 37 -10.13 -9.91 -25.47
N THR B 38 -11.05 -10.02 -24.51
CA THR B 38 -12.09 -11.04 -24.57
C THR B 38 -13.06 -10.82 -25.72
N VAL B 39 -13.38 -9.57 -26.01
CA VAL B 39 -14.33 -9.31 -27.09
C VAL B 39 -13.70 -9.00 -28.45
N ARG B 40 -12.42 -8.65 -28.47
CA ARG B 40 -11.76 -8.31 -29.72
C ARG B 40 -11.77 -9.43 -30.76
N THR B 41 -11.89 -10.68 -30.30
CA THR B 41 -11.92 -11.79 -31.24
C THR B 41 -13.23 -11.90 -32.03
N THR B 42 -14.21 -11.05 -31.73
CA THR B 42 -15.50 -11.06 -32.46
C THR B 42 -15.49 -9.97 -33.55
N LEU B 43 -14.48 -9.12 -33.52
CA LEU B 43 -14.38 -8.01 -34.47
C LEU B 43 -14.07 -8.36 -35.92
N GLY B 44 -14.81 -7.74 -36.83
CA GLY B 44 -14.57 -7.94 -38.25
C GLY B 44 -15.24 -9.10 -38.94
N PRO B 45 -15.09 -9.17 -40.28
CA PRO B 45 -15.65 -10.20 -41.15
C PRO B 45 -15.17 -11.58 -40.72
N LYS B 46 -14.00 -11.63 -40.08
CA LYS B 46 -13.43 -12.89 -39.63
C LYS B 46 -13.55 -13.06 -38.11
N GLY B 47 -14.47 -12.30 -37.50
CA GLY B 47 -14.65 -12.40 -36.06
C GLY B 47 -15.49 -13.63 -35.71
N MET B 48 -15.22 -14.23 -34.56
CA MET B 48 -15.97 -15.41 -34.15
C MET B 48 -17.02 -15.12 -33.08
N ASP B 49 -17.81 -16.13 -32.71
CA ASP B 49 -18.86 -15.92 -31.74
C ASP B 49 -18.64 -16.55 -30.38
N LYS B 50 -19.48 -16.16 -29.43
CA LYS B 50 -19.41 -16.68 -28.06
C LYS B 50 -20.71 -17.33 -27.62
N MET B 51 -20.59 -18.32 -26.75
CA MET B 51 -21.75 -19.01 -26.22
C MET B 51 -21.77 -18.73 -24.73
N LEU B 52 -22.80 -18.02 -24.28
CA LEU B 52 -22.93 -17.65 -22.89
C LEU B 52 -24.06 -18.38 -22.19
N VAL B 53 -23.74 -19.15 -21.17
CA VAL B 53 -24.74 -19.89 -20.42
C VAL B 53 -24.82 -19.33 -19.00
N ASP B 54 -25.96 -18.78 -18.61
CA ASP B 54 -26.11 -18.21 -17.28
C ASP B 54 -26.39 -19.25 -16.20
N SER B 55 -26.53 -18.77 -14.97
CA SER B 55 -26.79 -19.58 -13.79
C SER B 55 -27.96 -20.54 -13.97
N LEU B 56 -29.03 -20.05 -14.60
CA LEU B 56 -30.23 -20.84 -14.84
C LEU B 56 -30.07 -21.83 -15.99
N GLY B 57 -29.01 -21.67 -16.77
CA GLY B 57 -28.78 -22.56 -17.88
C GLY B 57 -29.28 -22.02 -19.21
N ASP B 58 -29.71 -20.76 -19.22
CA ASP B 58 -30.12 -20.16 -20.45
C ASP B 58 -28.95 -19.91 -21.38
N ILE B 59 -29.11 -20.19 -22.64
CA ILE B 59 -28.01 -20.07 -23.61
C ILE B 59 -28.11 -18.93 -24.61
N VAL B 60 -27.04 -18.16 -24.73
CA VAL B 60 -26.98 -17.06 -25.69
C VAL B 60 -25.75 -17.29 -26.58
N VAL B 61 -25.98 -17.29 -27.90
CA VAL B 61 -24.91 -17.46 -28.87
C VAL B 61 -24.95 -16.20 -29.74
N THR B 62 -23.89 -15.40 -29.65
CA THR B 62 -23.86 -14.16 -30.42
C THR B 62 -22.48 -13.60 -30.71
N ASN B 63 -22.45 -12.64 -31.64
CA ASN B 63 -21.23 -11.97 -32.03
C ASN B 63 -21.24 -10.56 -31.47
N ASP B 64 -22.39 -10.15 -30.95
CA ASP B 64 -22.58 -8.80 -30.40
C ASP B 64 -21.88 -8.54 -29.09
N CYS B 65 -21.01 -7.53 -29.08
CA CYS B 65 -20.25 -7.18 -27.89
C CYS B 65 -21.14 -6.69 -26.73
N ALA B 66 -22.09 -5.82 -27.04
CA ALA B 66 -22.99 -5.30 -26.00
C ALA B 66 -23.70 -6.46 -25.29
N THR B 67 -24.32 -7.32 -26.08
CA THR B 67 -25.01 -8.49 -25.55
C THR B 67 -24.08 -9.35 -24.71
N ILE B 68 -22.90 -9.65 -25.23
CA ILE B 68 -21.94 -10.47 -24.51
C ILE B 68 -21.58 -9.91 -23.15
N LEU B 69 -21.24 -8.61 -23.11
CA LEU B 69 -20.88 -7.97 -21.86
C LEU B 69 -22.08 -7.83 -20.94
N ASP B 70 -23.26 -7.73 -21.53
CA ASP B 70 -24.49 -7.61 -20.74
C ASP B 70 -24.78 -8.93 -20.03
N LYS B 71 -24.55 -10.03 -20.72
CA LYS B 71 -24.80 -11.37 -20.18
C LYS B 71 -23.76 -11.86 -19.19
N ILE B 72 -22.48 -11.70 -19.50
CA ILE B 72 -21.43 -12.17 -18.61
C ILE B 72 -21.59 -11.57 -17.22
N ASP B 73 -21.35 -12.37 -16.19
CA ASP B 73 -21.44 -11.89 -14.82
C ASP B 73 -20.07 -11.40 -14.40
N LEU B 74 -19.77 -10.14 -14.69
CA LEU B 74 -18.47 -9.57 -14.38
C LEU B 74 -18.30 -9.16 -12.93
N GLN B 75 -17.15 -9.47 -12.36
CA GLN B 75 -16.89 -9.13 -10.98
C GLN B 75 -16.09 -7.83 -10.79
N HIS B 76 -14.93 -7.73 -11.41
CA HIS B 76 -14.09 -6.55 -11.27
C HIS B 76 -14.78 -5.23 -11.65
N PRO B 77 -14.63 -4.19 -10.80
CA PRO B 77 -15.24 -2.88 -11.03
C PRO B 77 -14.83 -2.25 -12.37
N ALA B 78 -13.55 -2.34 -12.72
CA ALA B 78 -13.09 -1.77 -13.97
C ALA B 78 -13.70 -2.51 -15.15
N ALA B 79 -13.85 -3.82 -15.02
CA ALA B 79 -14.45 -4.59 -16.09
C ALA B 79 -15.88 -4.10 -16.24
N LYS B 80 -16.57 -3.92 -15.12
CA LYS B 80 -17.95 -3.44 -15.16
C LYS B 80 -18.08 -2.10 -15.87
N MET B 81 -17.11 -1.22 -15.65
CA MET B 81 -17.12 0.09 -16.29
C MET B 81 -17.01 -0.01 -17.80
N MET B 82 -16.38 -1.09 -18.26
CA MET B 82 -16.20 -1.30 -19.69
C MET B 82 -17.53 -1.70 -20.33
N VAL B 83 -18.46 -2.20 -19.53
CA VAL B 83 -19.76 -2.59 -20.06
C VAL B 83 -20.54 -1.36 -20.49
N GLU B 84 -20.36 -0.26 -19.76
CA GLU B 84 -21.06 0.97 -20.09
C GLU B 84 -20.64 1.55 -21.43
N VAL B 85 -19.37 1.39 -21.79
CA VAL B 85 -18.89 1.89 -23.08
C VAL B 85 -19.70 1.21 -24.18
N ALA B 86 -19.79 -0.11 -24.11
CA ALA B 86 -20.51 -0.90 -25.10
C ALA B 86 -21.99 -0.54 -25.12
N LYS B 87 -22.60 -0.40 -23.95
CA LYS B 87 -24.01 -0.06 -23.86
C LYS B 87 -24.37 1.28 -24.49
N THR B 88 -23.61 2.31 -24.14
CA THR B 88 -23.87 3.63 -24.70
C THR B 88 -23.67 3.65 -26.20
N GLN B 89 -22.60 3.01 -26.66
CA GLN B 89 -22.29 2.93 -28.09
C GLN B 89 -23.45 2.27 -28.83
N ASP B 90 -24.03 1.26 -28.19
CA ASP B 90 -25.13 0.52 -28.77
C ASP B 90 -26.41 1.35 -28.85
N LYS B 91 -26.73 2.06 -27.77
CA LYS B 91 -27.94 2.88 -27.75
C LYS B 91 -27.86 3.98 -28.81
N GLU B 92 -26.70 4.62 -28.90
CA GLU B 92 -26.52 5.72 -29.82
C GLU B 92 -26.27 5.39 -31.28
N ALA B 93 -25.42 4.42 -31.56
CA ALA B 93 -25.09 4.11 -32.95
C ALA B 93 -25.32 2.69 -33.46
N GLY B 94 -25.60 1.75 -32.55
CA GLY B 94 -25.82 0.37 -32.96
C GLY B 94 -24.51 -0.39 -33.10
N ASP B 95 -23.80 -0.14 -34.19
CA ASP B 95 -22.53 -0.79 -34.47
C ASP B 95 -21.36 -0.15 -33.72
N GLY B 96 -20.22 -0.83 -33.78
CA GLY B 96 -19.02 -0.32 -33.14
C GLY B 96 -18.92 -0.54 -31.64
N THR B 97 -19.71 -1.45 -31.09
CA THR B 97 -19.65 -1.68 -29.66
C THR B 97 -18.35 -2.39 -29.30
N THR B 98 -17.88 -3.25 -30.20
CA THR B 98 -16.63 -3.96 -29.97
C THR B 98 -15.48 -2.98 -30.14
N THR B 99 -15.55 -2.18 -31.20
CA THR B 99 -14.54 -1.17 -31.51
C THR B 99 -14.30 -0.24 -30.30
N ALA B 100 -15.38 0.28 -29.73
CA ALA B 100 -15.26 1.18 -28.59
C ALA B 100 -14.59 0.51 -27.39
N VAL B 101 -14.95 -0.73 -27.08
CA VAL B 101 -14.34 -1.42 -25.96
C VAL B 101 -12.88 -1.74 -26.22
N VAL B 102 -12.57 -2.16 -27.44
CA VAL B 102 -11.20 -2.51 -27.78
C VAL B 102 -10.29 -1.29 -27.78
N ILE B 103 -10.80 -0.16 -28.25
CA ILE B 103 -10.02 1.06 -28.26
C ILE B 103 -9.79 1.48 -26.81
N ALA B 104 -10.85 1.45 -26.00
CA ALA B 104 -10.74 1.82 -24.59
C ALA B 104 -9.63 1.02 -23.89
N GLY B 105 -9.65 -0.30 -24.06
CA GLY B 105 -8.62 -1.12 -23.43
C GLY B 105 -7.22 -0.81 -23.91
N GLU B 106 -7.06 -0.60 -25.21
CA GLU B 106 -5.75 -0.31 -25.77
C GLU B 106 -5.28 1.08 -25.31
N LEU B 107 -6.23 2.00 -25.23
CA LEU B 107 -5.95 3.35 -24.79
C LEU B 107 -5.32 3.25 -23.40
N LEU B 108 -5.91 2.38 -22.57
CA LEU B 108 -5.40 2.20 -21.22
C LEU B 108 -4.02 1.55 -21.22
N ARG B 109 -3.84 0.56 -22.08
CA ARG B 109 -2.57 -0.15 -22.18
C ARG B 109 -1.43 0.81 -22.54
N LYS B 110 -1.69 1.67 -23.52
CA LYS B 110 -0.68 2.64 -23.97
C LYS B 110 -0.40 3.67 -22.89
N ALA B 111 -1.42 4.00 -22.11
CA ALA B 111 -1.27 4.97 -21.04
C ALA B 111 -0.39 4.43 -19.91
N GLU B 112 -0.51 3.14 -19.60
CA GLU B 112 0.30 2.58 -18.53
C GLU B 112 1.79 2.71 -18.82
N GLU B 113 2.16 2.70 -20.09
CA GLU B 113 3.57 2.84 -20.43
C GLU B 113 4.06 4.21 -19.97
N LEU B 114 3.22 5.22 -20.13
CA LEU B 114 3.58 6.56 -19.69
C LEU B 114 3.56 6.60 -18.16
N LEU B 115 2.64 5.85 -17.54
CA LEU B 115 2.58 5.83 -16.08
C LEU B 115 3.84 5.19 -15.52
N ASP B 116 4.30 4.13 -16.17
CA ASP B 116 5.50 3.45 -15.72
C ASP B 116 6.74 4.33 -15.94
N GLN B 117 6.59 5.32 -16.81
CA GLN B 117 7.66 6.26 -17.14
C GLN B 117 7.62 7.41 -16.12
N ASN B 118 6.65 7.34 -15.21
CA ASN B 118 6.46 8.33 -14.16
C ASN B 118 5.82 9.63 -14.60
N ILE B 119 5.24 9.65 -15.79
CA ILE B 119 4.57 10.84 -16.27
C ILE B 119 3.26 10.92 -15.49
N HIS B 120 2.93 12.09 -14.99
CA HIS B 120 1.73 12.30 -14.18
C HIS B 120 0.42 12.02 -14.91
N PRO B 121 -0.47 11.20 -14.31
CA PRO B 121 -1.77 10.88 -14.93
C PRO B 121 -2.55 12.11 -15.35
N SER B 122 -2.24 13.24 -14.75
CA SER B 122 -2.89 14.50 -15.08
C SER B 122 -2.46 14.91 -16.49
N ILE B 123 -1.19 14.67 -16.81
CA ILE B 123 -0.65 15.01 -18.13
C ILE B 123 -1.16 14.03 -19.18
N ILE B 124 -1.12 12.74 -18.88
CA ILE B 124 -1.59 11.71 -19.81
C ILE B 124 -3.04 12.00 -20.15
N THR B 125 -3.82 12.25 -19.12
CA THR B 125 -5.24 12.56 -19.24
C THR B 125 -5.51 13.80 -20.10
N LYS B 126 -4.73 14.85 -19.90
CA LYS B 126 -4.90 16.06 -20.69
C LYS B 126 -4.53 15.78 -22.15
N GLY B 127 -3.44 15.03 -22.32
CA GLY B 127 -3.00 14.68 -23.66
C GLY B 127 -4.06 13.86 -24.35
N TYR B 128 -4.66 12.92 -23.62
CA TYR B 128 -5.70 12.09 -24.20
C TYR B 128 -6.93 12.91 -24.56
N ALA B 129 -7.26 13.90 -23.73
CA ALA B 129 -8.42 14.76 -23.98
C ALA B 129 -8.20 15.61 -25.24
N LEU B 130 -6.96 16.06 -25.44
CA LEU B 130 -6.63 16.86 -26.61
C LEU B 130 -6.76 16.02 -27.87
N ALA B 131 -6.25 14.80 -27.80
CA ALA B 131 -6.32 13.88 -28.93
C ALA B 131 -7.77 13.52 -29.24
N ALA B 132 -8.55 13.19 -28.21
CA ALA B 132 -9.95 12.82 -28.41
C ALA B 132 -10.69 13.94 -29.14
N GLU B 133 -10.58 15.15 -28.61
CA GLU B 133 -11.25 16.30 -29.21
C GLU B 133 -10.77 16.54 -30.64
N LYS B 134 -9.47 16.46 -30.86
CA LYS B 134 -8.92 16.64 -32.19
C LYS B 134 -9.49 15.57 -33.12
N ALA B 135 -9.65 14.36 -32.59
CA ALA B 135 -10.19 13.24 -33.35
C ALA B 135 -11.60 13.55 -33.89
N GLN B 136 -12.42 14.19 -33.07
CA GLN B 136 -13.77 14.53 -33.50
C GLN B 136 -13.73 15.53 -34.66
N GLU B 137 -12.79 16.49 -34.60
CA GLU B 137 -12.66 17.50 -35.66
C GLU B 137 -12.26 16.82 -36.97
N ILE B 138 -11.30 15.91 -36.86
CA ILE B 138 -10.82 15.20 -38.03
C ILE B 138 -11.93 14.35 -38.64
N LEU B 139 -12.68 13.64 -37.80
CA LEU B 139 -13.76 12.79 -38.30
C LEU B 139 -14.81 13.63 -39.03
N ASP B 140 -15.16 14.77 -38.46
CA ASP B 140 -16.15 15.63 -39.11
C ASP B 140 -15.63 16.10 -40.46
N GLU B 141 -14.32 16.30 -40.55
CA GLU B 141 -13.72 16.79 -41.79
C GLU B 141 -13.57 15.75 -42.89
N ILE B 142 -13.13 14.54 -42.55
CA ILE B 142 -12.95 13.51 -43.56
C ILE B 142 -14.25 12.79 -43.89
N ALA B 143 -15.27 12.98 -43.07
CA ALA B 143 -16.55 12.34 -43.30
C ALA B 143 -17.07 12.61 -44.70
N ILE B 144 -17.52 11.55 -45.37
CA ILE B 144 -18.06 11.68 -46.71
C ILE B 144 -19.55 11.98 -46.63
N ARG B 145 -19.91 13.20 -47.00
CA ARG B 145 -21.30 13.63 -47.00
C ARG B 145 -22.03 12.89 -48.11
N VAL B 146 -23.19 12.34 -47.79
CA VAL B 146 -23.94 11.57 -48.76
C VAL B 146 -25.43 11.93 -48.75
N ASP B 147 -26.16 11.44 -49.73
CA ASP B 147 -27.59 11.70 -49.82
C ASP B 147 -28.29 10.89 -48.73
N PRO B 148 -28.92 11.57 -47.76
CA PRO B 148 -29.62 10.88 -46.67
C PRO B 148 -30.42 9.63 -47.08
N ASP B 149 -31.07 9.68 -48.24
CA ASP B 149 -31.86 8.52 -48.68
C ASP B 149 -31.29 7.77 -49.88
N ASP B 150 -30.01 8.01 -50.18
CA ASP B 150 -29.35 7.33 -51.28
C ASP B 150 -29.42 5.82 -51.00
N GLU B 151 -30.25 5.12 -51.76
CA GLU B 151 -30.43 3.69 -51.55
C GLU B 151 -29.14 2.89 -51.64
N GLU B 152 -28.35 3.11 -52.69
CA GLU B 152 -27.11 2.38 -52.87
C GLU B 152 -26.16 2.50 -51.68
N THR B 153 -25.93 3.71 -51.17
CA THR B 153 -25.03 3.84 -50.03
C THR B 153 -25.67 3.21 -48.80
N LEU B 154 -26.97 3.42 -48.64
CA LEU B 154 -27.70 2.85 -47.50
C LEU B 154 -27.56 1.31 -47.51
N LEU B 155 -27.60 0.73 -48.71
CA LEU B 155 -27.46 -0.72 -48.87
C LEU B 155 -26.04 -1.16 -48.49
N LYS B 156 -25.04 -0.39 -48.90
CA LYS B 156 -23.65 -0.72 -48.56
C LYS B 156 -23.47 -0.64 -47.05
N ILE B 157 -24.15 0.31 -46.42
CA ILE B 157 -24.06 0.50 -44.98
C ILE B 157 -24.61 -0.72 -44.25
N ALA B 158 -25.82 -1.12 -44.62
CA ALA B 158 -26.46 -2.27 -44.01
C ALA B 158 -25.64 -3.55 -44.26
N ALA B 159 -25.28 -3.80 -45.51
CA ALA B 159 -24.51 -4.98 -45.84
C ALA B 159 -23.18 -5.03 -45.06
N THR B 160 -22.59 -3.86 -44.81
CA THR B 160 -21.33 -3.83 -44.08
C THR B 160 -21.47 -4.25 -42.63
N SER B 161 -22.53 -3.81 -41.94
CA SER B 161 -22.69 -4.21 -40.56
C SER B 161 -23.03 -5.69 -40.46
N ILE B 162 -23.75 -6.21 -41.45
CA ILE B 162 -24.14 -7.61 -41.42
C ILE B 162 -23.01 -8.60 -41.63
N THR B 163 -21.96 -8.18 -42.32
CA THR B 163 -20.84 -9.10 -42.54
C THR B 163 -20.19 -9.47 -41.21
N GLY B 164 -19.58 -10.65 -41.13
CA GLY B 164 -18.93 -11.09 -39.92
C GLY B 164 -19.88 -11.65 -38.87
N LYS B 165 -21.12 -11.90 -39.29
CA LYS B 165 -22.14 -12.44 -38.40
C LYS B 165 -22.66 -13.77 -38.92
N ASN B 166 -23.46 -14.43 -38.10
CA ASN B 166 -24.02 -15.73 -38.45
C ASN B 166 -24.94 -15.68 -39.68
N ALA B 167 -25.55 -14.54 -39.96
CA ALA B 167 -26.45 -14.46 -41.10
C ALA B 167 -25.84 -13.78 -42.34
N GLU B 168 -24.52 -13.66 -42.37
CA GLU B 168 -23.85 -13.00 -43.48
C GLU B 168 -24.12 -13.63 -44.84
N SER B 169 -24.38 -14.93 -44.85
CA SER B 169 -24.67 -15.64 -46.09
C SER B 169 -25.79 -14.93 -46.84
N HIS B 170 -26.73 -14.37 -46.08
CA HIS B 170 -27.87 -13.65 -46.65
C HIS B 170 -27.81 -12.15 -46.43
N LYS B 171 -26.61 -11.58 -46.41
CA LYS B 171 -26.50 -10.14 -46.19
C LYS B 171 -27.24 -9.32 -47.25
N GLU B 172 -27.27 -9.81 -48.48
CA GLU B 172 -27.96 -9.10 -49.55
C GLU B 172 -29.44 -8.93 -49.20
N LEU B 173 -30.12 -10.04 -48.97
CA LEU B 173 -31.52 -10.01 -48.61
C LEU B 173 -31.75 -9.16 -47.35
N LEU B 174 -31.08 -9.52 -46.27
CA LEU B 174 -31.23 -8.83 -44.99
C LEU B 174 -30.91 -7.33 -45.05
N ALA B 175 -29.91 -6.96 -45.83
CA ALA B 175 -29.56 -5.54 -45.96
C ALA B 175 -30.71 -4.83 -46.68
N LYS B 176 -31.32 -5.54 -47.63
CA LYS B 176 -32.43 -4.99 -48.41
C LYS B 176 -33.65 -4.77 -47.53
N LEU B 177 -33.93 -5.73 -46.66
CA LEU B 177 -35.09 -5.62 -45.77
C LEU B 177 -34.89 -4.45 -44.80
N ALA B 178 -33.70 -4.36 -44.22
CA ALA B 178 -33.39 -3.29 -43.27
C ALA B 178 -33.55 -1.93 -43.92
N VAL B 179 -32.89 -1.74 -45.06
CA VAL B 179 -32.96 -0.47 -45.78
C VAL B 179 -34.39 -0.11 -46.14
N GLU B 180 -35.14 -1.08 -46.66
CA GLU B 180 -36.52 -0.83 -47.03
C GLU B 180 -37.37 -0.44 -45.81
N ALA B 181 -37.20 -1.14 -44.70
CA ALA B 181 -37.96 -0.85 -43.49
C ALA B 181 -37.76 0.59 -42.99
N VAL B 182 -36.51 1.00 -42.84
CA VAL B 182 -36.17 2.33 -42.35
C VAL B 182 -36.68 3.41 -43.29
N LYS B 183 -36.40 3.26 -44.58
CA LYS B 183 -36.84 4.23 -45.57
C LYS B 183 -38.33 4.45 -45.41
N GLN B 184 -39.08 3.35 -45.36
CA GLN B 184 -40.53 3.38 -45.24
C GLN B 184 -41.05 4.12 -44.01
N VAL B 185 -40.47 3.88 -42.84
CA VAL B 185 -40.94 4.54 -41.63
C VAL B 185 -40.23 5.85 -41.35
N ALA B 186 -39.23 6.18 -42.18
CA ALA B 186 -38.49 7.41 -42.00
C ALA B 186 -39.40 8.62 -42.18
N GLU B 187 -39.17 9.65 -41.37
CA GLU B 187 -39.97 10.86 -41.47
C GLU B 187 -39.12 12.06 -41.83
N LYS B 188 -39.47 12.70 -42.94
CA LYS B 188 -38.76 13.88 -43.41
C LYS B 188 -39.48 15.11 -42.85
N LYS B 189 -38.74 15.95 -42.14
CA LYS B 189 -39.32 17.16 -41.57
C LYS B 189 -38.88 18.38 -42.36
N ASP B 190 -37.64 18.37 -42.83
CA ASP B 190 -37.08 19.46 -43.60
C ASP B 190 -35.72 19.08 -44.16
N GLY B 191 -35.72 18.29 -45.23
CA GLY B 191 -34.47 17.85 -45.84
C GLY B 191 -33.72 16.89 -44.93
N LYS B 192 -34.14 16.83 -43.66
CA LYS B 192 -33.53 15.95 -42.69
C LYS B 192 -34.53 14.92 -42.16
N TYR B 193 -34.13 13.65 -42.22
CA TYR B 193 -34.99 12.56 -41.76
C TYR B 193 -34.82 12.23 -40.28
N VAL B 194 -35.90 11.72 -39.70
CA VAL B 194 -35.88 11.29 -38.31
C VAL B 194 -36.50 9.90 -38.33
N VAL B 195 -35.87 8.95 -37.65
CA VAL B 195 -36.36 7.59 -37.64
C VAL B 195 -36.64 7.07 -36.23
N ASP B 196 -37.87 6.64 -35.99
CA ASP B 196 -38.23 6.08 -34.70
C ASP B 196 -38.26 4.57 -34.92
N LEU B 197 -37.22 3.89 -34.46
CA LEU B 197 -37.09 2.45 -34.63
C LEU B 197 -38.25 1.63 -34.05
N ASP B 198 -39.04 2.24 -33.19
CA ASP B 198 -40.19 1.55 -32.59
C ASP B 198 -41.25 1.24 -33.63
N ASN B 199 -41.16 1.88 -34.80
CA ASN B 199 -42.12 1.65 -35.87
C ASN B 199 -41.73 0.47 -36.76
N ILE B 200 -40.60 -0.16 -36.45
CA ILE B 200 -40.15 -1.33 -37.20
C ILE B 200 -40.22 -2.50 -36.23
N LYS B 201 -41.12 -3.43 -36.50
CA LYS B 201 -41.27 -4.59 -35.63
C LYS B 201 -40.50 -5.80 -36.13
N PHE B 202 -39.93 -6.56 -35.20
CA PHE B 202 -39.23 -7.78 -35.53
C PHE B 202 -40.06 -8.93 -34.97
N GLU B 203 -40.61 -9.76 -35.86
CA GLU B 203 -41.40 -10.91 -35.47
C GLU B 203 -40.62 -12.10 -35.94
N LYS B 204 -40.45 -13.09 -35.06
CA LYS B 204 -39.66 -14.24 -35.43
C LYS B 204 -40.30 -15.59 -35.11
N LYS B 205 -40.21 -16.49 -36.07
CA LYS B 205 -40.77 -17.83 -35.96
C LYS B 205 -39.77 -18.82 -36.53
N ALA B 206 -39.36 -19.79 -35.71
CA ALA B 206 -38.42 -20.80 -36.18
C ALA B 206 -39.14 -21.58 -37.28
N GLY B 207 -38.39 -22.05 -38.27
CA GLY B 207 -38.98 -22.78 -39.37
C GLY B 207 -38.42 -22.24 -40.66
N GLU B 208 -38.38 -23.07 -41.69
CA GLU B 208 -37.81 -22.68 -42.98
C GLU B 208 -36.35 -22.31 -42.69
N GLY B 209 -35.84 -21.34 -43.44
CA GLY B 209 -34.47 -20.90 -43.26
C GLY B 209 -34.46 -19.38 -43.23
N VAL B 210 -33.30 -18.80 -42.93
CA VAL B 210 -33.18 -17.35 -42.87
C VAL B 210 -33.55 -16.71 -44.21
N GLU B 211 -33.35 -17.44 -45.30
CA GLU B 211 -33.65 -16.94 -46.64
C GLU B 211 -35.12 -16.59 -46.81
N GLU B 212 -35.99 -17.21 -46.02
CA GLU B 212 -37.42 -16.93 -46.13
C GLU B 212 -37.87 -15.71 -45.35
N SER B 213 -36.94 -15.00 -44.72
CA SER B 213 -37.27 -13.80 -43.97
C SER B 213 -37.79 -12.77 -44.97
N GLU B 214 -38.71 -11.93 -44.54
CA GLU B 214 -39.30 -10.96 -45.44
C GLU B 214 -39.77 -9.69 -44.73
N LEU B 215 -40.09 -8.68 -45.52
CA LEU B 215 -40.59 -7.42 -45.00
C LEU B 215 -42.08 -7.37 -45.30
N VAL B 216 -42.88 -7.15 -44.27
CA VAL B 216 -44.32 -7.07 -44.45
C VAL B 216 -44.67 -5.59 -44.33
N ARG B 217 -45.31 -5.04 -45.36
CA ARG B 217 -45.71 -3.64 -45.36
C ARG B 217 -47.00 -3.49 -44.58
N GLY B 218 -46.90 -3.76 -43.29
CA GLY B 218 -48.03 -3.71 -42.40
C GLY B 218 -47.56 -4.30 -41.08
N VAL B 219 -48.37 -5.19 -40.49
CA VAL B 219 -48.01 -5.78 -39.22
C VAL B 219 -48.29 -7.28 -39.13
N VAL B 220 -47.43 -7.98 -38.42
CA VAL B 220 -47.61 -9.42 -38.18
C VAL B 220 -47.79 -9.53 -36.68
N ILE B 221 -48.91 -10.10 -36.26
CA ILE B 221 -49.21 -10.24 -34.83
C ILE B 221 -49.32 -11.70 -34.41
N ASP B 222 -48.76 -12.02 -33.26
CA ASP B 222 -48.83 -13.38 -32.75
C ASP B 222 -50.15 -13.57 -31.99
N LYS B 223 -51.24 -13.61 -32.74
CA LYS B 223 -52.58 -13.78 -32.17
C LYS B 223 -53.43 -14.60 -33.11
N GLU B 224 -54.57 -15.05 -32.62
CA GLU B 224 -55.51 -15.83 -33.41
C GLU B 224 -56.78 -15.03 -33.57
N VAL B 225 -57.64 -15.47 -34.50
CA VAL B 225 -58.92 -14.83 -34.69
C VAL B 225 -59.71 -15.44 -33.53
N VAL B 226 -60.37 -14.58 -32.75
CA VAL B 226 -61.11 -15.01 -31.56
C VAL B 226 -62.21 -16.06 -31.71
N HIS B 227 -63.01 -15.97 -32.77
CA HIS B 227 -64.12 -16.91 -32.96
C HIS B 227 -63.96 -17.75 -34.22
N PRO B 228 -64.18 -19.08 -34.09
CA PRO B 228 -64.09 -20.08 -35.15
C PRO B 228 -64.92 -19.78 -36.41
N ARG B 229 -66.02 -19.06 -36.23
CA ARG B 229 -66.88 -18.73 -37.36
C ARG B 229 -66.52 -17.46 -38.09
N MET B 230 -65.62 -16.66 -37.53
CA MET B 230 -65.21 -15.43 -38.19
C MET B 230 -64.39 -15.74 -39.44
N PRO B 231 -64.33 -14.78 -40.38
CA PRO B 231 -63.55 -15.00 -41.61
C PRO B 231 -62.07 -15.10 -41.22
N LYS B 232 -61.33 -16.00 -41.88
CA LYS B 232 -59.92 -16.16 -41.60
C LYS B 232 -59.12 -15.27 -42.53
N ARG B 233 -59.79 -14.78 -43.57
CA ARG B 233 -59.15 -13.91 -44.55
C ARG B 233 -60.10 -12.83 -45.03
N VAL B 234 -59.66 -11.58 -44.96
CA VAL B 234 -60.48 -10.46 -45.41
C VAL B 234 -59.66 -9.67 -46.43
N GLU B 235 -60.21 -9.51 -47.64
CA GLU B 235 -59.54 -8.81 -48.71
C GLU B 235 -59.29 -7.34 -48.43
N ASN B 236 -60.10 -6.45 -48.96
CA ASN B 236 -59.89 -5.02 -48.75
C ASN B 236 -60.46 -4.61 -47.40
N ALA B 237 -59.73 -4.96 -46.37
CA ALA B 237 -60.12 -4.70 -44.99
C ALA B 237 -60.33 -3.26 -44.57
N LYS B 238 -61.39 -3.06 -43.79
CA LYS B 238 -61.72 -1.77 -43.22
C LYS B 238 -61.47 -2.10 -41.75
N ILE B 239 -60.32 -1.65 -41.26
CA ILE B 239 -59.86 -1.96 -39.92
C ILE B 239 -60.23 -1.01 -38.78
N ALA B 240 -60.78 -1.58 -37.72
CA ALA B 240 -61.16 -0.81 -36.55
C ALA B 240 -60.21 -1.16 -35.40
N LEU B 241 -59.72 -0.15 -34.71
CA LEU B 241 -58.82 -0.32 -33.58
C LEU B 241 -59.54 0.21 -32.32
N ILE B 242 -59.83 -0.68 -31.37
CA ILE B 242 -60.52 -0.32 -30.12
C ILE B 242 -59.72 -0.77 -28.91
N ASN B 243 -59.49 0.10 -27.94
CA ASN B 243 -58.75 -0.34 -26.77
C ASN B 243 -59.63 -0.78 -25.60
N GLU B 244 -60.86 -0.28 -25.52
CA GLU B 244 -61.73 -0.70 -24.42
C GLU B 244 -62.26 -2.10 -24.70
N ALA B 245 -62.52 -2.85 -23.63
CA ALA B 245 -63.02 -4.21 -23.77
C ALA B 245 -64.45 -4.21 -24.28
N LEU B 246 -64.77 -5.21 -25.09
CA LEU B 246 -66.13 -5.35 -25.61
C LEU B 246 -66.87 -6.21 -24.59
N GLU B 247 -67.35 -5.58 -23.52
CA GLU B 247 -68.06 -6.28 -22.45
C GLU B 247 -68.96 -5.32 -21.70
N VAL B 248 -69.82 -5.85 -20.84
CA VAL B 248 -70.73 -5.02 -20.05
C VAL B 248 -69.86 -4.06 -19.25
N LYS B 249 -70.04 -2.77 -19.46
CA LYS B 249 -69.24 -1.79 -18.74
C LYS B 249 -69.80 -1.57 -17.34
N LYS B 250 -68.94 -1.10 -16.44
CA LYS B 250 -69.35 -0.83 -15.07
C LYS B 250 -68.83 0.57 -14.73
N THR B 251 -69.57 1.29 -13.90
CA THR B 251 -69.16 2.62 -13.52
C THR B 251 -67.91 2.58 -12.66
N GLU B 252 -67.20 3.70 -12.62
CA GLU B 252 -65.99 3.82 -11.82
C GLU B 252 -66.45 3.89 -10.36
N THR B 253 -67.54 4.62 -10.14
CA THR B 253 -68.11 4.76 -8.81
C THR B 253 -68.73 3.42 -8.41
N ASP B 254 -68.57 3.02 -7.16
CA ASP B 254 -69.13 1.77 -6.71
C ASP B 254 -70.65 1.83 -6.93
N ALA B 255 -71.21 0.72 -7.39
CA ALA B 255 -72.64 0.63 -7.65
C ALA B 255 -73.12 -0.79 -7.48
N LYS B 256 -74.39 -0.94 -7.13
CA LYS B 256 -74.99 -2.24 -6.93
C LYS B 256 -76.48 -2.20 -7.29
N ILE B 257 -76.98 -3.28 -7.86
CA ILE B 257 -78.39 -3.32 -8.22
C ILE B 257 -79.22 -3.86 -7.06
N ASN B 258 -80.26 -3.10 -6.69
CA ASN B 258 -81.15 -3.51 -5.61
C ASN B 258 -82.42 -4.03 -6.27
N ILE B 259 -82.55 -5.35 -6.32
CA ILE B 259 -83.70 -6.02 -6.92
C ILE B 259 -84.85 -6.14 -5.93
N THR B 260 -86.04 -5.69 -6.34
CA THR B 260 -87.22 -5.72 -5.47
C THR B 260 -88.42 -6.49 -6.05
N SER B 261 -88.32 -6.92 -7.30
CA SER B 261 -89.38 -7.70 -7.92
C SER B 261 -88.77 -8.68 -8.92
N PRO B 262 -89.39 -9.86 -9.06
CA PRO B 262 -88.92 -10.91 -9.98
C PRO B 262 -88.69 -10.52 -11.43
N ASP B 263 -89.50 -9.60 -11.94
CA ASP B 263 -89.37 -9.14 -13.32
C ASP B 263 -88.01 -8.48 -13.58
N GLN B 264 -87.40 -7.95 -12.53
CA GLN B 264 -86.11 -7.29 -12.68
C GLN B 264 -84.97 -8.27 -12.98
N LEU B 265 -85.09 -9.50 -12.51
CA LEU B 265 -84.04 -10.50 -12.75
C LEU B 265 -83.77 -10.67 -14.24
N MET B 266 -84.82 -10.55 -15.06
CA MET B 266 -84.68 -10.69 -16.50
C MET B 266 -84.39 -9.35 -17.16
N SER B 267 -85.10 -8.31 -16.75
CA SER B 267 -84.91 -6.99 -17.32
C SER B 267 -83.47 -6.50 -17.23
N PHE B 268 -82.80 -6.70 -16.10
CA PHE B 268 -81.42 -6.27 -15.95
C PHE B 268 -80.48 -7.11 -16.80
N LEU B 269 -80.83 -8.38 -16.97
CA LEU B 269 -80.03 -9.31 -17.77
C LEU B 269 -80.12 -8.91 -19.25
N GLU B 270 -81.33 -8.59 -19.70
CA GLU B 270 -81.56 -8.20 -21.08
C GLU B 270 -80.92 -6.85 -21.38
N GLN B 271 -80.81 -5.99 -20.36
CA GLN B 271 -80.19 -4.69 -20.54
C GLN B 271 -78.69 -4.87 -20.78
N GLU B 272 -78.06 -5.77 -20.04
CA GLU B 272 -76.63 -6.02 -20.23
C GLU B 272 -76.36 -6.65 -21.61
N GLU B 273 -77.31 -7.45 -22.09
CA GLU B 273 -77.18 -8.10 -23.39
C GLU B 273 -77.32 -7.04 -24.48
N LYS B 274 -78.32 -6.18 -24.33
CA LYS B 274 -78.54 -5.12 -25.28
C LYS B 274 -77.30 -4.26 -25.39
N MET B 275 -76.69 -3.95 -24.24
CA MET B 275 -75.48 -3.13 -24.20
C MET B 275 -74.36 -3.77 -25.01
N LEU B 276 -74.17 -5.08 -24.85
CA LEU B 276 -73.14 -5.78 -25.60
C LEU B 276 -73.48 -5.74 -27.07
N LYS B 277 -74.72 -6.10 -27.40
CA LYS B 277 -75.16 -6.10 -28.78
C LYS B 277 -75.04 -4.73 -29.44
N ASP B 278 -75.29 -3.67 -28.68
CA ASP B 278 -75.20 -2.32 -29.24
C ASP B 278 -73.76 -2.01 -29.63
N MET B 279 -72.82 -2.39 -28.78
CA MET B 279 -71.41 -2.15 -29.06
C MET B 279 -71.06 -2.80 -30.40
N VAL B 280 -71.42 -4.06 -30.56
CA VAL B 280 -71.13 -4.77 -31.79
C VAL B 280 -71.88 -4.18 -32.97
N ASP B 281 -73.16 -3.88 -32.78
CA ASP B 281 -73.93 -3.30 -33.89
C ASP B 281 -73.24 -2.02 -34.35
N HIS B 282 -72.86 -1.18 -33.40
CA HIS B 282 -72.21 0.07 -33.74
C HIS B 282 -70.93 -0.13 -34.56
N ILE B 283 -70.17 -1.17 -34.23
CA ILE B 283 -68.93 -1.44 -34.96
C ILE B 283 -69.28 -1.83 -36.38
N ALA B 284 -70.23 -2.75 -36.51
CA ALA B 284 -70.66 -3.22 -37.80
C ALA B 284 -71.13 -2.07 -38.69
N GLN B 285 -71.96 -1.21 -38.13
CA GLN B 285 -72.51 -0.08 -38.88
C GLN B 285 -71.51 0.92 -39.42
N THR B 286 -70.27 0.90 -38.93
CA THR B 286 -69.26 1.81 -39.46
C THR B 286 -68.69 1.23 -40.76
N GLY B 287 -68.98 -0.05 -41.00
CA GLY B 287 -68.49 -0.72 -42.19
C GLY B 287 -67.22 -1.53 -41.96
N ALA B 288 -66.76 -1.57 -40.72
CA ALA B 288 -65.56 -2.31 -40.37
C ALA B 288 -65.75 -3.83 -40.47
N ASN B 289 -64.80 -4.51 -41.12
CA ASN B 289 -64.89 -5.96 -41.23
C ASN B 289 -63.76 -6.65 -40.46
N VAL B 290 -62.89 -5.83 -39.88
CA VAL B 290 -61.78 -6.35 -39.06
C VAL B 290 -61.69 -5.45 -37.83
N VAL B 291 -61.57 -6.06 -36.65
CA VAL B 291 -61.46 -5.27 -35.44
C VAL B 291 -60.41 -5.81 -34.49
N PHE B 292 -59.48 -4.94 -34.08
CA PHE B 292 -58.45 -5.33 -33.12
C PHE B 292 -58.80 -4.64 -31.80
N VAL B 293 -58.97 -5.43 -30.75
CA VAL B 293 -59.33 -4.88 -29.45
C VAL B 293 -58.18 -5.09 -28.48
N GLN B 294 -57.77 -4.02 -27.80
CA GLN B 294 -56.66 -4.13 -26.87
C GLN B 294 -57.01 -4.99 -25.66
N LYS B 295 -58.20 -4.77 -25.10
CA LYS B 295 -58.64 -5.55 -23.94
C LYS B 295 -59.35 -6.80 -24.41
N GLY B 296 -60.29 -7.29 -23.61
CA GLY B 296 -61.00 -8.50 -23.98
C GLY B 296 -62.27 -8.32 -24.79
N ILE B 297 -62.84 -9.45 -25.20
CA ILE B 297 -64.09 -9.47 -25.96
C ILE B 297 -64.96 -10.56 -25.38
N ASP B 298 -66.10 -10.15 -24.82
CA ASP B 298 -67.06 -11.08 -24.22
C ASP B 298 -67.61 -12.07 -25.25
N ASP B 299 -67.88 -13.30 -24.82
CA ASP B 299 -68.39 -14.33 -25.72
C ASP B 299 -69.59 -13.88 -26.57
N LEU B 300 -70.55 -13.23 -25.94
CA LEU B 300 -71.73 -12.80 -26.66
C LEU B 300 -71.33 -11.88 -27.80
N ALA B 301 -70.40 -10.97 -27.53
CA ALA B 301 -69.90 -10.02 -28.53
C ALA B 301 -69.22 -10.77 -29.67
N GLN B 302 -68.43 -11.78 -29.32
CA GLN B 302 -67.73 -12.58 -30.32
C GLN B 302 -68.74 -13.19 -31.25
N HIS B 303 -69.84 -13.64 -30.67
CA HIS B 303 -70.91 -14.29 -31.42
C HIS B 303 -71.54 -13.33 -32.43
N TYR B 304 -71.91 -12.14 -31.98
CA TYR B 304 -72.52 -11.16 -32.88
C TYR B 304 -71.53 -10.71 -33.95
N LEU B 305 -70.25 -10.57 -33.57
CA LEU B 305 -69.20 -10.18 -34.49
C LEU B 305 -69.12 -11.23 -35.59
N ALA B 306 -69.18 -12.49 -35.19
CA ALA B 306 -69.13 -13.60 -36.13
C ALA B 306 -70.38 -13.57 -37.02
N LYS B 307 -71.54 -13.32 -36.42
CA LYS B 307 -72.77 -13.28 -37.21
C LYS B 307 -72.69 -12.19 -38.28
N TYR B 308 -71.99 -11.10 -37.97
CA TYR B 308 -71.83 -9.99 -38.90
C TYR B 308 -70.73 -10.21 -39.95
N GLY B 309 -69.99 -11.32 -39.82
CA GLY B 309 -68.92 -11.57 -40.77
C GLY B 309 -67.74 -10.66 -40.50
N ILE B 310 -67.54 -10.32 -39.23
CA ILE B 310 -66.44 -9.46 -38.84
C ILE B 310 -65.35 -10.24 -38.12
N MET B 311 -64.12 -10.14 -38.63
CA MET B 311 -62.98 -10.81 -38.03
C MET B 311 -62.52 -9.97 -36.84
N ALA B 312 -62.32 -10.61 -35.70
CA ALA B 312 -61.90 -9.89 -34.50
C ALA B 312 -60.77 -10.58 -33.76
N VAL B 313 -59.93 -9.78 -33.11
CA VAL B 313 -58.80 -10.27 -32.34
C VAL B 313 -58.82 -9.53 -31.00
N ARG B 314 -58.63 -10.26 -29.91
CA ARG B 314 -58.66 -9.64 -28.59
C ARG B 314 -57.30 -9.65 -27.87
N ARG B 315 -57.25 -8.94 -26.74
CA ARG B 315 -56.03 -8.85 -25.93
C ARG B 315 -54.81 -8.54 -26.80
N VAL B 316 -54.95 -7.58 -27.70
CA VAL B 316 -53.87 -7.17 -28.58
C VAL B 316 -52.92 -6.23 -27.82
N LYS B 317 -51.62 -6.47 -27.92
CA LYS B 317 -50.64 -5.64 -27.23
C LYS B 317 -50.70 -4.18 -27.66
N LYS B 318 -50.53 -3.29 -26.68
CA LYS B 318 -50.56 -1.86 -26.92
C LYS B 318 -49.62 -1.45 -28.06
N SER B 319 -48.36 -1.87 -27.97
CA SER B 319 -47.38 -1.53 -29.00
C SER B 319 -47.86 -2.03 -30.36
N ASP B 320 -48.57 -3.16 -30.38
CA ASP B 320 -49.09 -3.70 -31.63
C ASP B 320 -50.25 -2.83 -32.13
N MET B 321 -51.11 -2.38 -31.21
CA MET B 321 -52.23 -1.52 -31.59
C MET B 321 -51.67 -0.28 -32.28
N GLU B 322 -50.63 0.29 -31.67
CA GLU B 322 -50.00 1.49 -32.20
C GLU B 322 -49.37 1.23 -33.57
N LYS B 323 -48.75 0.07 -33.75
CA LYS B 323 -48.16 -0.24 -35.05
C LYS B 323 -49.27 -0.40 -36.09
N LEU B 324 -50.41 -0.92 -35.66
CA LEU B 324 -51.54 -1.11 -36.56
C LEU B 324 -52.10 0.24 -37.00
N ALA B 325 -52.12 1.20 -36.09
CA ALA B 325 -52.63 2.53 -36.41
C ALA B 325 -51.73 3.17 -37.46
N LYS B 326 -50.42 3.11 -37.19
CA LYS B 326 -49.45 3.70 -38.12
C LYS B 326 -49.40 3.05 -39.48
N ALA B 327 -49.60 1.73 -39.54
CA ALA B 327 -49.54 1.04 -40.83
C ALA B 327 -50.82 1.12 -41.66
N THR B 328 -51.97 0.92 -41.02
CA THR B 328 -53.25 0.94 -41.73
C THR B 328 -53.91 2.31 -41.86
N GLY B 329 -53.45 3.28 -41.07
CA GLY B 329 -54.06 4.59 -41.12
C GLY B 329 -55.28 4.67 -40.24
N ALA B 330 -55.48 3.68 -39.38
CA ALA B 330 -56.64 3.69 -38.49
C ALA B 330 -56.33 4.53 -37.27
N LYS B 331 -57.38 5.04 -36.63
CA LYS B 331 -57.21 5.84 -35.43
C LYS B 331 -57.72 5.04 -34.26
N ILE B 332 -56.88 4.88 -33.24
CA ILE B 332 -57.28 4.13 -32.06
C ILE B 332 -58.41 4.87 -31.38
N VAL B 333 -59.52 4.17 -31.17
CA VAL B 333 -60.67 4.75 -30.51
C VAL B 333 -60.71 4.12 -29.12
N THR B 334 -60.97 4.93 -28.10
CA THR B 334 -61.03 4.40 -26.74
C THR B 334 -62.35 3.70 -26.49
N ASN B 335 -63.45 4.39 -26.78
CA ASN B 335 -64.78 3.82 -26.58
C ASN B 335 -65.45 3.48 -27.89
N VAL B 336 -65.98 2.26 -27.99
CA VAL B 336 -66.67 1.81 -29.18
C VAL B 336 -67.63 2.87 -29.69
N LYS B 337 -68.35 3.48 -28.76
CA LYS B 337 -69.34 4.50 -29.08
C LYS B 337 -68.80 5.62 -29.97
N ASP B 338 -67.51 5.92 -29.85
CA ASP B 338 -66.89 6.99 -30.62
C ASP B 338 -66.34 6.57 -31.99
N LEU B 339 -66.32 5.27 -32.26
CA LEU B 339 -65.82 4.79 -33.54
C LEU B 339 -66.67 5.31 -34.68
N THR B 340 -66.03 5.66 -35.79
CA THR B 340 -66.73 6.15 -36.96
C THR B 340 -65.98 5.70 -38.20
N PRO B 341 -66.61 5.75 -39.38
CA PRO B 341 -65.91 5.32 -40.60
C PRO B 341 -64.55 5.98 -40.81
N GLU B 342 -64.44 7.25 -40.43
CA GLU B 342 -63.20 7.99 -40.60
C GLU B 342 -62.05 7.47 -39.72
N ASP B 343 -62.38 6.64 -38.74
CA ASP B 343 -61.36 6.07 -37.86
C ASP B 343 -60.83 4.76 -38.42
N LEU B 344 -61.54 4.20 -39.39
CA LEU B 344 -61.15 2.94 -39.98
C LEU B 344 -59.91 3.00 -40.85
N GLY B 345 -59.07 1.97 -40.75
CA GLY B 345 -57.85 1.91 -41.52
C GLY B 345 -58.00 0.96 -42.70
N TYR B 346 -56.95 0.82 -43.49
CA TYR B 346 -57.00 -0.05 -44.66
C TYR B 346 -55.85 -1.06 -44.76
N ALA B 347 -56.17 -2.25 -45.26
CA ALA B 347 -55.18 -3.30 -45.46
C ALA B 347 -55.64 -4.11 -46.65
N GLU B 348 -54.74 -4.29 -47.62
CA GLU B 348 -55.07 -5.06 -48.80
C GLU B 348 -55.51 -6.47 -48.40
N VAL B 349 -54.88 -7.01 -47.36
CA VAL B 349 -55.21 -8.34 -46.87
C VAL B 349 -54.94 -8.50 -45.38
N VAL B 350 -55.90 -9.04 -44.65
CA VAL B 350 -55.72 -9.33 -43.24
C VAL B 350 -56.04 -10.80 -43.21
N GLU B 351 -55.12 -11.62 -42.72
CA GLU B 351 -55.37 -13.05 -42.70
C GLU B 351 -54.61 -13.80 -41.62
N GLU B 352 -55.25 -14.86 -41.14
CA GLU B 352 -54.66 -15.71 -40.12
C GLU B 352 -53.95 -16.86 -40.83
N ARG B 353 -52.64 -16.94 -40.66
CA ARG B 353 -51.85 -18.00 -41.28
C ARG B 353 -51.05 -18.72 -40.22
N LYS B 354 -50.77 -19.99 -40.47
CA LYS B 354 -50.01 -20.80 -39.54
C LYS B 354 -48.55 -20.89 -39.94
N LEU B 355 -47.66 -20.50 -39.03
CA LEU B 355 -46.22 -20.57 -39.26
C LEU B 355 -45.72 -21.64 -38.32
N ALA B 356 -45.15 -22.71 -38.87
CA ALA B 356 -44.67 -23.81 -38.05
C ALA B 356 -45.80 -24.26 -37.13
N GLY B 357 -46.99 -24.45 -37.71
CA GLY B 357 -48.15 -24.89 -36.95
C GLY B 357 -48.73 -23.95 -35.91
N GLU B 358 -48.35 -22.68 -35.94
CA GLU B 358 -48.87 -21.72 -34.96
C GLU B 358 -49.57 -20.56 -35.65
N ASN B 359 -50.80 -20.28 -35.22
CA ASN B 359 -51.59 -19.22 -35.82
C ASN B 359 -51.08 -17.81 -35.58
N MET B 360 -51.10 -17.01 -36.64
CA MET B 360 -50.68 -15.63 -36.56
C MET B 360 -51.52 -14.83 -37.52
N ILE B 361 -51.52 -13.52 -37.33
CA ILE B 361 -52.31 -12.66 -38.19
C ILE B 361 -51.44 -11.70 -38.96
N PHE B 362 -51.66 -11.67 -40.27
CA PHE B 362 -50.92 -10.80 -41.16
C PHE B 362 -51.80 -9.64 -41.64
N VAL B 363 -51.30 -8.43 -41.44
CA VAL B 363 -51.99 -7.23 -41.90
C VAL B 363 -51.00 -6.69 -42.92
N GLU B 364 -51.23 -7.04 -44.18
CA GLU B 364 -50.34 -6.64 -45.26
C GLU B 364 -50.94 -5.84 -46.41
N GLY B 365 -50.06 -5.27 -47.22
CA GLY B 365 -50.50 -4.48 -48.35
C GLY B 365 -51.11 -3.17 -47.95
N CYS B 366 -50.59 -2.57 -46.88
CA CYS B 366 -51.09 -1.28 -46.42
C CYS B 366 -50.64 -0.22 -47.42
N LYS B 367 -51.37 0.88 -47.47
CA LYS B 367 -51.07 1.96 -48.40
C LYS B 367 -49.68 2.56 -48.19
N ASN B 368 -49.57 3.54 -47.31
CA ASN B 368 -48.26 4.14 -47.05
C ASN B 368 -47.95 3.91 -45.58
N PRO B 369 -47.72 2.65 -45.20
CA PRO B 369 -47.43 2.30 -43.81
C PRO B 369 -46.33 3.13 -43.17
N LYS B 370 -46.57 3.55 -41.92
CA LYS B 370 -45.62 4.34 -41.16
C LYS B 370 -44.97 3.43 -40.11
N ALA B 371 -45.44 2.19 -40.07
CA ALA B 371 -44.91 1.17 -39.17
C ALA B 371 -44.84 -0.06 -40.06
N VAL B 372 -43.78 -0.85 -39.90
CA VAL B 372 -43.62 -2.02 -40.73
C VAL B 372 -43.09 -3.21 -39.94
N THR B 373 -43.14 -4.40 -40.54
CA THR B 373 -42.68 -5.59 -39.86
C THR B 373 -41.74 -6.49 -40.65
N ILE B 374 -40.59 -6.81 -40.06
CA ILE B 374 -39.67 -7.73 -40.70
C ILE B 374 -39.89 -9.10 -40.05
N LEU B 375 -40.45 -10.02 -40.84
CA LEU B 375 -40.73 -11.38 -40.37
C LEU B 375 -39.46 -12.18 -40.55
N ILE B 376 -38.91 -12.66 -39.45
CA ILE B 376 -37.68 -13.44 -39.48
C ILE B 376 -37.90 -14.94 -39.37
N ARG B 377 -37.32 -15.70 -40.29
CA ARG B 377 -37.43 -17.15 -40.24
C ARG B 377 -36.03 -17.71 -40.00
N GLY B 378 -35.94 -18.99 -39.67
CA GLY B 378 -34.63 -19.60 -39.41
C GLY B 378 -34.81 -21.03 -38.94
N GLY B 379 -33.83 -21.89 -39.22
CA GLY B 379 -33.94 -23.29 -38.84
C GLY B 379 -33.87 -23.58 -37.36
N THR B 380 -33.63 -22.57 -36.54
CA THR B 380 -33.51 -22.76 -35.10
C THR B 380 -33.86 -21.47 -34.36
N GLU B 381 -34.31 -21.58 -33.11
CA GLU B 381 -34.64 -20.40 -32.32
C GLU B 381 -33.36 -19.58 -32.10
N HIS B 382 -32.27 -20.27 -31.80
CA HIS B 382 -31.01 -19.56 -31.58
C HIS B 382 -30.57 -18.83 -32.84
N VAL B 383 -30.77 -19.44 -34.00
CA VAL B 383 -30.39 -18.79 -35.24
C VAL B 383 -31.20 -17.52 -35.42
N ILE B 384 -32.49 -17.65 -35.22
CA ILE B 384 -33.39 -16.52 -35.37
C ILE B 384 -33.12 -15.38 -34.40
N ASP B 385 -32.72 -15.69 -33.16
CA ASP B 385 -32.43 -14.62 -32.22
C ASP B 385 -31.23 -13.83 -32.71
N GLU B 386 -30.21 -14.52 -33.21
CA GLU B 386 -29.00 -13.86 -33.68
C GLU B 386 -29.29 -13.05 -34.94
N VAL B 387 -30.14 -13.57 -35.83
CA VAL B 387 -30.48 -12.83 -37.03
C VAL B 387 -31.17 -11.52 -36.63
N GLU B 388 -31.94 -11.58 -35.55
CA GLU B 388 -32.64 -10.39 -35.05
C GLU B 388 -31.60 -9.37 -34.59
N ARG B 389 -30.61 -9.83 -33.84
CA ARG B 389 -29.57 -8.91 -33.37
C ARG B 389 -28.85 -8.27 -34.56
N ALA B 390 -28.60 -9.06 -35.60
CA ALA B 390 -27.94 -8.53 -36.79
C ALA B 390 -28.81 -7.46 -37.43
N LEU B 391 -30.11 -7.73 -37.52
CA LEU B 391 -31.05 -6.77 -38.11
C LEU B 391 -31.19 -5.50 -37.28
N GLU B 392 -31.06 -5.63 -35.96
CA GLU B 392 -31.16 -4.46 -35.09
C GLU B 392 -30.01 -3.51 -35.39
N ASP B 393 -28.82 -4.07 -35.59
CA ASP B 393 -27.65 -3.26 -35.91
C ASP B 393 -27.82 -2.60 -37.28
N ALA B 394 -28.21 -3.40 -38.26
CA ALA B 394 -28.40 -2.91 -39.62
C ALA B 394 -29.39 -1.75 -39.67
N VAL B 395 -30.52 -1.91 -39.00
CA VAL B 395 -31.54 -0.86 -38.99
C VAL B 395 -31.02 0.39 -38.31
N LYS B 396 -30.19 0.23 -37.28
CA LYS B 396 -29.63 1.37 -36.56
C LYS B 396 -28.61 2.15 -37.41
N VAL B 397 -27.74 1.43 -38.11
CA VAL B 397 -26.73 2.11 -38.93
C VAL B 397 -27.41 2.81 -40.11
N VAL B 398 -28.41 2.16 -40.69
CA VAL B 398 -29.14 2.77 -41.80
C VAL B 398 -29.78 4.05 -41.29
N LYS B 399 -30.27 4.00 -40.05
CA LYS B 399 -30.88 5.16 -39.42
C LYS B 399 -29.82 6.26 -39.24
N ASP B 400 -28.65 5.88 -38.72
CA ASP B 400 -27.56 6.83 -38.51
C ASP B 400 -27.28 7.67 -39.75
N VAL B 401 -27.20 7.01 -40.90
CA VAL B 401 -26.91 7.71 -42.15
C VAL B 401 -28.05 8.57 -42.68
N MET B 402 -29.30 8.15 -42.46
CA MET B 402 -30.43 8.94 -42.92
C MET B 402 -30.62 10.19 -42.05
N GLU B 403 -30.31 10.07 -40.77
CA GLU B 403 -30.47 11.20 -39.84
C GLU B 403 -29.27 12.13 -39.95
N ASP B 404 -28.15 11.50 -40.03
CA ASP B 404 -26.95 12.28 -40.21
C ASP B 404 -26.78 12.58 -41.72
N GLY B 405 -26.07 11.73 -42.44
CA GLY B 405 -25.81 11.98 -43.85
C GLY B 405 -24.31 12.01 -44.10
N ALA B 406 -23.60 11.25 -43.30
CA ALA B 406 -22.15 11.15 -43.42
C ALA B 406 -21.71 9.72 -43.15
N VAL B 407 -20.80 9.23 -43.97
CA VAL B 407 -20.29 7.88 -43.84
C VAL B 407 -18.77 7.94 -43.84
N LEU B 408 -18.16 6.80 -43.55
CA LEU B 408 -16.71 6.71 -43.52
C LEU B 408 -16.29 5.37 -44.07
N PRO B 409 -15.06 5.28 -44.59
CA PRO B 409 -14.64 3.98 -45.10
C PRO B 409 -14.48 3.10 -43.87
N ALA B 410 -14.46 1.79 -44.04
CA ALA B 410 -14.31 0.90 -42.91
C ALA B 410 -12.92 0.26 -42.95
N GLY B 411 -12.84 -1.01 -42.58
CA GLY B 411 -11.58 -1.73 -42.60
C GLY B 411 -10.41 -1.06 -41.89
N GLY B 412 -10.69 -0.34 -40.82
CA GLY B 412 -9.62 0.32 -40.08
C GLY B 412 -9.14 1.62 -40.71
N ALA B 413 -9.71 1.97 -41.85
CA ALA B 413 -9.33 3.18 -42.57
C ALA B 413 -9.44 4.47 -41.76
N PRO B 414 -10.57 4.68 -41.07
CA PRO B 414 -10.68 5.92 -40.28
C PRO B 414 -9.64 6.01 -39.18
N GLU B 415 -9.38 4.89 -38.51
CA GLU B 415 -8.40 4.90 -37.42
C GLU B 415 -6.97 5.11 -37.92
N ILE B 416 -6.67 4.66 -39.12
CA ILE B 416 -5.33 4.85 -39.67
C ILE B 416 -5.16 6.34 -39.97
N GLU B 417 -6.20 6.92 -40.57
CA GLU B 417 -6.17 8.35 -40.88
C GLU B 417 -5.92 9.08 -39.58
N LEU B 418 -6.70 8.76 -38.57
CA LEU B 418 -6.56 9.40 -37.26
C LEU B 418 -5.17 9.24 -36.68
N ALA B 419 -4.66 8.01 -36.66
CA ALA B 419 -3.33 7.76 -36.13
C ALA B 419 -2.32 8.65 -36.82
N ILE B 420 -2.41 8.72 -38.15
CA ILE B 420 -1.49 9.52 -38.93
C ILE B 420 -1.58 11.00 -38.60
N ARG B 421 -2.78 11.53 -38.49
CA ARG B 421 -2.95 12.95 -38.18
C ARG B 421 -2.71 13.31 -36.73
N LEU B 422 -3.10 12.43 -35.81
CA LEU B 422 -2.90 12.73 -34.40
C LEU B 422 -1.41 12.73 -34.09
N ASP B 423 -0.65 11.96 -34.86
CA ASP B 423 0.80 11.89 -34.67
C ASP B 423 1.43 13.24 -34.99
N GLU B 424 0.92 13.89 -36.04
CA GLU B 424 1.43 15.19 -36.42
C GLU B 424 0.97 16.22 -35.41
N TYR B 425 -0.29 16.11 -35.01
CA TYR B 425 -0.87 17.02 -34.01
C TYR B 425 0.01 16.95 -32.76
N ALA B 426 0.43 15.75 -32.41
CA ALA B 426 1.28 15.57 -31.24
C ALA B 426 2.47 16.50 -31.35
N LYS B 427 3.13 16.45 -32.50
CA LYS B 427 4.31 17.28 -32.75
C LYS B 427 4.08 18.76 -32.58
N GLN B 428 2.92 19.26 -32.99
CA GLN B 428 2.66 20.69 -32.83
C GLN B 428 2.35 21.06 -31.38
N VAL B 429 1.98 20.07 -30.57
CA VAL B 429 1.68 20.32 -29.17
C VAL B 429 2.96 20.14 -28.36
N GLY B 430 3.75 19.14 -28.73
CA GLY B 430 4.99 18.87 -28.04
C GLY B 430 4.88 18.68 -26.53
N GLY B 431 6.03 18.41 -25.90
CA GLY B 431 6.05 18.22 -24.47
C GLY B 431 5.62 16.83 -24.03
N LYS B 432 5.34 16.69 -22.75
CA LYS B 432 4.92 15.41 -22.21
C LYS B 432 3.51 15.11 -22.70
N GLU B 433 2.75 16.17 -23.00
CA GLU B 433 1.40 16.01 -23.49
C GLU B 433 1.43 15.37 -24.89
N ALA B 434 2.43 15.71 -25.69
CA ALA B 434 2.55 15.15 -27.04
C ALA B 434 2.80 13.66 -26.95
N LEU B 435 3.51 13.24 -25.91
CA LEU B 435 3.80 11.82 -25.68
C LEU B 435 2.49 11.07 -25.52
N ALA B 436 1.56 11.68 -24.79
CA ALA B 436 0.26 11.06 -24.56
C ALA B 436 -0.58 11.08 -25.84
N ILE B 437 -0.53 12.18 -26.57
CA ILE B 437 -1.28 12.28 -27.83
C ILE B 437 -0.75 11.21 -28.80
N GLU B 438 0.55 10.97 -28.75
CA GLU B 438 1.20 9.98 -29.61
C GLU B 438 0.72 8.56 -29.29
N ASN B 439 0.64 8.26 -27.99
CA ASN B 439 0.20 6.95 -27.53
C ASN B 439 -1.27 6.73 -27.84
N PHE B 440 -2.05 7.80 -27.83
CA PHE B 440 -3.46 7.76 -28.14
C PHE B 440 -3.62 7.40 -29.61
N ALA B 441 -2.79 8.01 -30.46
CA ALA B 441 -2.82 7.77 -31.89
C ALA B 441 -2.41 6.33 -32.20
N ASP B 442 -1.42 5.84 -31.45
CA ASP B 442 -0.93 4.47 -31.63
C ASP B 442 -1.97 3.46 -31.21
N ALA B 443 -2.74 3.81 -30.18
CA ALA B 443 -3.77 2.94 -29.66
C ALA B 443 -4.84 2.67 -30.72
N LEU B 444 -5.22 3.71 -31.46
CA LEU B 444 -6.24 3.55 -32.49
C LEU B 444 -5.92 2.44 -33.49
N LYS B 445 -4.67 2.00 -33.53
CA LYS B 445 -4.28 0.97 -34.46
C LYS B 445 -4.73 -0.45 -34.12
N ILE B 446 -5.26 -0.69 -32.91
CA ILE B 446 -5.69 -2.05 -32.59
C ILE B 446 -6.82 -2.45 -33.50
N ILE B 447 -7.50 -1.49 -34.10
CA ILE B 447 -8.60 -1.86 -34.97
C ILE B 447 -8.07 -2.57 -36.22
N PRO B 448 -7.21 -1.90 -37.01
CA PRO B 448 -6.69 -2.54 -38.21
C PRO B 448 -5.96 -3.82 -37.79
N LYS B 449 -5.21 -3.71 -36.69
CA LYS B 449 -4.44 -4.84 -36.18
C LYS B 449 -5.30 -6.05 -35.85
N THR B 450 -6.41 -5.85 -35.15
CA THR B 450 -7.25 -6.97 -34.79
C THR B 450 -8.08 -7.46 -35.97
N LEU B 451 -8.38 -6.56 -36.92
CA LEU B 451 -9.13 -6.98 -38.09
C LEU B 451 -8.26 -8.03 -38.80
N ALA B 452 -6.97 -7.77 -38.84
CA ALA B 452 -6.00 -8.64 -39.47
C ALA B 452 -5.75 -9.89 -38.64
N GLU B 453 -5.57 -9.69 -37.33
CA GLU B 453 -5.31 -10.81 -36.43
C GLU B 453 -6.42 -11.86 -36.50
N ASN B 454 -7.67 -11.41 -36.38
CA ASN B 454 -8.79 -12.34 -36.46
C ASN B 454 -8.81 -13.08 -37.80
N ALA B 455 -8.26 -12.44 -38.84
CA ALA B 455 -8.20 -13.05 -40.17
C ALA B 455 -6.98 -13.96 -40.34
N GLY B 456 -6.14 -14.03 -39.32
CA GLY B 456 -4.96 -14.87 -39.39
C GLY B 456 -3.80 -14.31 -40.20
N LEU B 457 -3.88 -13.03 -40.54
CA LEU B 457 -2.82 -12.40 -41.33
C LEU B 457 -1.70 -11.94 -40.41
N ASP B 458 -0.56 -11.60 -40.98
CA ASP B 458 0.58 -11.12 -40.21
C ASP B 458 0.33 -9.68 -39.82
N THR B 459 0.00 -9.47 -38.55
CA THR B 459 -0.28 -8.16 -38.00
C THR B 459 0.78 -7.10 -38.22
N VAL B 460 2.03 -7.44 -37.93
CA VAL B 460 3.12 -6.48 -38.09
C VAL B 460 3.31 -5.99 -39.52
N GLU B 461 3.24 -6.93 -40.47
CA GLU B 461 3.42 -6.58 -41.88
C GLU B 461 2.20 -5.92 -42.49
N MET B 462 1.01 -6.38 -42.12
CA MET B 462 -0.22 -5.77 -42.64
C MET B 462 -0.25 -4.30 -42.25
N LEU B 463 0.09 -4.01 -41.00
CA LEU B 463 0.08 -2.64 -40.51
C LEU B 463 1.03 -1.76 -41.31
N VAL B 464 2.23 -2.26 -41.57
CA VAL B 464 3.20 -1.50 -42.34
C VAL B 464 2.66 -1.18 -43.73
N LYS B 465 2.16 -2.21 -44.42
CA LYS B 465 1.62 -2.05 -45.75
C LYS B 465 0.40 -1.13 -45.84
N VAL B 466 -0.51 -1.26 -44.88
CA VAL B 466 -1.71 -0.43 -44.88
C VAL B 466 -1.41 1.04 -44.62
N ILE B 467 -0.58 1.29 -43.61
CA ILE B 467 -0.22 2.65 -43.27
C ILE B 467 0.51 3.33 -44.42
N SER B 468 1.35 2.57 -45.13
CA SER B 468 2.11 3.11 -46.24
C SER B 468 1.18 3.47 -47.41
N GLU B 469 0.36 2.50 -47.82
CA GLU B 469 -0.61 2.71 -48.89
C GLU B 469 -1.55 3.85 -48.55
N HIS B 470 -2.02 3.88 -47.31
CA HIS B 470 -2.94 4.93 -46.86
C HIS B 470 -2.31 6.31 -47.03
N LYS B 471 -1.03 6.42 -46.70
CA LYS B 471 -0.32 7.69 -46.85
C LYS B 471 -0.21 8.04 -48.33
N ASN B 472 -0.10 7.02 -49.18
CA ASN B 472 0.02 7.25 -50.61
C ASN B 472 -1.31 7.47 -51.33
N ARG B 473 -2.30 6.64 -51.04
CA ARG B 473 -3.58 6.72 -51.72
C ARG B 473 -4.72 7.44 -51.00
N GLY B 474 -4.58 7.69 -49.70
CA GLY B 474 -5.63 8.43 -49.00
C GLY B 474 -6.57 7.77 -48.02
N LEU B 475 -7.52 8.58 -47.56
CA LEU B 475 -8.56 8.19 -46.59
C LEU B 475 -9.22 6.84 -46.76
N GLY B 476 -9.51 6.46 -48.00
CA GLY B 476 -10.18 5.20 -48.21
C GLY B 476 -9.39 3.93 -47.99
N ILE B 477 -8.08 4.04 -47.82
CA ILE B 477 -7.26 2.85 -47.64
C ILE B 477 -7.35 2.20 -46.27
N GLY B 478 -7.83 0.97 -46.26
CA GLY B 478 -7.95 0.21 -45.04
C GLY B 478 -7.53 -1.22 -45.34
N ILE B 479 -7.70 -2.13 -44.39
CA ILE B 479 -7.32 -3.52 -44.61
C ILE B 479 -8.46 -4.34 -45.17
N ASP B 480 -8.15 -5.21 -46.12
CA ASP B 480 -9.13 -6.10 -46.71
C ASP B 480 -8.76 -7.47 -46.19
N VAL B 481 -9.53 -7.95 -45.21
CA VAL B 481 -9.25 -9.25 -44.59
C VAL B 481 -9.49 -10.48 -45.47
N PHE B 482 -10.15 -10.27 -46.61
CA PHE B 482 -10.43 -11.36 -47.54
C PHE B 482 -9.27 -11.51 -48.52
N GLU B 483 -8.86 -10.39 -49.09
CA GLU B 483 -7.76 -10.39 -50.04
C GLU B 483 -6.45 -10.42 -49.28
N GLY B 484 -6.51 -10.07 -48.00
CA GLY B 484 -5.32 -10.07 -47.17
C GLY B 484 -4.34 -8.98 -47.58
N LYS B 485 -4.85 -7.79 -47.86
CA LYS B 485 -3.98 -6.68 -48.25
C LYS B 485 -4.70 -5.34 -48.21
N PRO B 486 -3.94 -4.24 -48.21
CA PRO B 486 -4.55 -2.90 -48.18
C PRO B 486 -5.48 -2.75 -49.37
N ALA B 487 -6.54 -1.96 -49.21
CA ALA B 487 -7.48 -1.76 -50.30
C ALA B 487 -8.28 -0.48 -50.07
N ASP B 488 -8.85 0.07 -51.14
CA ASP B 488 -9.66 1.27 -51.02
C ASP B 488 -11.04 0.78 -50.59
N MET B 489 -11.35 0.92 -49.31
CA MET B 489 -12.63 0.47 -48.79
C MET B 489 -13.78 1.18 -49.48
N LEU B 490 -13.56 2.42 -49.90
CA LEU B 490 -14.59 3.19 -50.58
C LEU B 490 -14.97 2.54 -51.91
N GLU B 491 -13.98 2.10 -52.68
CA GLU B 491 -14.24 1.46 -53.97
C GLU B 491 -15.01 0.16 -53.74
N LYS B 492 -14.61 -0.59 -52.72
CA LYS B 492 -15.24 -1.86 -52.39
C LYS B 492 -16.66 -1.68 -51.86
N GLY B 493 -16.99 -0.48 -51.42
CA GLY B 493 -18.31 -0.24 -50.89
C GLY B 493 -18.42 -0.66 -49.42
N ILE B 494 -17.28 -0.78 -48.76
CA ILE B 494 -17.20 -1.16 -47.35
C ILE B 494 -17.16 0.11 -46.51
N ILE B 495 -18.34 0.60 -46.14
CA ILE B 495 -18.45 1.83 -45.38
C ILE B 495 -19.28 1.68 -44.11
N GLU B 496 -19.14 2.65 -43.20
CA GLU B 496 -19.85 2.65 -41.95
C GLU B 496 -20.29 4.06 -41.63
N PRO B 497 -21.35 4.23 -40.82
CA PRO B 497 -21.81 5.58 -40.48
C PRO B 497 -20.76 6.36 -39.70
N LEU B 498 -20.74 7.67 -39.92
CA LEU B 498 -19.80 8.57 -39.25
C LEU B 498 -20.04 8.45 -37.74
N ARG B 499 -21.31 8.37 -37.36
CA ARG B 499 -21.70 8.29 -35.94
C ARG B 499 -21.04 7.18 -35.16
N VAL B 500 -20.75 6.07 -35.81
CA VAL B 500 -20.11 4.95 -35.15
C VAL B 500 -18.73 5.33 -34.62
N LYS B 501 -17.88 5.85 -35.48
CA LYS B 501 -16.54 6.27 -35.04
C LYS B 501 -16.59 7.40 -34.01
N LYS B 502 -17.42 8.42 -34.26
CA LYS B 502 -17.50 9.53 -33.34
C LYS B 502 -17.88 9.10 -31.92
N GLN B 503 -18.91 8.27 -31.79
CA GLN B 503 -19.35 7.82 -30.48
C GLN B 503 -18.31 6.89 -29.84
N ALA B 504 -17.73 6.03 -30.66
CA ALA B 504 -16.75 5.08 -30.19
C ALA B 504 -15.56 5.79 -29.56
N ILE B 505 -15.07 6.83 -30.20
CA ILE B 505 -13.92 7.55 -29.67
C ILE B 505 -14.31 8.31 -28.41
N LYS B 506 -15.51 8.88 -28.41
CA LYS B 506 -15.97 9.62 -27.24
C LYS B 506 -16.12 8.73 -26.01
N SER B 507 -16.83 7.62 -26.16
CA SER B 507 -17.05 6.73 -25.03
C SER B 507 -15.77 6.03 -24.59
N ALA B 508 -14.95 5.64 -25.55
CA ALA B 508 -13.70 4.96 -25.25
C ALA B 508 -12.73 5.89 -24.52
N SER B 509 -12.65 7.13 -24.97
CA SER B 509 -11.71 8.07 -24.36
C SER B 509 -12.14 8.62 -23.00
N GLU B 510 -13.44 8.91 -22.84
CA GLU B 510 -13.88 9.44 -21.55
C GLU B 510 -13.82 8.37 -20.48
N ALA B 511 -14.05 7.12 -20.87
CA ALA B 511 -14.00 6.01 -19.92
C ALA B 511 -12.53 5.75 -19.53
N ALA B 512 -11.64 5.79 -20.52
CA ALA B 512 -10.21 5.57 -20.28
C ALA B 512 -9.67 6.65 -19.39
N ILE B 513 -9.97 7.90 -19.73
CA ILE B 513 -9.48 8.99 -18.90
C ILE B 513 -9.97 8.80 -17.46
N MET B 514 -11.27 8.54 -17.29
CA MET B 514 -11.81 8.34 -15.95
C MET B 514 -11.11 7.21 -15.19
N ILE B 515 -10.84 6.10 -15.87
CA ILE B 515 -10.18 4.99 -15.19
C ILE B 515 -8.76 5.40 -14.84
N LEU B 516 -8.16 6.19 -15.71
CA LEU B 516 -6.81 6.66 -15.54
C LEU B 516 -6.62 7.58 -14.34
N ARG B 517 -7.66 8.29 -13.93
CA ARG B 517 -7.56 9.20 -12.79
C ARG B 517 -7.74 8.50 -11.44
N ILE B 518 -8.05 7.20 -11.47
CA ILE B 518 -8.25 6.47 -10.24
C ILE B 518 -6.92 6.00 -9.64
N ASP B 519 -6.66 6.35 -8.39
CA ASP B 519 -5.42 5.91 -7.74
C ASP B 519 -5.74 5.39 -6.34
N ASP B 520 -7.02 5.10 -6.13
CA ASP B 520 -7.49 4.57 -4.86
C ASP B 520 -8.77 3.78 -5.10
N VAL B 521 -8.73 2.49 -4.78
CA VAL B 521 -9.88 1.60 -4.92
C VAL B 521 -10.21 1.02 -3.55
N ILE B 522 -11.41 1.29 -3.07
CA ILE B 522 -11.84 0.79 -1.76
C ILE B 522 -13.14 0.00 -1.97
N ALA B 523 -13.05 -1.31 -1.82
CA ALA B 523 -14.22 -2.17 -2.02
C ALA B 523 -14.67 -2.84 -0.74
N ALA B 524 -15.94 -2.67 -0.40
CA ALA B 524 -16.50 -3.26 0.81
C ALA B 524 -16.58 -4.78 0.65
N LYS B 525 -16.79 -5.48 1.77
CA LYS B 525 -16.92 -6.93 1.77
C LYS B 525 -18.36 -7.26 1.36
N ALA B 526 -18.52 -8.06 0.31
CA ALA B 526 -19.85 -8.42 -0.18
C ALA B 526 -20.66 -9.25 0.82
N VAL C 9 -1.50 -11.28 -8.87
CA VAL C 9 -0.81 -12.54 -9.10
C VAL C 9 -0.17 -12.91 -7.76
N VAL C 10 -0.61 -14.02 -7.18
CA VAL C 10 -0.11 -14.47 -5.89
C VAL C 10 1.42 -14.61 -5.82
N ILE C 11 2.06 -13.63 -5.22
CA ILE C 11 3.52 -13.64 -5.07
C ILE C 11 3.86 -14.11 -3.66
N LEU C 12 3.21 -13.50 -2.68
CA LEU C 12 3.43 -13.85 -1.28
C LEU C 12 2.34 -14.77 -0.77
N PRO C 13 2.69 -15.68 0.15
CA PRO C 13 1.76 -16.64 0.75
C PRO C 13 0.58 -15.93 1.42
N GLU C 14 -0.60 -16.54 1.37
CA GLU C 14 -1.77 -15.93 1.99
C GLU C 14 -1.44 -15.82 3.48
N GLY C 15 -1.89 -14.73 4.10
CA GLY C 15 -1.62 -14.54 5.50
C GLY C 15 -0.49 -13.56 5.72
N THR C 16 0.47 -13.53 4.80
CA THR C 16 1.59 -12.60 4.90
C THR C 16 1.06 -11.18 4.94
N GLN C 17 1.50 -10.40 5.92
CA GLN C 17 1.06 -9.02 6.02
C GLN C 17 2.22 -8.13 5.60
N ARG C 18 1.91 -7.05 4.89
CA ARG C 18 2.95 -6.16 4.41
C ARG C 18 2.57 -4.70 4.57
N TYR C 19 3.54 -3.89 4.99
CA TYR C 19 3.35 -2.46 5.19
C TYR C 19 4.47 -1.79 4.42
N VAL C 20 4.12 -0.79 3.62
CA VAL C 20 5.08 -0.10 2.79
C VAL C 20 5.12 1.40 3.01
N GLY C 21 6.29 2.00 2.77
CA GLY C 21 6.44 3.43 2.91
C GLY C 21 6.03 4.05 4.22
N ARG C 22 5.20 5.09 4.15
CA ARG C 22 4.73 5.81 5.31
C ARG C 22 4.08 4.91 6.36
N ASP C 23 3.34 3.89 5.90
CA ASP C 23 2.69 2.97 6.84
C ASP C 23 3.74 2.16 7.58
N ALA C 24 4.79 1.77 6.87
CA ALA C 24 5.85 1.00 7.50
C ALA C 24 6.47 1.87 8.58
N GLN C 25 6.81 3.11 8.23
CA GLN C 25 7.42 4.04 9.18
C GLN C 25 6.51 4.30 10.39
N ARG C 26 5.27 4.64 10.11
CA ARG C 26 4.29 4.91 11.16
C ARG C 26 4.15 3.75 12.13
N LEU C 27 3.96 2.55 11.59
CA LEU C 27 3.79 1.38 12.43
C LEU C 27 5.05 1.08 13.24
N ASN C 28 6.21 1.14 12.59
CA ASN C 28 7.46 0.88 13.29
C ASN C 28 7.74 1.90 14.38
N ILE C 29 7.65 3.17 14.04
CA ILE C 29 7.90 4.23 15.01
C ILE C 29 6.92 4.17 16.20
N LEU C 30 5.64 3.94 15.89
CA LEU C 30 4.63 3.88 16.94
C LEU C 30 4.91 2.73 17.91
N ALA C 31 5.31 1.58 17.38
CA ALA C 31 5.60 0.44 18.23
C ALA C 31 6.80 0.73 19.13
N ALA C 32 7.86 1.29 18.56
CA ALA C 32 9.04 1.62 19.35
C ALA C 32 8.71 2.68 20.39
N ARG C 33 7.94 3.71 19.99
CA ARG C 33 7.57 4.77 20.92
C ARG C 33 6.78 4.24 22.12
N ILE C 34 5.87 3.30 21.88
CA ILE C 34 5.03 2.75 22.93
C ILE C 34 5.85 1.92 23.92
N ILE C 35 6.85 1.22 23.42
CA ILE C 35 7.71 0.43 24.29
C ILE C 35 8.50 1.39 25.15
N ALA C 36 9.02 2.45 24.54
CA ALA C 36 9.78 3.44 25.28
C ALA C 36 8.86 4.05 26.32
N GLU C 37 7.63 4.35 25.94
CA GLU C 37 6.68 4.94 26.87
C GLU C 37 6.40 4.02 28.05
N THR C 38 6.29 2.73 27.76
CA THR C 38 6.00 1.74 28.79
C THR C 38 7.07 1.68 29.86
N VAL C 39 8.34 1.80 29.47
CA VAL C 39 9.43 1.74 30.45
C VAL C 39 9.89 3.08 31.02
N ARG C 40 9.59 4.19 30.34
CA ARG C 40 10.06 5.48 30.85
C ARG C 40 9.58 5.77 32.27
N THR C 41 8.48 5.14 32.67
CA THR C 41 7.96 5.38 34.01
C THR C 41 8.83 4.79 35.11
N THR C 42 9.82 3.98 34.75
CA THR C 42 10.72 3.41 35.75
C THR C 42 11.93 4.33 35.92
N LEU C 43 12.03 5.33 35.06
CA LEU C 43 13.18 6.22 35.08
C LEU C 43 13.34 7.15 36.27
N GLY C 44 14.54 7.11 36.85
CA GLY C 44 14.86 7.99 37.96
C GLY C 44 14.46 7.64 39.38
N PRO C 45 14.84 8.51 40.33
CA PRO C 45 14.59 8.42 41.77
C PRO C 45 13.11 8.24 42.13
N LYS C 46 12.22 8.71 41.26
CA LYS C 46 10.80 8.57 41.54
C LYS C 46 10.10 7.71 40.51
N GLY C 47 10.88 6.92 39.77
CA GLY C 47 10.31 6.03 38.79
C GLY C 47 9.78 4.82 39.54
N MET C 48 8.69 4.23 39.07
CA MET C 48 8.12 3.08 39.76
C MET C 48 8.48 1.73 39.15
N ASP C 49 7.93 0.66 39.72
CA ASP C 49 8.25 -0.69 39.26
C ASP C 49 7.14 -1.43 38.52
N LYS C 50 7.49 -2.57 37.94
CA LYS C 50 6.50 -3.36 37.23
C LYS C 50 6.42 -4.77 37.79
N MET C 51 5.25 -5.38 37.65
CA MET C 51 5.06 -6.75 38.10
C MET C 51 4.77 -7.51 36.82
N LEU C 52 5.65 -8.47 36.51
CA LEU C 52 5.48 -9.25 35.30
C LEU C 52 5.18 -10.70 35.62
N VAL C 53 4.07 -11.20 35.10
CA VAL C 53 3.66 -12.58 35.34
C VAL C 53 3.68 -13.35 34.02
N ASP C 54 4.56 -14.33 33.89
CA ASP C 54 4.63 -15.10 32.64
C ASP C 54 3.47 -16.08 32.54
N SER C 55 3.44 -16.85 31.44
CA SER C 55 2.36 -17.83 31.21
C SER C 55 2.30 -18.92 32.29
N LEU C 56 3.45 -19.29 32.83
CA LEU C 56 3.53 -20.32 33.88
C LEU C 56 3.24 -19.76 35.27
N GLY C 57 2.76 -18.51 35.33
CA GLY C 57 2.43 -17.90 36.60
C GLY C 57 3.60 -17.40 37.44
N ASP C 58 4.82 -17.50 36.90
CA ASP C 58 5.96 -17.01 37.61
C ASP C 58 5.93 -15.49 37.72
N ILE C 59 6.45 -14.93 38.78
CA ILE C 59 6.40 -13.48 38.99
C ILE C 59 7.74 -12.75 39.11
N VAL C 60 7.84 -11.61 38.44
CA VAL C 60 9.03 -10.78 38.50
C VAL C 60 8.62 -9.35 38.85
N VAL C 61 9.24 -8.80 39.88
CA VAL C 61 8.96 -7.43 40.29
C VAL C 61 10.27 -6.67 40.19
N THR C 62 10.36 -5.73 39.25
CA THR C 62 11.60 -4.99 39.07
C THR C 62 11.41 -3.57 38.58
N ASN C 63 12.51 -2.82 38.65
CA ASN C 63 12.55 -1.46 38.16
C ASN C 63 13.44 -1.50 36.92
N ASP C 64 14.15 -2.62 36.76
CA ASP C 64 15.09 -2.82 35.66
C ASP C 64 14.51 -3.03 34.27
N CYS C 65 14.75 -2.03 33.41
CA CYS C 65 14.29 -2.03 32.03
C CYS C 65 14.68 -3.29 31.24
N ALA C 66 15.96 -3.61 31.26
CA ALA C 66 16.48 -4.78 30.54
C ALA C 66 15.73 -6.04 30.94
N THR C 67 15.57 -6.22 32.25
CA THR C 67 14.87 -7.38 32.79
C THR C 67 13.42 -7.35 32.34
N ILE C 68 12.80 -6.17 32.42
CA ILE C 68 11.41 -6.01 32.00
C ILE C 68 11.17 -6.39 30.55
N LEU C 69 11.97 -5.82 29.64
CA LEU C 69 11.78 -6.11 28.21
C LEU C 69 12.13 -7.56 27.88
N ASP C 70 13.07 -8.11 28.63
CA ASP C 70 13.49 -9.49 28.43
C ASP C 70 12.35 -10.45 28.81
N LYS C 71 11.66 -10.18 29.92
CA LYS C 71 10.57 -11.02 30.39
C LYS C 71 9.24 -10.86 29.64
N ILE C 72 8.89 -9.65 29.23
CA ILE C 72 7.64 -9.43 28.51
C ILE C 72 7.69 -10.10 27.14
N ASP C 73 6.58 -10.71 26.74
CA ASP C 73 6.51 -11.39 25.45
C ASP C 73 6.09 -10.41 24.35
N LEU C 74 7.04 -9.63 23.85
CA LEU C 74 6.76 -8.64 22.82
C LEU C 74 6.47 -9.26 21.46
N GLN C 75 5.45 -8.73 20.78
CA GLN C 75 5.06 -9.24 19.48
C GLN C 75 5.63 -8.42 18.31
N HIS C 76 5.25 -7.15 18.20
CA HIS C 76 5.73 -6.32 17.12
C HIS C 76 7.25 -6.36 16.96
N PRO C 77 7.74 -6.46 15.72
CA PRO C 77 9.18 -6.52 15.45
C PRO C 77 9.94 -5.26 15.89
N ALA C 78 9.36 -4.10 15.60
CA ALA C 78 10.01 -2.85 15.96
C ALA C 78 10.18 -2.79 17.46
N ALA C 79 9.22 -3.34 18.19
CA ALA C 79 9.32 -3.38 19.64
C ALA C 79 10.45 -4.30 20.06
N LYS C 80 10.56 -5.45 19.39
CA LYS C 80 11.63 -6.41 19.70
C LYS C 80 13.01 -5.79 19.49
N MET C 81 13.14 -4.95 18.47
CA MET C 81 14.41 -4.30 18.20
C MET C 81 14.82 -3.41 19.37
N MET C 82 13.84 -2.83 20.04
CA MET C 82 14.12 -1.97 21.17
C MET C 82 14.73 -2.78 22.32
N VAL C 83 14.37 -4.06 22.40
CA VAL C 83 14.91 -4.92 23.46
C VAL C 83 16.43 -4.99 23.36
N GLU C 84 16.92 -5.08 22.13
CA GLU C 84 18.36 -5.17 21.91
C GLU C 84 19.07 -3.94 22.45
N VAL C 85 18.45 -2.78 22.31
CA VAL C 85 19.07 -1.55 22.82
C VAL C 85 19.30 -1.71 24.33
N ALA C 86 18.28 -2.16 25.06
CA ALA C 86 18.41 -2.35 26.50
C ALA C 86 19.39 -3.45 26.85
N LYS C 87 19.37 -4.55 26.09
CA LYS C 87 20.28 -5.64 26.37
C LYS C 87 21.74 -5.22 26.22
N THR C 88 22.07 -4.59 25.10
CA THR C 88 23.45 -4.17 24.86
C THR C 88 23.92 -3.11 25.86
N GLN C 89 23.03 -2.20 26.24
CA GLN C 89 23.38 -1.17 27.21
C GLN C 89 23.68 -1.83 28.56
N ASP C 90 22.92 -2.88 28.88
CA ASP C 90 23.09 -3.57 30.15
C ASP C 90 24.39 -4.33 30.25
N LYS C 91 24.83 -4.93 29.14
CA LYS C 91 26.07 -5.70 29.15
C LYS C 91 27.31 -4.83 29.12
N GLU C 92 27.21 -3.68 28.47
CA GLU C 92 28.36 -2.78 28.38
C GLU C 92 28.56 -1.88 29.60
N ALA C 93 27.48 -1.27 30.08
CA ALA C 93 27.60 -0.34 31.19
C ALA C 93 26.73 -0.55 32.43
N GLY C 94 25.80 -1.49 32.39
CA GLY C 94 24.95 -1.73 33.54
C GLY C 94 23.75 -0.81 33.62
N ASP C 95 23.97 0.44 34.02
CA ASP C 95 22.86 1.40 34.13
C ASP C 95 22.58 2.06 32.78
N GLY C 96 21.50 2.84 32.75
CA GLY C 96 21.12 3.54 31.54
C GLY C 96 20.32 2.71 30.55
N THR C 97 19.88 1.52 30.95
CA THR C 97 19.12 0.70 30.01
C THR C 97 17.81 1.38 29.69
N THR C 98 17.16 1.95 30.71
CA THR C 98 15.90 2.66 30.50
C THR C 98 16.17 3.92 29.66
N THR C 99 17.25 4.63 30.00
CA THR C 99 17.62 5.86 29.29
C THR C 99 17.82 5.59 27.80
N ALA C 100 18.59 4.56 27.49
CA ALA C 100 18.85 4.20 26.10
C ALA C 100 17.57 3.92 25.32
N VAL C 101 16.64 3.18 25.92
CA VAL C 101 15.40 2.87 25.22
C VAL C 101 14.52 4.11 25.08
N VAL C 102 14.41 4.90 26.14
CA VAL C 102 13.59 6.10 26.10
C VAL C 102 14.10 7.11 25.08
N ILE C 103 15.41 7.24 24.97
CA ILE C 103 15.97 8.17 24.00
C ILE C 103 15.69 7.62 22.60
N ALA C 104 15.89 6.31 22.42
CA ALA C 104 15.64 5.69 21.13
C ALA C 104 14.23 6.02 20.62
N GLY C 105 13.26 5.90 21.52
CA GLY C 105 11.89 6.18 21.15
C GLY C 105 11.63 7.63 20.81
N GLU C 106 12.22 8.54 21.58
CA GLU C 106 12.03 9.96 21.35
C GLU C 106 12.67 10.40 20.04
N LEU C 107 13.81 9.81 19.71
CA LEU C 107 14.52 10.08 18.46
C LEU C 107 13.61 9.76 17.27
N LEU C 108 12.95 8.60 17.33
CA LEU C 108 12.05 8.20 16.25
C LEU C 108 10.87 9.16 16.17
N ARG C 109 10.31 9.53 17.33
CA ARG C 109 9.19 10.44 17.38
C ARG C 109 9.53 11.76 16.68
N LYS C 110 10.68 12.35 17.03
CA LYS C 110 11.10 13.62 16.45
C LYS C 110 11.43 13.49 14.96
N ALA C 111 11.91 12.31 14.56
CA ALA C 111 12.26 12.09 13.17
C ALA C 111 11.01 12.00 12.30
N GLU C 112 9.90 11.49 12.85
CA GLU C 112 8.68 11.36 12.06
C GLU C 112 8.10 12.71 11.70
N GLU C 113 8.34 13.72 12.53
CA GLU C 113 7.84 15.05 12.22
C GLU C 113 8.50 15.51 10.91
N LEU C 114 9.73 15.05 10.69
CA LEU C 114 10.46 15.41 9.47
C LEU C 114 9.98 14.56 8.32
N LEU C 115 9.73 13.27 8.58
CA LEU C 115 9.24 12.39 7.54
C LEU C 115 7.94 12.99 7.03
N ASP C 116 7.11 13.43 7.96
CA ASP C 116 5.83 14.01 7.62
C ASP C 116 5.99 15.29 6.80
N GLN C 117 7.14 15.95 6.98
CA GLN C 117 7.46 17.18 6.26
C GLN C 117 8.04 16.85 4.88
N ASN C 118 8.16 15.55 4.62
CA ASN C 118 8.68 15.05 3.35
C ASN C 118 10.19 15.16 3.17
N ILE C 119 10.90 15.18 4.29
CA ILE C 119 12.35 15.23 4.22
C ILE C 119 12.76 13.77 4.09
N HIS C 120 13.61 13.49 3.10
CA HIS C 120 14.06 12.14 2.83
C HIS C 120 14.70 11.49 4.04
N PRO C 121 14.37 10.21 4.30
CA PRO C 121 14.95 9.51 5.44
C PRO C 121 16.47 9.47 5.38
N SER C 122 17.01 9.54 4.16
CA SER C 122 18.45 9.55 3.96
C SER C 122 19.04 10.81 4.61
N ILE C 123 18.33 11.93 4.47
CA ILE C 123 18.79 13.19 5.06
C ILE C 123 18.70 13.13 6.58
N ILE C 124 17.55 12.67 7.08
CA ILE C 124 17.33 12.57 8.53
C ILE C 124 18.36 11.64 9.15
N THR C 125 18.58 10.51 8.50
CA THR C 125 19.53 9.51 8.96
C THR C 125 20.96 10.06 9.03
N LYS C 126 21.35 10.84 8.04
CA LYS C 126 22.67 11.46 7.99
C LYS C 126 22.77 12.50 9.11
N GLY C 127 21.70 13.28 9.26
CA GLY C 127 21.69 14.29 10.29
C GLY C 127 21.84 13.67 11.66
N TYR C 128 21.18 12.54 11.86
CA TYR C 128 21.24 11.86 13.15
C TYR C 128 22.62 11.28 13.42
N ALA C 129 23.25 10.72 12.38
CA ALA C 129 24.57 10.13 12.53
C ALA C 129 25.55 11.24 12.90
N LEU C 130 25.44 12.40 12.24
CA LEU C 130 26.30 13.55 12.53
C LEU C 130 26.09 13.96 13.99
N ALA C 131 24.84 14.09 14.40
CA ALA C 131 24.54 14.48 15.77
C ALA C 131 25.07 13.48 16.80
N ALA C 132 24.86 12.19 16.54
CA ALA C 132 25.30 11.13 17.44
C ALA C 132 26.83 11.15 17.62
N GLU C 133 27.54 11.36 16.51
CA GLU C 133 28.99 11.40 16.56
C GLU C 133 29.48 12.67 17.27
N LYS C 134 28.81 13.79 17.03
CA LYS C 134 29.20 15.02 17.70
C LYS C 134 28.91 14.83 19.20
N ALA C 135 27.83 14.13 19.53
CA ALA C 135 27.50 13.89 20.93
C ALA C 135 28.63 13.14 21.66
N GLN C 136 29.28 12.19 20.98
CA GLN C 136 30.36 11.45 21.62
C GLN C 136 31.55 12.36 21.91
N GLU C 137 31.89 13.23 20.96
CA GLU C 137 33.01 14.13 21.18
C GLU C 137 32.76 15.04 22.38
N ILE C 138 31.55 15.58 22.47
CA ILE C 138 31.19 16.46 23.56
C ILE C 138 31.28 15.73 24.91
N LEU C 139 30.73 14.52 24.96
CA LEU C 139 30.75 13.73 26.19
C LEU C 139 32.18 13.49 26.65
N ASP C 140 33.08 13.22 25.72
CA ASP C 140 34.48 13.00 26.09
C ASP C 140 35.09 14.29 26.63
N GLU C 141 34.67 15.42 26.07
CA GLU C 141 35.19 16.72 26.50
C GLU C 141 34.65 17.22 27.82
N ILE C 142 33.36 17.03 28.06
CA ILE C 142 32.76 17.52 29.30
C ILE C 142 32.81 16.49 30.43
N ALA C 143 33.37 15.32 30.15
CA ALA C 143 33.47 14.28 31.15
C ALA C 143 34.43 14.70 32.24
N ILE C 144 34.14 14.33 33.48
CA ILE C 144 34.99 14.67 34.60
C ILE C 144 35.95 13.51 34.83
N ARG C 145 37.24 13.78 34.75
CA ARG C 145 38.25 12.75 34.96
C ARG C 145 38.54 12.64 36.43
N VAL C 146 38.66 11.42 36.91
CA VAL C 146 38.91 11.20 38.33
C VAL C 146 39.86 10.03 38.56
N ASP C 147 40.38 9.90 39.77
CA ASP C 147 41.27 8.78 40.07
C ASP C 147 40.42 7.53 40.03
N PRO C 148 40.73 6.62 39.10
CA PRO C 148 39.97 5.37 38.95
C PRO C 148 39.53 4.71 40.26
N ASP C 149 40.29 4.87 41.32
CA ASP C 149 39.92 4.24 42.58
C ASP C 149 39.57 5.18 43.72
N ASP C 150 39.22 6.41 43.41
CA ASP C 150 38.85 7.35 44.45
C ASP C 150 37.57 6.87 45.12
N GLU C 151 37.74 6.29 46.30
CA GLU C 151 36.62 5.75 47.06
C GLU C 151 35.41 6.67 47.13
N GLU C 152 35.65 7.95 47.42
CA GLU C 152 34.54 8.87 47.54
C GLU C 152 33.69 8.95 46.27
N THR C 153 34.31 9.12 45.11
CA THR C 153 33.52 9.21 43.88
C THR C 153 32.90 7.85 43.55
N LEU C 154 33.64 6.78 43.81
CA LEU C 154 33.12 5.44 43.57
C LEU C 154 31.86 5.23 44.41
N LEU C 155 31.91 5.65 45.67
CA LEU C 155 30.78 5.53 46.59
C LEU C 155 29.59 6.34 46.08
N LYS C 156 29.85 7.54 45.56
CA LYS C 156 28.77 8.37 45.01
C LYS C 156 28.17 7.69 43.78
N ILE C 157 29.02 7.08 42.96
CA ILE C 157 28.57 6.39 41.75
C ILE C 157 27.65 5.21 42.08
N ALA C 158 28.04 4.41 43.06
CA ALA C 158 27.26 3.25 43.47
C ALA C 158 25.91 3.70 44.02
N ALA C 159 25.93 4.68 44.91
CA ALA C 159 24.70 5.17 45.54
C ALA C 159 23.75 5.81 44.53
N THR C 160 24.30 6.57 43.58
CA THR C 160 23.45 7.20 42.58
C THR C 160 22.70 6.11 41.81
N SER C 161 23.42 5.04 41.50
CA SER C 161 22.85 3.91 40.78
C SER C 161 21.72 3.23 41.54
N ILE C 162 21.91 3.06 42.85
CA ILE C 162 20.94 2.38 43.68
C ILE C 162 19.66 3.18 43.93
N THR C 163 19.75 4.50 43.99
CA THR C 163 18.56 5.31 44.23
C THR C 163 17.49 5.06 43.17
N GLY C 164 16.22 5.12 43.58
CA GLY C 164 15.12 4.90 42.66
C GLY C 164 14.76 3.44 42.52
N LYS C 165 15.23 2.64 43.46
CA LYS C 165 14.98 1.21 43.46
C LYS C 165 14.45 0.77 44.83
N ASN C 166 13.81 -0.39 44.85
CA ASN C 166 13.26 -0.94 46.07
C ASN C 166 14.20 -0.90 47.27
N ALA C 167 15.49 -1.06 47.04
CA ALA C 167 16.44 -1.06 48.16
C ALA C 167 17.14 0.28 48.42
N GLU C 168 16.63 1.37 47.85
CA GLU C 168 17.26 2.64 48.04
C GLU C 168 17.34 3.04 49.50
N SER C 169 16.46 2.47 50.31
CA SER C 169 16.43 2.75 51.75
C SER C 169 17.80 2.48 52.39
N HIS C 170 18.50 1.48 51.87
CA HIS C 170 19.81 1.11 52.39
C HIS C 170 20.92 1.37 51.39
N LYS C 171 20.79 2.37 50.54
CA LYS C 171 21.82 2.62 49.54
C LYS C 171 23.21 2.89 50.11
N GLU C 172 23.30 3.47 51.29
CA GLU C 172 24.61 3.75 51.87
C GLU C 172 25.35 2.43 52.08
N LEU C 173 24.70 1.50 52.76
CA LEU C 173 25.27 0.20 53.03
C LEU C 173 25.59 -0.57 51.75
N LEU C 174 24.60 -0.66 50.86
CA LEU C 174 24.77 -1.39 49.61
C LEU C 174 25.84 -0.77 48.71
N ALA C 175 25.95 0.55 48.75
CA ALA C 175 26.95 1.23 47.95
C ALA C 175 28.32 0.84 48.48
N LYS C 176 28.42 0.75 49.80
CA LYS C 176 29.66 0.39 50.47
C LYS C 176 30.11 -1.00 50.08
N LEU C 177 29.22 -1.98 50.23
CA LEU C 177 29.53 -3.36 49.89
C LEU C 177 29.95 -3.49 48.42
N ALA C 178 29.23 -2.80 47.55
CA ALA C 178 29.54 -2.83 46.11
C ALA C 178 30.91 -2.25 45.81
N VAL C 179 31.18 -1.06 46.36
CA VAL C 179 32.48 -0.44 46.13
C VAL C 179 33.60 -1.30 46.69
N GLU C 180 33.45 -1.74 47.94
CA GLU C 180 34.45 -2.58 48.56
C GLU C 180 34.69 -3.86 47.76
N ALA C 181 33.61 -4.49 47.30
CA ALA C 181 33.72 -5.72 46.54
C ALA C 181 34.53 -5.52 45.25
N VAL C 182 34.21 -4.48 44.50
CA VAL C 182 34.89 -4.20 43.24
C VAL C 182 36.34 -3.78 43.41
N LYS C 183 36.62 -2.95 44.40
CA LYS C 183 38.01 -2.52 44.62
C LYS C 183 38.87 -3.70 45.04
N GLN C 184 38.28 -4.63 45.79
CA GLN C 184 39.02 -5.79 46.27
C GLN C 184 39.38 -6.81 45.19
N VAL C 185 38.53 -6.97 44.19
CA VAL C 185 38.81 -7.94 43.13
C VAL C 185 39.44 -7.28 41.91
N ALA C 186 39.46 -5.96 41.90
CA ALA C 186 40.02 -5.21 40.78
C ALA C 186 41.50 -5.55 40.61
N GLU C 187 41.94 -5.65 39.37
CA GLU C 187 43.32 -5.96 39.06
C GLU C 187 43.95 -4.80 38.32
N LYS C 188 44.99 -4.23 38.92
CA LYS C 188 45.69 -3.10 38.34
C LYS C 188 46.89 -3.63 37.58
N LYS C 189 46.82 -3.55 36.25
CA LYS C 189 47.92 -4.02 35.41
C LYS C 189 48.96 -2.92 35.26
N ASP C 190 48.51 -1.66 35.26
CA ASP C 190 49.39 -0.50 35.14
C ASP C 190 48.61 0.81 35.07
N GLY C 191 48.38 1.43 36.22
CA GLY C 191 47.65 2.68 36.27
C GLY C 191 46.18 2.52 35.94
N LYS C 192 45.88 1.49 35.14
CA LYS C 192 44.50 1.22 34.74
C LYS C 192 44.04 -0.13 35.27
N TYR C 193 42.86 -0.15 35.88
CA TYR C 193 42.31 -1.38 36.43
C TYR C 193 41.43 -2.09 35.43
N VAL C 194 41.18 -3.36 35.72
CA VAL C 194 40.31 -4.19 34.92
C VAL C 194 39.54 -4.98 35.97
N VAL C 195 38.24 -5.12 35.79
CA VAL C 195 37.44 -5.84 36.77
C VAL C 195 36.65 -7.00 36.17
N ASP C 196 36.94 -8.21 36.62
CA ASP C 196 36.19 -9.38 36.14
C ASP C 196 35.09 -9.56 37.18
N LEU C 197 33.87 -9.21 36.80
CA LEU C 197 32.74 -9.32 37.71
C LEU C 197 32.40 -10.74 38.15
N ASP C 198 33.03 -11.75 37.54
CA ASP C 198 32.77 -13.12 37.95
C ASP C 198 33.45 -13.44 39.27
N ASN C 199 34.28 -12.52 39.75
CA ASN C 199 34.98 -12.74 41.01
C ASN C 199 34.20 -12.20 42.19
N ILE C 200 33.03 -11.63 41.91
CA ILE C 200 32.16 -11.14 42.96
C ILE C 200 30.91 -12.00 42.89
N LYS C 201 30.71 -12.81 43.92
CA LYS C 201 29.54 -13.69 43.97
C LYS C 201 28.41 -13.07 44.77
N PHE C 202 27.18 -13.34 44.36
CA PHE C 202 26.01 -12.87 45.09
C PHE C 202 25.28 -14.10 45.64
N GLU C 203 25.19 -14.17 46.97
CA GLU C 203 24.49 -15.28 47.61
C GLU C 203 23.25 -14.68 48.23
N LYS C 204 22.09 -15.29 47.98
CA LYS C 204 20.82 -14.77 48.48
C LYS C 204 20.15 -15.71 49.48
N LYS C 205 19.63 -15.13 50.55
CA LYS C 205 18.93 -15.90 51.57
C LYS C 205 17.87 -15.03 52.21
N ALA C 206 16.61 -15.37 52.00
CA ALA C 206 15.54 -14.59 52.59
C ALA C 206 15.65 -14.76 54.11
N GLY C 207 15.22 -13.76 54.86
CA GLY C 207 15.30 -13.80 56.31
C GLY C 207 15.96 -12.50 56.75
N GLU C 208 15.69 -12.07 57.97
CA GLU C 208 16.24 -10.81 58.46
C GLU C 208 15.77 -9.72 57.51
N GLY C 209 16.53 -8.64 57.41
CA GLY C 209 16.18 -7.56 56.52
C GLY C 209 17.34 -7.25 55.58
N VAL C 210 17.10 -6.43 54.58
CA VAL C 210 18.15 -6.06 53.63
C VAL C 210 19.32 -5.42 54.37
N GLU C 211 19.02 -4.84 55.52
CA GLU C 211 20.03 -4.18 56.35
C GLU C 211 21.10 -5.14 56.83
N GLU C 212 20.79 -6.43 56.86
CA GLU C 212 21.75 -7.42 57.31
C GLU C 212 22.66 -7.94 56.21
N SER C 213 22.51 -7.42 55.00
CA SER C 213 23.38 -7.83 53.91
C SER C 213 24.81 -7.47 54.28
N GLU C 214 25.77 -8.24 53.80
CA GLU C 214 27.17 -7.99 54.13
C GLU C 214 28.15 -8.48 53.08
N LEU C 215 29.41 -8.10 53.27
CA LEU C 215 30.48 -8.50 52.36
C LEU C 215 31.39 -9.47 53.10
N VAL C 216 31.53 -10.66 52.52
CA VAL C 216 32.38 -11.68 53.09
C VAL C 216 33.66 -11.68 52.28
N ARG C 217 34.79 -11.44 52.95
CA ARG C 217 36.06 -11.43 52.23
C ARG C 217 36.49 -12.89 52.08
N GLY C 218 35.77 -13.57 51.20
CA GLY C 218 36.02 -14.97 50.96
C GLY C 218 34.83 -15.52 50.21
N VAL C 219 34.46 -16.76 50.50
CA VAL C 219 33.34 -17.34 49.77
C VAL C 219 32.24 -17.90 50.66
N VAL C 220 31.01 -17.76 50.21
CA VAL C 220 29.87 -18.31 50.92
C VAL C 220 29.31 -19.35 49.95
N ILE C 221 29.21 -20.59 50.41
CA ILE C 221 28.74 -21.67 49.57
C ILE C 221 27.51 -22.35 50.14
N ASP C 222 26.49 -22.47 49.31
CA ASP C 222 25.26 -23.13 49.73
C ASP C 222 25.50 -24.64 49.68
N LYS C 223 26.23 -25.14 50.67
CA LYS C 223 26.57 -26.56 50.80
C LYS C 223 26.64 -26.92 52.28
N GLU C 224 26.78 -28.21 52.56
CA GLU C 224 26.87 -28.72 53.93
C GLU C 224 28.16 -29.50 54.09
N VAL C 225 28.64 -29.60 55.33
CA VAL C 225 29.81 -30.40 55.60
C VAL C 225 29.31 -31.81 55.30
N VAL C 226 30.07 -32.58 54.53
CA VAL C 226 29.62 -33.91 54.13
C VAL C 226 29.37 -34.96 55.21
N HIS C 227 30.19 -35.00 56.26
CA HIS C 227 30.04 -36.00 57.30
C HIS C 227 29.74 -35.39 58.67
N PRO C 228 28.83 -36.01 59.44
CA PRO C 228 28.40 -35.58 60.78
C PRO C 228 29.52 -35.37 61.80
N ARG C 229 30.50 -36.27 61.80
CA ARG C 229 31.61 -36.21 62.75
C ARG C 229 32.68 -35.15 62.46
N MET C 230 32.67 -34.57 61.27
CA MET C 230 33.67 -33.56 60.92
C MET C 230 33.48 -32.26 61.69
N PRO C 231 34.53 -31.44 61.81
CA PRO C 231 34.44 -30.16 62.52
C PRO C 231 33.49 -29.22 61.78
N LYS C 232 32.64 -28.53 62.53
CA LYS C 232 31.71 -27.58 61.94
C LYS C 232 32.37 -26.20 61.85
N ARG C 233 33.57 -26.08 62.41
CA ARG C 233 34.27 -24.80 62.37
C ARG C 233 35.77 -25.01 62.53
N VAL C 234 36.55 -24.41 61.64
CA VAL C 234 38.00 -24.50 61.67
C VAL C 234 38.58 -23.09 61.69
N GLU C 235 39.47 -22.82 62.66
CA GLU C 235 40.08 -21.49 62.78
C GLU C 235 40.97 -21.16 61.59
N ASN C 236 42.28 -21.15 61.79
CA ASN C 236 43.21 -20.82 60.71
C ASN C 236 43.28 -22.00 59.76
N ALA C 237 42.28 -22.09 58.89
CA ALA C 237 42.13 -23.17 57.94
C ALA C 237 43.17 -23.30 56.84
N LYS C 238 43.55 -24.54 56.60
CA LYS C 238 44.49 -24.90 55.55
C LYS C 238 43.54 -25.61 54.59
N ILE C 239 43.20 -24.91 53.52
CA ILE C 239 42.23 -25.37 52.55
C ILE C 239 42.77 -26.05 51.30
N ALA C 240 42.29 -27.28 51.07
CA ALA C 240 42.67 -28.05 49.90
C ALA C 240 41.52 -27.99 48.90
N LEU C 241 41.87 -27.87 47.62
CA LEU C 241 40.90 -27.81 46.55
C LEU C 241 41.18 -28.94 45.55
N ILE C 242 40.30 -29.92 45.50
CA ILE C 242 40.44 -31.08 44.62
C ILE C 242 39.24 -31.19 43.70
N ASN C 243 39.46 -31.37 42.39
CA ASN C 243 38.29 -31.50 41.54
C ASN C 243 37.93 -32.96 41.20
N GLU C 244 38.87 -33.88 41.31
CA GLU C 244 38.55 -35.29 41.04
C GLU C 244 37.82 -35.90 42.24
N ALA C 245 36.89 -36.80 41.96
CA ALA C 245 36.13 -37.45 43.03
C ALA C 245 37.04 -38.30 43.91
N LEU C 246 36.74 -38.34 45.20
CA LEU C 246 37.50 -39.15 46.15
C LEU C 246 36.79 -40.51 46.18
N GLU C 247 37.02 -41.30 45.14
CA GLU C 247 36.41 -42.62 45.01
C GLU C 247 37.41 -43.57 44.37
N VAL C 248 37.00 -44.81 44.14
CA VAL C 248 37.87 -45.79 43.51
C VAL C 248 37.94 -45.40 42.04
N LYS C 249 39.14 -45.09 41.55
CA LYS C 249 39.29 -44.68 40.17
C LYS C 249 39.29 -45.86 39.21
N LYS C 250 38.71 -45.63 38.04
CA LYS C 250 38.62 -46.63 36.99
C LYS C 250 39.37 -46.07 35.80
N THR C 251 39.94 -46.95 34.99
CA THR C 251 40.69 -46.51 33.83
C THR C 251 39.77 -46.01 32.72
N GLU C 252 40.32 -45.21 31.82
CA GLU C 252 39.55 -44.70 30.70
C GLU C 252 39.35 -45.88 29.77
N THR C 253 40.41 -46.67 29.61
CA THR C 253 40.37 -47.86 28.76
C THR C 253 39.49 -48.90 29.48
N ASP C 254 38.63 -49.59 28.74
CA ASP C 254 37.76 -50.60 29.34
C ASP C 254 38.60 -51.60 30.11
N ALA C 255 38.10 -52.04 31.26
CA ALA C 255 38.82 -52.98 32.10
C ALA C 255 37.88 -53.79 32.95
N LYS C 256 38.28 -55.02 33.25
CA LYS C 256 37.46 -55.91 34.07
C LYS C 256 38.35 -56.92 34.77
N ILE C 257 38.05 -57.16 36.04
CA ILE C 257 38.81 -58.13 36.82
C ILE C 257 38.33 -59.53 36.50
N ASN C 258 39.27 -60.45 36.30
CA ASN C 258 38.96 -61.84 36.03
C ASN C 258 39.44 -62.62 37.25
N ILE C 259 38.49 -63.00 38.10
CA ILE C 259 38.80 -63.73 39.32
C ILE C 259 38.86 -65.23 39.07
N THR C 260 39.94 -65.86 39.51
CA THR C 260 40.09 -67.29 39.32
C THR C 260 40.32 -68.05 40.64
N SER C 261 40.37 -67.33 41.76
CA SER C 261 40.52 -67.99 43.05
C SER C 261 39.80 -67.21 44.15
N PRO C 262 39.20 -67.93 45.11
CA PRO C 262 38.48 -67.28 46.21
C PRO C 262 39.21 -66.17 46.94
N ASP C 263 40.52 -66.32 47.11
CA ASP C 263 41.32 -65.33 47.82
C ASP C 263 41.31 -63.95 47.16
N GLN C 264 41.02 -63.90 45.87
CA GLN C 264 41.00 -62.62 45.15
C GLN C 264 39.78 -61.75 45.50
N LEU C 265 38.66 -62.37 45.81
CA LEU C 265 37.46 -61.60 46.17
C LEU C 265 37.82 -60.61 47.26
N MET C 266 38.64 -61.06 48.21
CA MET C 266 39.05 -60.21 49.32
C MET C 266 40.21 -59.29 48.97
N SER C 267 41.20 -59.81 48.24
CA SER C 267 42.36 -59.01 47.88
C SER C 267 42.03 -57.79 47.01
N PHE C 268 41.04 -57.91 46.12
CA PHE C 268 40.69 -56.77 45.29
C PHE C 268 39.84 -55.76 46.08
N LEU C 269 39.03 -56.25 47.00
CA LEU C 269 38.20 -55.39 47.81
C LEU C 269 39.13 -54.59 48.70
N GLU C 270 40.16 -55.27 49.21
CA GLU C 270 41.13 -54.64 50.08
C GLU C 270 42.00 -53.65 49.31
N GLN C 271 42.23 -53.90 48.03
CA GLN C 271 43.04 -53.00 47.22
C GLN C 271 42.26 -51.70 46.98
N GLU C 272 40.97 -51.81 46.69
CA GLU C 272 40.17 -50.61 46.46
C GLU C 272 40.06 -49.80 47.74
N GLU C 273 39.96 -50.48 48.87
CA GLU C 273 39.87 -49.81 50.17
C GLU C 273 41.16 -49.06 50.44
N LYS C 274 42.28 -49.69 50.11
CA LYS C 274 43.59 -49.10 50.31
C LYS C 274 43.78 -47.86 49.44
N MET C 275 43.32 -47.93 48.19
CA MET C 275 43.42 -46.80 47.27
C MET C 275 42.65 -45.60 47.81
N LEU C 276 41.46 -45.87 48.33
CA LEU C 276 40.60 -44.84 48.89
C LEU C 276 41.27 -44.25 50.13
N LYS C 277 41.79 -45.12 50.98
CA LYS C 277 42.44 -44.70 52.22
C LYS C 277 43.68 -43.86 51.94
N ASP C 278 44.50 -44.28 50.99
CA ASP C 278 45.71 -43.54 50.66
C ASP C 278 45.41 -42.13 50.15
N MET C 279 44.29 -41.97 49.45
CA MET C 279 43.94 -40.65 48.95
C MET C 279 43.78 -39.72 50.14
N VAL C 280 42.99 -40.16 51.12
CA VAL C 280 42.75 -39.37 52.32
C VAL C 280 44.02 -39.19 53.15
N ASP C 281 44.82 -40.25 53.29
CA ASP C 281 46.06 -40.13 54.06
C ASP C 281 46.92 -39.04 53.43
N HIS C 282 47.02 -39.07 52.11
CA HIS C 282 47.81 -38.11 51.39
C HIS C 282 47.35 -36.68 51.63
N ILE C 283 46.03 -36.49 51.70
CA ILE C 283 45.48 -35.17 51.93
C ILE C 283 45.89 -34.69 53.32
N ALA C 284 45.62 -35.51 54.33
CA ALA C 284 45.94 -35.18 55.71
C ALA C 284 47.42 -34.89 55.92
N GLN C 285 48.27 -35.54 55.13
CA GLN C 285 49.71 -35.36 55.24
C GLN C 285 50.17 -33.98 54.83
N THR C 286 49.39 -33.32 53.97
CA THR C 286 49.71 -31.97 53.51
C THR C 286 49.50 -30.95 54.62
N GLY C 287 48.72 -31.36 55.64
CA GLY C 287 48.42 -30.46 56.74
C GLY C 287 47.06 -29.81 56.57
N ALA C 288 46.39 -30.10 55.46
CA ALA C 288 45.08 -29.54 55.17
C ALA C 288 44.02 -30.02 56.16
N ASN C 289 43.17 -29.11 56.62
CA ASN C 289 42.09 -29.48 57.55
C ASN C 289 40.71 -29.13 56.98
N VAL C 290 40.70 -28.58 55.78
CA VAL C 290 39.45 -28.25 55.07
C VAL C 290 39.68 -28.65 53.63
N VAL C 291 38.74 -29.40 53.06
CA VAL C 291 38.86 -29.84 51.69
C VAL C 291 37.56 -29.66 50.93
N PHE C 292 37.64 -29.01 49.78
CA PHE C 292 36.46 -28.82 48.94
C PHE C 292 36.70 -29.70 47.72
N VAL C 293 35.75 -30.59 47.45
CA VAL C 293 35.87 -31.49 46.32
C VAL C 293 34.79 -31.15 45.29
N GLN C 294 35.20 -31.03 44.04
CA GLN C 294 34.27 -30.72 42.97
C GLN C 294 33.31 -31.88 42.71
N LYS C 295 33.82 -33.11 42.75
CA LYS C 295 32.97 -34.27 42.51
C LYS C 295 32.52 -34.87 43.84
N GLY C 296 32.12 -36.13 43.81
CA GLY C 296 31.66 -36.79 45.02
C GLY C 296 32.78 -37.34 45.90
N ILE C 297 32.41 -37.71 47.12
CA ILE C 297 33.34 -38.27 48.09
C ILE C 297 32.72 -39.56 48.60
N ASP C 298 33.41 -40.67 48.38
CA ASP C 298 32.94 -41.98 48.81
C ASP C 298 32.74 -42.01 50.33
N ASP C 299 31.75 -42.77 50.78
CA ASP C 299 31.45 -42.91 52.20
C ASP C 299 32.66 -43.29 53.04
N LEU C 300 33.49 -44.19 52.53
CA LEU C 300 34.68 -44.61 53.26
C LEU C 300 35.67 -43.46 53.41
N ALA C 301 35.83 -42.67 52.35
CA ALA C 301 36.74 -41.52 52.37
C ALA C 301 36.23 -40.50 53.39
N GLN C 302 34.92 -40.27 53.39
CA GLN C 302 34.30 -39.33 54.32
C GLN C 302 34.64 -39.76 55.73
N HIS C 303 34.57 -41.07 55.96
CA HIS C 303 34.86 -41.63 57.27
C HIS C 303 36.28 -41.30 57.74
N TYR C 304 37.26 -41.58 56.89
CA TYR C 304 38.65 -41.30 57.24
C TYR C 304 38.91 -39.80 57.40
N LEU C 305 38.33 -38.99 56.53
CA LEU C 305 38.48 -37.53 56.62
C LEU C 305 38.00 -37.10 58.01
N ALA C 306 36.88 -37.68 58.44
CA ALA C 306 36.31 -37.36 59.73
C ALA C 306 37.22 -37.83 60.86
N LYS C 307 37.83 -39.01 60.71
CA LYS C 307 38.72 -39.53 61.74
C LYS C 307 39.96 -38.67 61.84
N TYR C 308 40.30 -37.98 60.76
CA TYR C 308 41.46 -37.10 60.75
C TYR C 308 41.08 -35.70 61.22
N GLY C 309 39.81 -35.49 61.51
CA GLY C 309 39.36 -34.17 61.94
C GLY C 309 39.41 -33.16 60.79
N ILE C 310 39.25 -33.64 59.57
CA ILE C 310 39.28 -32.79 58.39
C ILE C 310 37.86 -32.49 57.92
N MET C 311 37.56 -31.21 57.70
CA MET C 311 36.25 -30.82 57.22
C MET C 311 36.24 -30.93 55.71
N ALA C 312 35.25 -31.62 55.17
CA ALA C 312 35.16 -31.81 53.73
C ALA C 312 33.78 -31.52 53.19
N VAL C 313 33.73 -31.06 51.95
CA VAL C 313 32.48 -30.75 51.27
C VAL C 313 32.61 -31.29 49.85
N ARG C 314 31.58 -32.00 49.39
CA ARG C 314 31.61 -32.58 48.06
C ARG C 314 30.66 -31.88 47.08
N ARG C 315 30.78 -32.28 45.81
CA ARG C 315 29.96 -31.73 44.72
C ARG C 315 29.91 -30.20 44.68
N VAL C 316 31.06 -29.56 44.89
CA VAL C 316 31.15 -28.11 44.86
C VAL C 316 31.17 -27.59 43.42
N LYS C 317 30.30 -26.62 43.12
CA LYS C 317 30.24 -26.06 41.77
C LYS C 317 31.59 -25.57 41.28
N LYS C 318 31.87 -25.86 40.01
CA LYS C 318 33.13 -25.45 39.40
C LYS C 318 33.40 -23.97 39.65
N SER C 319 32.39 -23.13 39.42
CA SER C 319 32.55 -21.69 39.60
C SER C 319 32.87 -21.36 41.06
N ASP C 320 32.37 -22.17 41.99
CA ASP C 320 32.65 -21.94 43.39
C ASP C 320 34.10 -22.39 43.69
N MET C 321 34.55 -23.43 43.00
CA MET C 321 35.91 -23.91 43.20
C MET C 321 36.88 -22.81 42.77
N GLU C 322 36.54 -22.12 41.67
CA GLU C 322 37.37 -21.05 41.14
C GLU C 322 37.39 -19.85 42.07
N LYS C 323 36.25 -19.56 42.70
CA LYS C 323 36.18 -18.42 43.62
C LYS C 323 36.97 -18.75 44.89
N LEU C 324 36.93 -20.00 45.30
CA LEU C 324 37.66 -20.43 46.50
C LEU C 324 39.16 -20.29 46.28
N ALA C 325 39.61 -20.60 45.08
CA ALA C 325 41.04 -20.50 44.77
C ALA C 325 41.49 -19.05 44.79
N LYS C 326 40.74 -18.16 44.14
CA LYS C 326 41.11 -16.75 44.11
C LYS C 326 40.97 -16.08 45.46
N ALA C 327 40.07 -16.59 46.30
CA ALA C 327 39.88 -16.00 47.61
C ALA C 327 40.93 -16.46 48.62
N THR C 328 41.03 -17.78 48.81
CA THR C 328 41.96 -18.37 49.79
C THR C 328 43.41 -18.45 49.34
N GLY C 329 43.66 -18.34 48.04
CA GLY C 329 45.02 -18.43 47.56
C GLY C 329 45.42 -19.86 47.22
N ALA C 330 44.50 -20.80 47.39
CA ALA C 330 44.78 -22.19 47.10
C ALA C 330 44.79 -22.44 45.59
N LYS C 331 45.42 -23.54 45.18
CA LYS C 331 45.48 -23.90 43.77
C LYS C 331 44.68 -25.17 43.57
N ILE C 332 43.73 -25.14 42.64
CA ILE C 332 42.91 -26.33 42.36
C ILE C 332 43.81 -27.44 41.83
N VAL C 333 43.71 -28.63 42.41
CA VAL C 333 44.50 -29.75 41.93
C VAL C 333 43.56 -30.77 41.32
N THR C 334 43.96 -31.40 40.22
CA THR C 334 43.10 -32.39 39.59
C THR C 334 43.15 -33.72 40.33
N ASN C 335 44.34 -34.29 40.47
CA ASN C 335 44.51 -35.57 41.17
C ASN C 335 45.07 -35.40 42.57
N VAL C 336 44.36 -35.97 43.55
CA VAL C 336 44.78 -35.90 44.95
C VAL C 336 46.28 -36.10 45.13
N LYS C 337 46.82 -37.15 44.51
CA LYS C 337 48.23 -37.47 44.61
C LYS C 337 49.15 -36.31 44.25
N ASP C 338 48.63 -35.32 43.53
CA ASP C 338 49.44 -34.16 43.15
C ASP C 338 49.35 -33.01 44.15
N LEU C 339 48.50 -33.18 45.16
CA LEU C 339 48.32 -32.16 46.19
C LEU C 339 49.53 -32.02 47.09
N THR C 340 50.00 -30.79 47.27
CA THR C 340 51.14 -30.52 48.15
C THR C 340 50.77 -29.33 49.03
N PRO C 341 51.50 -29.14 50.14
CA PRO C 341 51.22 -28.03 51.06
C PRO C 341 51.21 -26.67 50.36
N GLU C 342 52.04 -26.54 49.33
CA GLU C 342 52.13 -25.30 48.58
C GLU C 342 50.83 -24.98 47.85
N ASP C 343 49.97 -25.98 47.71
CA ASP C 343 48.69 -25.81 47.03
C ASP C 343 47.56 -25.39 47.98
N LEU C 344 47.81 -25.49 49.29
CA LEU C 344 46.78 -25.16 50.27
C LEU C 344 46.49 -23.69 50.40
N GLY C 345 45.22 -23.37 50.66
CA GLY C 345 44.82 -21.99 50.80
C GLY C 345 44.59 -21.65 52.26
N TYR C 346 44.38 -20.38 52.54
CA TYR C 346 44.16 -19.91 53.91
C TYR C 346 42.86 -19.14 54.09
N ALA C 347 42.27 -19.27 55.27
CA ALA C 347 41.05 -18.57 55.62
C ALA C 347 41.02 -18.51 57.14
N GLU C 348 40.77 -17.32 57.66
CA GLU C 348 40.73 -17.12 59.11
C GLU C 348 39.70 -18.05 59.73
N VAL C 349 38.57 -18.22 59.06
CA VAL C 349 37.52 -19.09 59.56
C VAL C 349 36.74 -19.74 58.43
N VAL C 350 36.48 -21.03 58.60
CA VAL C 350 35.67 -21.78 57.66
C VAL C 350 34.65 -22.41 58.59
N GLU C 351 33.37 -22.14 58.36
CA GLU C 351 32.37 -22.68 59.25
C GLU C 351 31.02 -22.86 58.59
N GLU C 352 30.34 -23.94 59.00
CA GLU C 352 29.01 -24.24 58.50
C GLU C 352 28.03 -23.53 59.42
N ARG C 353 27.14 -22.71 58.85
CA ARG C 353 26.16 -21.97 59.64
C ARG C 353 24.79 -22.06 59.00
N LYS C 354 23.77 -22.01 59.83
CA LYS C 354 22.39 -22.08 59.36
C LYS C 354 21.82 -20.68 59.13
N LEU C 355 21.43 -20.42 57.89
CA LEU C 355 20.80 -19.16 57.53
C LEU C 355 19.37 -19.53 57.15
N ALA C 356 18.40 -18.97 57.87
CA ALA C 356 17.01 -19.28 57.61
C ALA C 356 16.81 -20.80 57.76
N GLY C 357 17.43 -21.36 58.78
CA GLY C 357 17.33 -22.79 59.04
C GLY C 357 18.03 -23.72 58.06
N GLU C 358 18.71 -23.17 57.05
CA GLU C 358 19.39 -23.98 56.05
C GLU C 358 20.92 -23.85 56.13
N ASN C 359 21.61 -24.96 56.28
CA ASN C 359 23.07 -24.96 56.42
C ASN C 359 23.83 -24.36 55.25
N MET C 360 24.90 -23.66 55.57
CA MET C 360 25.75 -23.04 54.56
C MET C 360 27.17 -22.94 55.07
N ILE C 361 28.13 -22.91 54.14
CA ILE C 361 29.52 -22.81 54.54
C ILE C 361 30.12 -21.45 54.27
N PHE C 362 30.80 -20.91 55.26
CA PHE C 362 31.45 -19.62 55.17
C PHE C 362 32.96 -19.74 55.21
N VAL C 363 33.62 -19.21 54.19
CA VAL C 363 35.08 -19.19 54.12
C VAL C 363 35.37 -17.71 54.23
N GLU C 364 35.67 -17.24 55.43
CA GLU C 364 35.90 -15.82 55.67
C GLU C 364 37.26 -15.43 56.22
N GLY C 365 37.56 -14.15 56.11
CA GLY C 365 38.83 -13.65 56.61
C GLY C 365 40.01 -14.08 55.79
N CYS C 366 39.88 -14.01 54.47
CA CYS C 366 40.97 -14.40 53.59
C CYS C 366 41.91 -13.20 53.54
N LYS C 367 43.20 -13.45 53.33
CA LYS C 367 44.19 -12.38 53.31
C LYS C 367 43.90 -11.28 52.29
N ASN C 368 44.21 -11.55 51.03
CA ASN C 368 43.95 -10.56 49.98
C ASN C 368 43.16 -11.30 48.94
N PRO C 369 41.91 -11.66 49.26
CA PRO C 369 41.05 -12.40 48.34
C PRO C 369 40.92 -11.74 46.98
N LYS C 370 40.92 -12.56 45.92
CA LYS C 370 40.77 -12.05 44.57
C LYS C 370 39.35 -12.32 44.07
N ALA C 371 38.55 -12.91 44.95
CA ALA C 371 37.15 -13.21 44.69
C ALA C 371 36.49 -12.88 46.02
N VAL C 372 35.26 -12.39 45.96
CA VAL C 372 34.57 -11.97 47.18
C VAL C 372 33.08 -12.30 47.11
N THR C 373 32.40 -12.27 48.26
CA THR C 373 30.97 -12.56 48.26
C THR C 373 30.11 -11.55 48.98
N ILE C 374 29.04 -11.13 48.33
CA ILE C 374 28.10 -10.21 48.96
C ILE C 374 26.91 -11.08 49.33
N LEU C 375 26.69 -11.21 50.63
CA LEU C 375 25.60 -12.01 51.16
C LEU C 375 24.37 -11.12 51.28
N ILE C 376 23.35 -11.42 50.47
CA ILE C 376 22.12 -10.63 50.49
C ILE C 376 21.04 -11.21 51.39
N ARG C 377 20.47 -10.37 52.26
CA ARG C 377 19.39 -10.79 53.14
C ARG C 377 18.17 -9.93 52.83
N GLY C 378 17.01 -10.31 53.33
CA GLY C 378 15.81 -9.54 53.05
C GLY C 378 14.53 -10.22 53.50
N GLY C 379 13.50 -9.41 53.75
CA GLY C 379 12.24 -9.92 54.23
C GLY C 379 11.54 -10.98 53.39
N THR C 380 11.80 -11.02 52.09
CA THR C 380 11.15 -11.99 51.22
C THR C 380 12.05 -12.35 50.05
N GLU C 381 11.75 -13.45 49.38
CA GLU C 381 12.55 -13.85 48.21
C GLU C 381 12.47 -12.81 47.08
N HIS C 382 11.32 -12.18 46.90
CA HIS C 382 11.19 -11.18 45.84
C HIS C 382 12.04 -9.95 46.14
N VAL C 383 12.11 -9.57 47.41
CA VAL C 383 12.91 -8.42 47.81
C VAL C 383 14.37 -8.75 47.54
N ILE C 384 14.73 -10.01 47.81
CA ILE C 384 16.09 -10.50 47.62
C ILE C 384 16.56 -10.41 46.17
N ASP C 385 15.74 -10.89 45.24
CA ASP C 385 16.10 -10.85 43.83
C ASP C 385 16.26 -9.41 43.31
N GLU C 386 15.40 -8.50 43.75
CA GLU C 386 15.49 -7.12 43.30
C GLU C 386 16.74 -6.45 43.87
N VAL C 387 17.11 -6.79 45.10
CA VAL C 387 18.31 -6.24 45.69
C VAL C 387 19.51 -6.77 44.90
N GLU C 388 19.43 -8.01 44.46
CA GLU C 388 20.52 -8.59 43.69
C GLU C 388 20.69 -7.82 42.40
N ARG C 389 19.58 -7.50 41.75
CA ARG C 389 19.65 -6.74 40.52
C ARG C 389 20.22 -5.34 40.78
N ALA C 390 19.83 -4.73 41.88
CA ALA C 390 20.34 -3.40 42.23
C ALA C 390 21.85 -3.44 42.41
N LEU C 391 22.35 -4.51 43.03
CA LEU C 391 23.79 -4.66 43.27
C LEU C 391 24.57 -4.97 41.99
N GLU C 392 23.94 -5.69 41.06
CA GLU C 392 24.59 -6.02 39.81
C GLU C 392 24.86 -4.73 39.05
N ASP C 393 23.89 -3.81 39.11
CA ASP C 393 24.05 -2.53 38.43
C ASP C 393 25.11 -1.69 39.14
N ALA C 394 25.01 -1.60 40.47
CA ALA C 394 25.97 -0.84 41.26
C ALA C 394 27.40 -1.32 41.02
N VAL C 395 27.57 -2.63 40.99
CA VAL C 395 28.89 -3.22 40.77
C VAL C 395 29.42 -2.89 39.36
N LYS C 396 28.54 -2.84 38.37
CA LYS C 396 28.97 -2.52 37.00
C LYS C 396 29.36 -1.05 36.84
N VAL C 397 28.64 -0.15 37.51
CA VAL C 397 28.96 1.26 37.37
C VAL C 397 30.26 1.62 38.09
N VAL C 398 30.51 0.96 39.22
CA VAL C 398 31.75 1.17 39.95
C VAL C 398 32.86 0.65 39.02
N LYS C 399 32.59 -0.46 38.36
CA LYS C 399 33.53 -1.07 37.43
C LYS C 399 33.81 -0.12 36.27
N ASP C 400 32.76 0.49 35.71
CA ASP C 400 32.92 1.42 34.60
C ASP C 400 33.89 2.53 34.97
N VAL C 401 33.77 3.03 36.19
CA VAL C 401 34.61 4.13 36.63
C VAL C 401 36.03 3.73 37.03
N MET C 402 36.25 2.48 37.40
CA MET C 402 37.60 2.08 37.75
C MET C 402 38.36 1.75 36.47
N GLU C 403 37.63 1.27 35.47
CA GLU C 403 38.26 0.93 34.20
C GLU C 403 38.41 2.19 33.36
N ASP C 404 37.40 3.05 33.39
CA ASP C 404 37.46 4.33 32.70
C ASP C 404 37.78 5.20 33.90
N GLY C 405 38.12 6.46 33.71
CA GLY C 405 38.39 7.29 34.87
C GLY C 405 37.56 8.54 34.69
N ALA C 406 36.32 8.35 34.26
CA ALA C 406 35.45 9.48 33.98
C ALA C 406 34.01 9.33 34.42
N VAL C 407 33.46 10.40 34.98
CA VAL C 407 32.09 10.40 35.42
C VAL C 407 31.39 11.64 34.87
N LEU C 408 30.08 11.69 35.06
CA LEU C 408 29.28 12.82 34.60
C LEU C 408 28.23 13.17 35.64
N PRO C 409 27.79 14.43 35.64
CA PRO C 409 26.75 14.73 36.63
C PRO C 409 25.54 13.98 36.09
N ALA C 410 24.57 13.70 36.96
CA ALA C 410 23.38 12.98 36.52
C ALA C 410 22.22 13.96 36.46
N GLY C 411 21.01 13.49 36.76
CA GLY C 411 19.85 14.36 36.76
C GLY C 411 19.52 15.00 35.43
N GLY C 412 19.96 14.37 34.34
CA GLY C 412 19.67 14.92 33.02
C GLY C 412 20.60 16.05 32.64
N ALA C 413 21.61 16.33 33.44
CA ALA C 413 22.55 17.41 33.14
C ALA C 413 23.30 17.19 31.82
N PRO C 414 23.77 15.95 31.56
CA PRO C 414 24.48 15.69 30.31
C PRO C 414 23.58 15.84 29.09
N GLU C 415 22.38 15.27 29.15
CA GLU C 415 21.50 15.37 28.00
C GLU C 415 21.08 16.83 27.79
N ILE C 416 20.98 17.59 28.87
CA ILE C 416 20.65 19.00 28.73
C ILE C 416 21.79 19.73 28.03
N GLU C 417 23.03 19.43 28.41
CA GLU C 417 24.19 20.07 27.77
C GLU C 417 24.27 19.68 26.29
N LEU C 418 23.97 18.42 25.99
CA LEU C 418 24.02 17.94 24.61
C LEU C 418 22.95 18.61 23.76
N ALA C 419 21.77 18.82 24.34
CA ALA C 419 20.70 19.48 23.60
C ALA C 419 21.11 20.91 23.25
N ILE C 420 21.73 21.58 24.21
CA ILE C 420 22.18 22.96 23.99
C ILE C 420 23.27 22.98 22.92
N ARG C 421 24.28 22.14 23.08
CA ARG C 421 25.39 22.04 22.14
C ARG C 421 25.08 21.55 20.74
N LEU C 422 24.25 20.52 20.61
CA LEU C 422 23.89 19.99 19.30
C LEU C 422 23.01 20.98 18.52
N ASP C 423 22.15 21.70 19.24
CA ASP C 423 21.29 22.68 18.61
C ASP C 423 22.15 23.74 17.92
N GLU C 424 23.25 24.10 18.59
CA GLU C 424 24.18 25.10 18.08
C GLU C 424 24.95 24.48 16.91
N TYR C 425 25.36 23.23 17.08
CA TYR C 425 26.08 22.51 16.04
C TYR C 425 25.21 22.45 14.79
N ALA C 426 23.90 22.24 15.00
CA ALA C 426 22.96 22.18 13.89
C ALA C 426 23.07 23.42 13.01
N LYS C 427 23.02 24.59 13.64
CA LYS C 427 23.10 25.85 12.90
C LYS C 427 24.40 25.95 12.12
N GLN C 428 25.43 25.30 12.63
CA GLN C 428 26.72 25.30 11.97
C GLN C 428 26.70 24.40 10.73
N VAL C 429 25.94 23.31 10.78
CA VAL C 429 25.86 22.39 9.65
C VAL C 429 24.89 22.88 8.57
N GLY C 430 23.77 23.45 8.99
CA GLY C 430 22.79 23.96 8.05
C GLY C 430 22.02 22.96 7.20
N GLY C 431 21.20 23.49 6.29
CA GLY C 431 20.41 22.65 5.40
C GLY C 431 19.39 21.77 6.09
N LYS C 432 18.93 20.74 5.38
CA LYS C 432 17.95 19.84 5.95
C LYS C 432 18.58 18.98 7.04
N GLU C 433 19.89 18.74 6.95
CA GLU C 433 20.57 17.94 7.97
C GLU C 433 20.47 18.66 9.31
N ALA C 434 20.50 19.98 9.26
CA ALA C 434 20.42 20.78 10.48
C ALA C 434 19.08 20.54 11.16
N LEU C 435 18.04 20.30 10.37
CA LEU C 435 16.72 20.04 10.92
C LEU C 435 16.75 18.72 11.68
N ALA C 436 17.44 17.74 11.12
CA ALA C 436 17.56 16.44 11.75
C ALA C 436 18.39 16.58 13.04
N ILE C 437 19.46 17.37 12.96
CA ILE C 437 20.32 17.60 14.12
C ILE C 437 19.57 18.33 15.23
N GLU C 438 18.75 19.31 14.87
CA GLU C 438 17.96 20.04 15.87
C GLU C 438 17.04 19.06 16.56
N ASN C 439 16.34 18.25 15.77
CA ASN C 439 15.41 17.28 16.32
C ASN C 439 16.12 16.26 17.19
N PHE C 440 17.33 15.88 16.81
CA PHE C 440 18.10 14.94 17.60
C PHE C 440 18.36 15.58 18.96
N ALA C 441 18.76 16.84 18.94
CA ALA C 441 19.04 17.58 20.17
C ALA C 441 17.81 17.67 21.07
N ASP C 442 16.72 18.15 20.49
CA ASP C 442 15.47 18.29 21.23
C ASP C 442 15.01 16.97 21.84
N ALA C 443 15.24 15.87 21.13
CA ALA C 443 14.84 14.55 21.62
C ALA C 443 15.54 14.18 22.93
N LEU C 444 16.82 14.52 23.06
CA LEU C 444 17.56 14.18 24.27
C LEU C 444 16.90 14.74 25.53
N LYS C 445 16.03 15.73 25.37
CA LYS C 445 15.34 16.32 26.51
C LYS C 445 14.34 15.41 27.23
N ILE C 446 13.95 14.26 26.65
CA ILE C 446 13.00 13.40 27.36
C ILE C 446 13.56 12.96 28.69
N ILE C 447 14.88 12.80 28.80
CA ILE C 447 15.43 12.38 30.07
C ILE C 447 15.00 13.35 31.17
N PRO C 448 15.44 14.61 31.11
CA PRO C 448 15.06 15.59 32.13
C PRO C 448 13.54 15.62 32.27
N LYS C 449 12.88 15.60 31.13
CA LYS C 449 11.43 15.64 31.06
C LYS C 449 10.74 14.49 31.78
N THR C 450 11.16 13.24 31.52
CA THR C 450 10.48 12.13 32.18
C THR C 450 10.91 11.98 33.63
N LEU C 451 12.09 12.51 33.97
CA LEU C 451 12.55 12.46 35.36
C LEU C 451 11.58 13.33 36.16
N ALA C 452 11.26 14.49 35.63
CA ALA C 452 10.35 15.40 36.30
C ALA C 452 8.94 14.84 36.23
N GLU C 453 8.60 14.28 35.09
CA GLU C 453 7.26 13.71 34.91
C GLU C 453 6.97 12.62 35.93
N ASN C 454 7.91 11.69 36.13
CA ASN C 454 7.71 10.62 37.09
C ASN C 454 7.60 11.14 38.53
N ALA C 455 8.18 12.32 38.76
CA ALA C 455 8.15 12.94 40.08
C ALA C 455 6.86 13.72 40.28
N GLY C 456 6.03 13.76 39.24
CA GLY C 456 4.78 14.49 39.31
C GLY C 456 4.95 15.99 39.12
N LEU C 457 6.15 16.43 38.77
CA LEU C 457 6.40 17.87 38.58
C LEU C 457 5.90 18.36 37.23
N ASP C 458 5.70 19.67 37.11
CA ASP C 458 5.24 20.27 35.86
C ASP C 458 6.41 20.25 34.87
N THR C 459 6.28 19.39 33.88
CA THR C 459 7.27 19.18 32.83
C THR C 459 7.73 20.42 32.08
N VAL C 460 6.77 21.19 31.57
CA VAL C 460 7.11 22.38 30.81
C VAL C 460 7.95 23.36 31.64
N GLU C 461 7.53 23.56 32.89
CA GLU C 461 8.19 24.46 33.81
C GLU C 461 9.61 24.02 34.19
N MET C 462 9.75 22.76 34.59
CA MET C 462 11.05 22.24 34.98
C MET C 462 12.04 22.35 33.83
N LEU C 463 11.61 22.01 32.63
CA LEU C 463 12.51 22.11 31.48
C LEU C 463 12.96 23.56 31.32
N VAL C 464 12.01 24.49 31.36
CA VAL C 464 12.33 25.92 31.22
C VAL C 464 13.36 26.37 32.26
N LYS C 465 13.11 26.03 33.51
CA LYS C 465 14.00 26.42 34.59
C LYS C 465 15.37 25.75 34.57
N VAL C 466 15.39 24.44 34.28
CA VAL C 466 16.64 23.69 34.26
C VAL C 466 17.57 24.02 33.10
N ILE C 467 17.01 24.29 31.92
CA ILE C 467 17.87 24.62 30.79
C ILE C 467 18.48 26.02 30.95
N SER C 468 17.66 26.99 31.35
CA SER C 468 18.14 28.35 31.53
C SER C 468 19.15 28.42 32.67
N GLU C 469 18.80 27.83 33.81
CA GLU C 469 19.70 27.83 34.94
C GLU C 469 20.98 27.07 34.58
N HIS C 470 20.86 26.05 33.74
CA HIS C 470 22.02 25.25 33.33
C HIS C 470 22.94 26.11 32.45
N LYS C 471 22.37 26.83 31.49
CA LYS C 471 23.16 27.69 30.62
C LYS C 471 23.92 28.73 31.45
N ASN C 472 23.26 29.21 32.50
CA ASN C 472 23.86 30.23 33.35
C ASN C 472 24.93 29.67 34.30
N ARG C 473 24.57 28.68 35.10
CA ARG C 473 25.49 28.11 36.08
C ARG C 473 26.50 27.05 35.65
N GLY C 474 26.17 26.23 34.66
CA GLY C 474 27.14 25.24 34.24
C GLY C 474 26.71 23.82 33.90
N LEU C 475 27.72 23.02 33.57
CA LEU C 475 27.55 21.63 33.19
C LEU C 475 26.85 20.74 34.19
N GLY C 476 27.08 20.99 35.48
CA GLY C 476 26.48 20.15 36.51
C GLY C 476 25.02 20.36 36.83
N ILE C 477 24.38 21.35 36.23
CA ILE C 477 22.97 21.62 36.54
C ILE C 477 21.99 20.62 35.93
N GLY C 478 21.31 19.90 36.82
CA GLY C 478 20.33 18.92 36.41
C GLY C 478 19.09 19.12 37.25
N ILE C 479 18.13 18.21 37.12
CA ILE C 479 16.89 18.31 37.88
C ILE C 479 16.97 17.53 39.18
N ASP C 480 16.68 18.21 40.28
CA ASP C 480 16.66 17.55 41.59
C ASP C 480 15.19 17.15 41.73
N VAL C 481 14.88 15.89 41.47
CA VAL C 481 13.50 15.42 41.56
C VAL C 481 12.94 15.47 42.97
N PHE C 482 13.79 15.25 43.96
CA PHE C 482 13.36 15.26 45.35
C PHE C 482 12.95 16.66 45.79
N GLU C 483 13.68 17.67 45.34
CA GLU C 483 13.38 19.05 45.71
C GLU C 483 12.49 19.74 44.69
N GLY C 484 12.40 19.16 43.50
CA GLY C 484 11.58 19.75 42.46
C GLY C 484 12.12 21.06 41.91
N LYS C 485 13.42 21.12 41.67
CA LYS C 485 14.05 22.31 41.13
C LYS C 485 15.44 22.04 40.58
N PRO C 486 15.94 22.92 39.70
CA PRO C 486 17.29 22.66 39.17
C PRO C 486 18.28 22.68 40.34
N ALA C 487 19.43 22.04 40.15
CA ALA C 487 20.44 21.99 41.19
C ALA C 487 21.75 21.49 40.60
N ASP C 488 22.84 21.70 41.32
CA ASP C 488 24.13 21.24 40.84
C ASP C 488 24.30 19.78 41.26
N MET C 489 24.25 18.89 40.28
CA MET C 489 24.38 17.46 40.57
C MET C 489 25.76 17.15 41.16
N LEU C 490 26.78 17.87 40.70
CA LEU C 490 28.13 17.65 41.22
C LEU C 490 28.16 17.95 42.71
N GLU C 491 27.57 19.07 43.13
CA GLU C 491 27.54 19.42 44.54
C GLU C 491 26.77 18.36 45.32
N LYS C 492 25.63 17.95 44.80
CA LYS C 492 24.80 16.94 45.46
C LYS C 492 25.44 15.55 45.45
N GLY C 493 26.46 15.35 44.63
CA GLY C 493 27.11 14.06 44.54
C GLY C 493 26.36 13.07 43.67
N ILE C 494 25.42 13.59 42.88
CA ILE C 494 24.62 12.77 41.99
C ILE C 494 25.35 12.64 40.64
N ILE C 495 26.15 11.58 40.52
CA ILE C 495 26.95 11.35 39.33
C ILE C 495 26.83 9.93 38.78
N GLU C 496 27.18 9.78 37.49
CA GLU C 496 27.12 8.48 36.82
C GLU C 496 28.35 8.33 35.94
N PRO C 497 28.67 7.09 35.53
CA PRO C 497 29.85 6.84 34.68
C PRO C 497 29.67 7.39 33.27
N LEU C 498 30.76 7.91 32.71
CA LEU C 498 30.73 8.45 31.35
C LEU C 498 30.23 7.36 30.40
N ARG C 499 30.63 6.12 30.69
CA ARG C 499 30.26 5.01 29.82
C ARG C 499 28.75 4.87 29.63
N VAL C 500 27.99 5.10 30.69
CA VAL C 500 26.54 4.99 30.61
C VAL C 500 25.95 5.86 29.51
N LYS C 501 26.32 7.13 29.47
CA LYS C 501 25.83 8.06 28.46
C LYS C 501 26.40 7.77 27.08
N LYS C 502 27.65 7.36 27.01
CA LYS C 502 28.26 7.08 25.72
C LYS C 502 27.57 5.90 25.06
N GLN C 503 27.48 4.77 25.74
CA GLN C 503 26.83 3.60 25.15
C GLN C 503 25.36 3.89 24.87
N ALA C 504 24.67 4.54 25.81
CA ALA C 504 23.26 4.88 25.65
C ALA C 504 22.98 5.63 24.36
N ILE C 505 23.81 6.62 24.03
CA ILE C 505 23.60 7.39 22.82
C ILE C 505 23.96 6.56 21.58
N LYS C 506 24.97 5.72 21.69
CA LYS C 506 25.36 4.87 20.56
C LYS C 506 24.28 3.85 20.20
N SER C 507 23.76 3.13 21.19
CA SER C 507 22.75 2.12 20.92
C SER C 507 21.42 2.71 20.48
N ALA C 508 21.03 3.83 21.08
CA ALA C 508 19.77 4.48 20.72
C ALA C 508 19.89 5.07 19.33
N SER C 509 21.03 5.68 19.03
CA SER C 509 21.24 6.29 17.73
C SER C 509 21.22 5.31 16.58
N GLU C 510 22.06 4.27 16.67
CA GLU C 510 22.13 3.29 15.60
C GLU C 510 20.81 2.55 15.42
N ALA C 511 20.13 2.27 16.53
CA ALA C 511 18.85 1.58 16.46
C ALA C 511 17.81 2.47 15.80
N ALA C 512 17.82 3.75 16.15
CA ALA C 512 16.87 4.71 15.57
C ALA C 512 17.14 4.86 14.08
N ILE C 513 18.39 5.04 13.71
CA ILE C 513 18.74 5.17 12.30
C ILE C 513 18.33 3.91 11.52
N MET C 514 18.58 2.73 12.09
CA MET C 514 18.21 1.49 11.42
C MET C 514 16.72 1.46 11.15
N ILE C 515 15.94 1.71 12.19
CA ILE C 515 14.50 1.72 12.03
C ILE C 515 14.05 2.77 11.05
N LEU C 516 14.63 3.97 11.11
CA LEU C 516 14.25 5.02 10.17
C LEU C 516 14.48 4.63 8.71
N ARG C 517 15.43 3.73 8.46
CA ARG C 517 15.70 3.31 7.09
C ARG C 517 14.72 2.26 6.55
N ILE C 518 13.81 1.79 7.39
CA ILE C 518 12.88 0.77 6.92
C ILE C 518 11.63 1.33 6.26
N ASP C 519 11.45 1.01 4.99
CA ASP C 519 10.28 1.49 4.25
C ASP C 519 9.45 0.33 3.70
N ASP C 520 9.75 -0.88 4.16
CA ASP C 520 9.04 -2.06 3.69
C ASP C 520 9.12 -3.15 4.76
N VAL C 521 7.98 -3.53 5.33
CA VAL C 521 7.93 -4.59 6.34
C VAL C 521 7.12 -5.77 5.81
N ILE C 522 7.77 -6.93 5.72
CA ILE C 522 7.13 -8.14 5.22
C ILE C 522 7.15 -9.25 6.27
N ALA C 523 5.99 -9.53 6.85
CA ALA C 523 5.87 -10.55 7.89
C ALA C 523 5.06 -11.76 7.45
N ALA C 524 5.69 -12.93 7.51
CA ALA C 524 5.02 -14.17 7.13
C ALA C 524 3.84 -14.41 8.08
N LYS C 525 3.13 -15.51 7.86
CA LYS C 525 1.99 -15.85 8.72
C LYS C 525 2.60 -16.50 9.96
N ALA C 526 2.15 -16.08 11.14
CA ALA C 526 2.67 -16.61 12.40
C ALA C 526 2.68 -18.13 12.49
N VAL D 9 -11.50 -34.82 -21.28
CA VAL D 9 -11.07 -36.11 -20.77
C VAL D 9 -10.03 -35.81 -19.69
N VAL D 10 -10.25 -36.33 -18.49
CA VAL D 10 -9.35 -36.09 -17.36
C VAL D 10 -7.93 -36.61 -17.59
N ILE D 11 -7.03 -35.71 -17.96
CA ILE D 11 -5.66 -36.07 -18.20
C ILE D 11 -4.78 -35.59 -17.04
N LEU D 12 -5.11 -34.44 -16.49
CA LEU D 12 -4.36 -33.90 -15.37
C LEU D 12 -5.18 -33.98 -14.10
N PRO D 13 -4.54 -34.30 -12.96
CA PRO D 13 -5.21 -34.42 -11.65
C PRO D 13 -6.02 -33.18 -11.31
N GLU D 14 -7.10 -33.37 -10.55
CA GLU D 14 -7.91 -32.21 -10.16
C GLU D 14 -7.02 -31.36 -9.26
N GLY D 15 -7.22 -30.05 -9.28
CA GLY D 15 -6.39 -29.18 -8.46
C GLY D 15 -5.21 -28.64 -9.24
N THR D 16 -4.89 -29.26 -10.37
CA THR D 16 -3.80 -28.80 -11.20
C THR D 16 -4.23 -27.52 -11.90
N GLN D 17 -3.35 -26.54 -11.95
CA GLN D 17 -3.65 -25.28 -12.62
C GLN D 17 -2.71 -25.11 -13.81
N ARG D 18 -3.25 -24.60 -14.91
CA ARG D 18 -2.46 -24.43 -16.11
C ARG D 18 -2.72 -23.11 -16.84
N TYR D 19 -1.67 -22.53 -17.39
CA TYR D 19 -1.77 -21.28 -18.13
C TYR D 19 -0.98 -21.48 -19.41
N VAL D 20 -1.56 -21.09 -20.52
CA VAL D 20 -0.92 -21.27 -21.82
C VAL D 20 -0.78 -19.97 -22.58
N GLY D 21 0.15 -19.96 -23.53
CA GLY D 21 0.38 -18.80 -24.37
C GLY D 21 0.47 -17.46 -23.66
N ARG D 22 -0.26 -16.49 -24.21
CA ARG D 22 -0.31 -15.13 -23.68
C ARG D 22 -0.53 -15.10 -22.18
N ASP D 23 -1.40 -15.99 -21.68
CA ASP D 23 -1.68 -16.04 -20.24
C ASP D 23 -0.47 -16.42 -19.42
N ALA D 24 0.25 -17.44 -19.88
CA ALA D 24 1.44 -17.87 -19.18
C ALA D 24 2.46 -16.73 -19.20
N GLN D 25 2.59 -16.08 -20.34
CA GLN D 25 3.53 -14.99 -20.48
C GLN D 25 3.17 -13.82 -19.57
N ARG D 26 1.91 -13.44 -19.60
CA ARG D 26 1.43 -12.32 -18.79
C ARG D 26 1.68 -12.57 -17.30
N LEU D 27 1.29 -13.74 -16.83
CA LEU D 27 1.46 -14.08 -15.43
C LEU D 27 2.93 -14.16 -15.00
N ASN D 28 3.77 -14.83 -15.79
CA ASN D 28 5.18 -14.96 -15.43
C ASN D 28 5.90 -13.62 -15.41
N ILE D 29 5.65 -12.82 -16.44
CA ILE D 29 6.27 -11.51 -16.56
C ILE D 29 5.78 -10.56 -15.46
N LEU D 30 4.50 -10.62 -15.13
CA LEU D 30 3.96 -9.75 -14.09
C LEU D 30 4.57 -10.12 -12.74
N ALA D 31 4.72 -11.42 -12.49
CA ALA D 31 5.28 -11.87 -11.23
C ALA D 31 6.74 -11.45 -11.06
N ALA D 32 7.51 -11.53 -12.15
CA ALA D 32 8.91 -11.17 -12.11
C ALA D 32 9.07 -9.65 -11.99
N ARG D 33 8.19 -8.89 -12.63
CA ARG D 33 8.26 -7.43 -12.55
C ARG D 33 7.99 -6.98 -11.12
N ILE D 34 6.93 -7.52 -10.53
CA ILE D 34 6.55 -7.17 -9.16
C ILE D 34 7.72 -7.41 -8.19
N ILE D 35 8.40 -8.54 -8.35
CA ILE D 35 9.54 -8.85 -7.49
C ILE D 35 10.62 -7.79 -7.67
N ALA D 36 10.92 -7.47 -8.94
CA ALA D 36 11.92 -6.47 -9.26
C ALA D 36 11.49 -5.13 -8.65
N GLU D 37 10.20 -4.80 -8.77
CA GLU D 37 9.70 -3.55 -8.21
C GLU D 37 9.82 -3.54 -6.68
N THR D 38 9.76 -4.71 -6.07
CA THR D 38 9.86 -4.79 -4.63
C THR D 38 11.26 -4.46 -4.14
N VAL D 39 12.27 -4.85 -4.89
CA VAL D 39 13.64 -4.59 -4.45
C VAL D 39 14.30 -3.34 -5.03
N ARG D 40 13.74 -2.79 -6.11
CA ARG D 40 14.36 -1.60 -6.72
C ARG D 40 14.42 -0.44 -5.72
N THR D 41 13.47 -0.39 -4.80
CA THR D 41 13.46 0.69 -3.83
C THR D 41 14.66 0.68 -2.88
N THR D 42 15.46 -0.38 -2.93
CA THR D 42 16.65 -0.46 -2.08
C THR D 42 17.88 0.00 -2.86
N LEU D 43 17.71 0.23 -4.16
CA LEU D 43 18.82 0.61 -5.02
C LEU D 43 19.46 1.99 -4.84
N GLY D 44 20.78 2.00 -4.70
CA GLY D 44 21.51 3.25 -4.59
C GLY D 44 21.64 3.95 -3.24
N PRO D 45 22.30 5.11 -3.25
CA PRO D 45 22.56 5.95 -2.08
C PRO D 45 21.29 6.32 -1.33
N LYS D 46 20.19 6.51 -2.05
CA LYS D 46 18.93 6.89 -1.42
C LYS D 46 17.99 5.70 -1.29
N GLY D 47 18.50 4.49 -1.51
CA GLY D 47 17.67 3.31 -1.38
C GLY D 47 17.41 2.99 0.09
N MET D 48 16.24 2.45 0.40
CA MET D 48 15.89 2.13 1.78
C MET D 48 15.93 0.62 2.07
N ASP D 49 15.64 0.25 3.31
CA ASP D 49 15.70 -1.15 3.70
C ASP D 49 14.36 -1.83 3.99
N LYS D 50 14.41 -3.15 4.18
CA LYS D 50 13.23 -3.94 4.49
C LYS D 50 13.41 -4.70 5.80
N MET D 51 12.30 -4.92 6.50
CA MET D 51 12.34 -5.68 7.73
C MET D 51 11.57 -6.97 7.39
N LEU D 52 12.26 -8.09 7.48
CA LEU D 52 11.65 -9.38 7.16
C LEU D 52 11.42 -10.22 8.40
N VAL D 53 10.18 -10.66 8.59
CA VAL D 53 9.85 -11.49 9.74
C VAL D 53 9.33 -12.84 9.26
N ASP D 54 10.04 -13.92 9.61
CA ASP D 54 9.59 -15.26 9.20
C ASP D 54 8.47 -15.75 10.10
N SER D 55 8.07 -17.01 9.90
CA SER D 55 6.99 -17.63 10.66
C SER D 55 7.35 -17.86 12.13
N LEU D 56 8.64 -17.99 12.40
CA LEU D 56 9.12 -18.21 13.76
C LEU D 56 9.27 -16.90 14.54
N GLY D 57 9.03 -15.77 13.87
CA GLY D 57 9.16 -14.50 14.54
C GLY D 57 10.57 -13.93 14.50
N ASP D 58 11.45 -14.58 13.73
CA ASP D 58 12.79 -14.12 13.56
C ASP D 58 12.86 -12.89 12.67
N ILE D 59 13.64 -11.90 13.07
CA ILE D 59 13.71 -10.65 12.30
C ILE D 59 14.99 -10.39 11.53
N VAL D 60 14.84 -9.92 10.29
CA VAL D 60 15.97 -9.59 9.44
C VAL D 60 15.75 -8.19 8.86
N VAL D 61 16.66 -7.27 9.17
CA VAL D 61 16.58 -5.90 8.67
C VAL D 61 17.80 -5.69 7.78
N THR D 62 17.57 -5.41 6.49
CA THR D 62 18.68 -5.25 5.58
C THR D 62 18.35 -4.45 4.31
N ASN D 63 19.38 -4.22 3.51
CA ASN D 63 19.26 -3.49 2.26
C ASN D 63 19.66 -4.41 1.12
N ASP D 64 20.28 -5.53 1.50
CA ASP D 64 20.78 -6.52 0.57
C ASP D 64 19.72 -7.35 -0.15
N CYS D 65 19.61 -7.14 -1.44
CA CYS D 65 18.65 -7.83 -2.28
C CYS D 65 18.71 -9.36 -2.21
N ALA D 66 19.92 -9.91 -2.24
CA ALA D 66 20.08 -11.37 -2.18
C ALA D 66 19.50 -11.91 -0.87
N THR D 67 19.81 -11.24 0.23
CA THR D 67 19.31 -11.65 1.54
C THR D 67 17.79 -11.51 1.57
N ILE D 68 17.28 -10.40 1.05
CA ILE D 68 15.84 -10.16 1.04
C ILE D 68 15.07 -11.26 0.29
N LEU D 69 15.52 -11.58 -0.93
CA LEU D 69 14.84 -12.57 -1.75
C LEU D 69 15.00 -13.98 -1.18
N ASP D 70 16.07 -14.20 -0.44
CA ASP D 70 16.34 -15.48 0.18
C ASP D 70 15.44 -15.70 1.39
N LYS D 71 15.29 -14.65 2.20
CA LYS D 71 14.47 -14.74 3.41
C LYS D 71 12.96 -14.65 3.19
N ILE D 72 12.52 -14.09 2.08
CA ILE D 72 11.08 -13.98 1.83
C ILE D 72 10.52 -15.30 1.31
N ASP D 73 9.31 -15.65 1.72
CA ASP D 73 8.70 -16.90 1.28
C ASP D 73 7.87 -16.72 0.01
N LEU D 74 8.55 -16.73 -1.13
CA LEU D 74 7.90 -16.54 -2.42
C LEU D 74 7.08 -17.75 -2.86
N GLN D 75 5.96 -17.48 -3.52
CA GLN D 75 5.09 -18.54 -3.99
C GLN D 75 5.11 -18.75 -5.51
N HIS D 76 4.98 -17.67 -6.27
CA HIS D 76 4.99 -17.80 -7.73
C HIS D 76 6.33 -18.28 -8.27
N PRO D 77 6.31 -19.26 -9.18
CA PRO D 77 7.53 -19.82 -9.79
C PRO D 77 8.42 -18.78 -10.47
N ALA D 78 7.79 -17.88 -11.21
CA ALA D 78 8.53 -16.84 -11.92
C ALA D 78 9.27 -15.98 -10.92
N ALA D 79 8.64 -15.73 -9.79
CA ALA D 79 9.28 -14.94 -8.76
C ALA D 79 10.46 -15.70 -8.17
N LYS D 80 10.29 -17.01 -7.98
CA LYS D 80 11.36 -17.84 -7.42
C LYS D 80 12.57 -17.86 -8.35
N MET D 81 12.31 -17.79 -9.64
CA MET D 81 13.39 -17.80 -10.62
C MET D 81 14.21 -16.52 -10.53
N MET D 82 13.58 -15.46 -10.06
CA MET D 82 14.28 -14.19 -9.93
C MET D 82 15.27 -14.28 -8.78
N VAL D 83 14.94 -15.09 -7.77
CA VAL D 83 15.83 -15.26 -6.63
C VAL D 83 17.19 -15.75 -7.09
N GLU D 84 17.21 -16.65 -8.07
CA GLU D 84 18.47 -17.19 -8.56
C GLU D 84 19.35 -16.12 -9.18
N VAL D 85 18.73 -15.11 -9.77
CA VAL D 85 19.53 -14.05 -10.37
C VAL D 85 20.34 -13.37 -9.27
N ALA D 86 19.67 -13.05 -8.16
CA ALA D 86 20.32 -12.39 -7.04
C ALA D 86 21.40 -13.26 -6.41
N LYS D 87 21.11 -14.55 -6.24
CA LYS D 87 22.05 -15.47 -5.63
C LYS D 87 23.33 -15.69 -6.44
N THR D 88 23.17 -15.90 -7.75
CA THR D 88 24.32 -16.10 -8.60
C THR D 88 25.15 -14.83 -8.67
N GLN D 89 24.47 -13.68 -8.77
CA GLN D 89 25.16 -12.40 -8.82
C GLN D 89 25.99 -12.22 -7.55
N ASP D 90 25.36 -12.50 -6.41
CA ASP D 90 26.00 -12.38 -5.10
C ASP D 90 27.22 -13.28 -4.95
N LYS D 91 27.12 -14.52 -5.43
CA LYS D 91 28.24 -15.45 -5.32
C LYS D 91 29.43 -15.08 -6.19
N GLU D 92 29.17 -14.63 -7.41
CA GLU D 92 30.24 -14.28 -8.32
C GLU D 92 30.90 -12.92 -8.14
N ALA D 93 30.11 -11.88 -7.83
CA ALA D 93 30.66 -10.54 -7.71
C ALA D 93 30.34 -9.76 -6.44
N GLY D 94 29.39 -10.22 -5.65
CA GLY D 94 29.04 -9.51 -4.43
C GLY D 94 27.98 -8.45 -4.64
N ASP D 95 28.40 -7.26 -5.06
CA ASP D 95 27.45 -6.18 -5.31
C ASP D 95 26.67 -6.43 -6.59
N GLY D 96 25.67 -5.60 -6.82
CA GLY D 96 24.86 -5.70 -8.03
C GLY D 96 23.74 -6.72 -8.04
N THR D 97 23.31 -7.19 -6.86
CA THR D 97 22.24 -8.17 -6.83
C THR D 97 20.92 -7.49 -7.15
N THR D 98 20.75 -6.26 -6.68
CA THR D 98 19.53 -5.51 -6.95
C THR D 98 19.51 -5.13 -8.42
N THR D 99 20.65 -4.64 -8.89
CA THR D 99 20.79 -4.23 -10.29
C THR D 99 20.40 -5.37 -11.22
N ALA D 100 20.91 -6.57 -10.97
CA ALA D 100 20.60 -7.72 -11.81
C ALA D 100 19.10 -8.02 -11.84
N VAL D 101 18.49 -8.11 -10.66
CA VAL D 101 17.07 -8.41 -10.56
C VAL D 101 16.21 -7.34 -11.23
N VAL D 102 16.58 -6.08 -11.02
CA VAL D 102 15.86 -4.95 -11.58
C VAL D 102 15.95 -4.91 -13.10
N ILE D 103 17.11 -5.28 -13.64
CA ILE D 103 17.26 -5.29 -15.09
C ILE D 103 16.44 -6.43 -15.68
N ALA D 104 16.51 -7.60 -15.07
CA ALA D 104 15.77 -8.74 -15.56
C ALA D 104 14.29 -8.37 -15.62
N GLY D 105 13.78 -7.80 -14.53
CA GLY D 105 12.39 -7.40 -14.51
C GLY D 105 12.06 -6.42 -15.63
N GLU D 106 12.91 -5.42 -15.81
CA GLU D 106 12.68 -4.41 -16.84
C GLU D 106 12.73 -5.00 -18.24
N LEU D 107 13.68 -5.91 -18.46
CA LEU D 107 13.85 -6.58 -19.74
C LEU D 107 12.54 -7.29 -20.11
N LEU D 108 11.98 -8.01 -19.14
CA LEU D 108 10.73 -8.74 -19.37
C LEU D 108 9.59 -7.79 -19.69
N ARG D 109 9.59 -6.63 -19.06
CA ARG D 109 8.54 -5.65 -19.28
C ARG D 109 8.57 -5.12 -20.72
N LYS D 110 9.77 -4.76 -21.18
CA LYS D 110 9.96 -4.23 -22.53
C LYS D 110 9.67 -5.31 -23.57
N ALA D 111 9.96 -6.56 -23.22
CA ALA D 111 9.70 -7.67 -24.12
C ALA D 111 8.20 -7.87 -24.33
N GLU D 112 7.43 -7.74 -23.26
CA GLU D 112 5.98 -7.94 -23.38
C GLU D 112 5.36 -6.96 -24.37
N GLU D 113 5.96 -5.79 -24.51
CA GLU D 113 5.44 -4.81 -25.45
C GLU D 113 5.54 -5.38 -26.86
N LEU D 114 6.63 -6.11 -27.12
CA LEU D 114 6.84 -6.72 -28.43
C LEU D 114 5.93 -7.93 -28.59
N LEU D 115 5.65 -8.62 -27.49
CA LEU D 115 4.78 -9.79 -27.53
C LEU D 115 3.37 -9.32 -27.88
N ASP D 116 2.98 -8.18 -27.31
CA ASP D 116 1.67 -7.63 -27.57
C ASP D 116 1.58 -7.20 -29.02
N GLN D 117 2.73 -6.92 -29.62
CA GLN D 117 2.81 -6.50 -31.02
C GLN D 117 2.84 -7.71 -31.93
N ASN D 118 2.74 -8.90 -31.33
CA ASN D 118 2.74 -10.17 -32.07
C ASN D 118 4.09 -10.59 -32.64
N ILE D 119 5.17 -10.01 -32.13
CA ILE D 119 6.48 -10.41 -32.57
C ILE D 119 6.77 -11.74 -31.87
N HIS D 120 7.22 -12.73 -32.63
CA HIS D 120 7.49 -14.07 -32.10
C HIS D 120 8.57 -14.10 -31.03
N PRO D 121 8.28 -14.74 -29.89
CA PRO D 121 9.26 -14.83 -28.79
C PRO D 121 10.66 -15.27 -29.20
N SER D 122 10.78 -16.13 -30.21
CA SER D 122 12.11 -16.58 -30.63
C SER D 122 12.88 -15.41 -31.22
N ILE D 123 12.18 -14.44 -31.80
CA ILE D 123 12.83 -13.28 -32.38
C ILE D 123 13.24 -12.30 -31.29
N ILE D 124 12.37 -12.11 -30.30
CA ILE D 124 12.65 -11.21 -29.18
C ILE D 124 13.86 -11.78 -28.43
N THR D 125 13.79 -13.09 -28.21
CA THR D 125 14.83 -13.84 -27.53
C THR D 125 16.15 -13.77 -28.30
N LYS D 126 16.06 -13.77 -29.63
CA LYS D 126 17.23 -13.68 -30.50
C LYS D 126 17.86 -12.29 -30.35
N GLY D 127 17.03 -11.26 -30.45
CA GLY D 127 17.51 -9.91 -30.30
C GLY D 127 18.12 -9.69 -28.92
N TYR D 128 17.45 -10.19 -27.87
CA TYR D 128 17.98 -10.03 -26.54
C TYR D 128 19.35 -10.68 -26.37
N ALA D 129 19.53 -11.89 -26.92
CA ALA D 129 20.81 -12.58 -26.81
C ALA D 129 21.92 -11.82 -27.54
N LEU D 130 21.60 -11.26 -28.70
CA LEU D 130 22.57 -10.49 -29.47
C LEU D 130 22.98 -9.26 -28.67
N ALA D 131 21.98 -8.56 -28.13
CA ALA D 131 22.22 -7.36 -27.36
C ALA D 131 23.10 -7.65 -26.14
N ALA D 132 22.82 -8.78 -25.49
CA ALA D 132 23.56 -9.17 -24.29
C ALA D 132 25.01 -9.55 -24.61
N GLU D 133 25.21 -10.17 -25.75
CA GLU D 133 26.56 -10.57 -26.14
C GLU D 133 27.35 -9.33 -26.54
N LYS D 134 26.66 -8.38 -27.18
CA LYS D 134 27.27 -7.12 -27.58
C LYS D 134 27.65 -6.34 -26.32
N ALA D 135 26.74 -6.33 -25.35
CA ALA D 135 26.97 -5.62 -24.09
C ALA D 135 28.27 -6.07 -23.43
N GLN D 136 28.52 -7.37 -23.41
CA GLN D 136 29.75 -7.87 -22.80
C GLN D 136 30.98 -7.34 -23.56
N GLU D 137 30.89 -7.26 -24.89
CA GLU D 137 32.02 -6.75 -25.66
C GLU D 137 32.23 -5.26 -25.37
N ILE D 138 31.13 -4.54 -25.17
CA ILE D 138 31.21 -3.12 -24.86
C ILE D 138 31.80 -2.89 -23.48
N LEU D 139 31.33 -3.64 -22.49
CA LEU D 139 31.83 -3.50 -21.13
C LEU D 139 33.33 -3.81 -21.08
N ASP D 140 33.77 -4.83 -21.81
CA ASP D 140 35.19 -5.17 -21.84
C ASP D 140 36.01 -4.02 -22.43
N GLU D 141 35.42 -3.34 -23.40
CA GLU D 141 36.10 -2.24 -24.08
C GLU D 141 36.19 -0.93 -23.31
N ILE D 142 35.07 -0.54 -22.71
CA ILE D 142 35.03 0.70 -21.97
C ILE D 142 35.60 0.55 -20.57
N ALA D 143 35.77 -0.69 -20.12
CA ALA D 143 36.31 -0.95 -18.79
C ALA D 143 37.61 -0.17 -18.58
N ILE D 144 37.78 0.38 -17.38
CA ILE D 144 38.98 1.13 -17.07
C ILE D 144 40.00 0.23 -16.39
N ARG D 145 41.07 -0.07 -17.10
CA ARG D 145 42.10 -0.93 -16.56
C ARG D 145 42.88 -0.19 -15.49
N VAL D 146 42.93 -0.77 -14.30
CA VAL D 146 43.60 -0.14 -13.18
C VAL D 146 44.63 -1.08 -12.56
N ASP D 147 45.45 -0.53 -11.68
CA ASP D 147 46.47 -1.32 -11.01
C ASP D 147 45.79 -2.17 -9.95
N PRO D 148 45.84 -3.51 -10.11
CA PRO D 148 45.24 -4.50 -9.19
C PRO D 148 45.27 -4.16 -7.71
N ASP D 149 46.38 -3.62 -7.22
CA ASP D 149 46.47 -3.30 -5.81
C ASP D 149 46.56 -1.82 -5.50
N ASP D 150 46.14 -0.97 -6.44
CA ASP D 150 46.18 0.46 -6.17
C ASP D 150 45.22 0.78 -5.03
N GLU D 151 45.78 0.97 -3.84
CA GLU D 151 44.97 1.26 -2.66
C GLU D 151 43.94 2.36 -2.89
N GLU D 152 44.32 3.35 -3.71
CA GLU D 152 43.44 4.47 -4.00
C GLU D 152 42.14 4.02 -4.66
N THR D 153 42.23 3.29 -5.77
CA THR D 153 41.02 2.86 -6.45
C THR D 153 40.26 1.83 -5.60
N LEU D 154 41.01 0.93 -4.97
CA LEU D 154 40.42 -0.09 -4.12
C LEU D 154 39.56 0.56 -3.03
N LEU D 155 40.08 1.63 -2.45
CA LEU D 155 39.37 2.36 -1.42
C LEU D 155 38.09 2.96 -1.99
N LYS D 156 38.16 3.45 -3.22
CA LYS D 156 36.98 4.03 -3.85
C LYS D 156 35.95 2.97 -4.16
N ILE D 157 36.42 1.77 -4.52
CA ILE D 157 35.53 0.66 -4.81
C ILE D 157 34.79 0.25 -3.54
N ALA D 158 35.53 0.09 -2.45
CA ALA D 158 34.94 -0.30 -1.18
C ALA D 158 33.94 0.75 -0.70
N ALA D 159 34.37 2.01 -0.66
CA ALA D 159 33.49 3.08 -0.21
C ALA D 159 32.21 3.18 -1.04
N THR D 160 32.35 3.07 -2.36
CA THR D 160 31.20 3.15 -3.24
C THR D 160 30.20 2.04 -2.93
N SER D 161 30.72 0.89 -2.57
CA SER D 161 29.89 -0.26 -2.25
C SER D 161 29.14 -0.09 -0.94
N ILE D 162 29.81 0.45 0.05
CA ILE D 162 29.23 0.63 1.38
C ILE D 162 28.14 1.69 1.48
N THR D 163 28.18 2.73 0.64
CA THR D 163 27.15 3.75 0.71
C THR D 163 25.75 3.24 0.33
N GLY D 164 24.73 3.85 0.90
CA GLY D 164 23.37 3.45 0.62
C GLY D 164 22.86 2.41 1.61
N LYS D 165 23.62 2.21 2.69
CA LYS D 165 23.27 1.23 3.72
C LYS D 165 23.45 1.89 5.08
N ASN D 166 22.65 1.55 6.08
CA ASN D 166 22.98 2.20 7.36
C ASN D 166 24.46 1.84 7.59
N ALA D 167 25.19 2.57 8.41
CA ALA D 167 26.60 2.29 8.56
C ALA D 167 27.37 2.79 7.33
N GLU D 168 26.80 3.77 6.62
CA GLU D 168 27.50 4.40 5.52
C GLU D 168 28.18 5.63 6.18
N SER D 169 27.69 5.89 7.39
CA SER D 169 28.21 6.94 8.19
C SER D 169 29.70 6.71 8.42
N HIS D 170 30.06 5.43 8.52
CA HIS D 170 31.43 5.04 8.78
C HIS D 170 32.07 4.38 7.56
N LYS D 171 31.62 4.77 6.37
CA LYS D 171 32.15 4.17 5.16
C LYS D 171 33.68 4.32 5.03
N GLU D 172 34.22 5.44 5.49
CA GLU D 172 35.67 5.66 5.40
C GLU D 172 36.43 4.58 6.17
N LEU D 173 36.01 4.32 7.40
CA LEU D 173 36.65 3.32 8.24
C LEU D 173 36.43 1.92 7.66
N LEU D 174 35.17 1.54 7.49
CA LEU D 174 34.83 0.23 6.97
C LEU D 174 35.50 -0.07 5.62
N ALA D 175 35.57 0.92 4.74
CA ALA D 175 36.23 0.70 3.44
C ALA D 175 37.70 0.41 3.71
N LYS D 176 38.29 1.19 4.61
CA LYS D 176 39.70 1.03 4.96
C LYS D 176 39.97 -0.37 5.49
N LEU D 177 39.08 -0.87 6.33
CA LEU D 177 39.25 -2.20 6.91
C LEU D 177 39.12 -3.28 5.84
N ALA D 178 38.13 -3.13 4.97
CA ALA D 178 37.91 -4.10 3.90
C ALA D 178 39.12 -4.19 2.97
N VAL D 179 39.66 -3.02 2.61
CA VAL D 179 40.80 -3.00 1.71
C VAL D 179 42.06 -3.58 2.34
N GLU D 180 42.35 -3.21 3.58
CA GLU D 180 43.53 -3.71 4.26
C GLU D 180 43.45 -5.23 4.42
N ALA D 181 42.26 -5.74 4.75
CA ALA D 181 42.08 -7.17 4.93
C ALA D 181 42.32 -7.96 3.64
N VAL D 182 41.75 -7.48 2.54
CA VAL D 182 41.90 -8.17 1.26
C VAL D 182 43.33 -8.07 0.75
N LYS D 183 43.91 -6.88 0.85
CA LYS D 183 45.30 -6.69 0.40
C LYS D 183 46.20 -7.67 1.14
N GLN D 184 45.95 -7.84 2.43
CA GLN D 184 46.75 -8.71 3.27
C GLN D 184 46.67 -10.21 2.97
N VAL D 185 45.47 -10.73 2.72
CA VAL D 185 45.32 -12.16 2.44
C VAL D 185 45.44 -12.50 0.96
N ALA D 186 45.53 -11.50 0.12
CA ALA D 186 45.65 -11.76 -1.32
C ALA D 186 46.93 -12.51 -1.64
N GLU D 187 46.83 -13.45 -2.57
CA GLU D 187 47.99 -14.21 -3.00
C GLU D 187 48.27 -13.86 -4.45
N LYS D 188 49.48 -13.37 -4.70
CA LYS D 188 49.89 -12.99 -6.04
C LYS D 188 50.67 -14.14 -6.65
N LYS D 189 50.10 -14.77 -7.68
CA LYS D 189 50.79 -15.84 -8.32
C LYS D 189 51.83 -15.25 -9.28
N ASP D 190 51.45 -14.22 -10.02
CA ASP D 190 52.28 -13.60 -11.04
C ASP D 190 51.51 -12.42 -11.62
N GLY D 191 51.65 -11.29 -10.98
CA GLY D 191 50.94 -10.10 -11.39
C GLY D 191 49.44 -10.27 -11.21
N LYS D 192 49.02 -11.53 -11.23
CA LYS D 192 47.62 -11.88 -11.05
C LYS D 192 47.36 -12.30 -9.62
N TYR D 193 46.46 -11.57 -8.97
CA TYR D 193 46.10 -11.86 -7.60
C TYR D 193 44.93 -12.83 -7.54
N VAL D 194 44.87 -13.58 -6.46
CA VAL D 194 43.79 -14.51 -6.24
C VAL D 194 43.47 -14.34 -4.76
N VAL D 195 42.21 -14.17 -4.43
CA VAL D 195 41.83 -13.96 -3.04
C VAL D 195 40.83 -14.98 -2.53
N ASP D 196 41.18 -15.62 -1.42
CA ASP D 196 40.30 -16.60 -0.80
C ASP D 196 39.65 -15.94 0.40
N LEU D 197 38.41 -15.52 0.24
CA LEU D 197 37.68 -14.83 1.31
C LEU D 197 37.55 -15.60 2.61
N ASP D 198 37.82 -16.91 2.58
CA ASP D 198 37.74 -17.68 3.81
C ASP D 198 38.88 -17.31 4.74
N ASN D 199 39.83 -16.54 4.21
CA ASN D 199 40.98 -16.11 5.00
C ASN D 199 40.68 -14.83 5.76
N ILE D 200 39.51 -14.25 5.54
CA ILE D 200 39.12 -13.04 6.24
C ILE D 200 37.93 -13.42 7.13
N LYS D 201 38.14 -13.36 8.43
CA LYS D 201 37.06 -13.71 9.36
C LYS D 201 36.32 -12.48 9.83
N PHE D 202 35.00 -12.63 10.01
CA PHE D 202 34.18 -11.55 10.54
C PHE D 202 33.67 -12.00 11.91
N GLU D 203 34.08 -11.29 12.96
CA GLU D 203 33.65 -11.62 14.31
C GLU D 203 32.79 -10.45 14.78
N LYS D 204 31.60 -10.75 15.29
CA LYS D 204 30.66 -9.72 15.72
C LYS D 204 30.35 -9.74 17.22
N LYS D 205 30.38 -8.55 17.83
CA LYS D 205 30.05 -8.40 19.24
C LYS D 205 29.33 -7.08 19.49
N ALA D 206 28.07 -7.15 19.91
CA ALA D 206 27.30 -5.95 20.20
C ALA D 206 28.01 -5.18 21.31
N GLY D 207 27.81 -3.87 21.34
CA GLY D 207 28.49 -3.06 22.35
C GLY D 207 29.28 -1.99 21.63
N GLU D 208 29.45 -0.82 22.29
CA GLU D 208 30.12 0.29 21.62
C GLU D 208 29.31 0.64 20.36
N GLY D 209 29.99 1.17 19.35
CA GLY D 209 29.33 1.52 18.11
C GLY D 209 30.11 0.98 16.93
N VAL D 210 29.56 1.14 15.73
CA VAL D 210 30.19 0.67 14.51
C VAL D 210 31.61 1.23 14.38
N GLU D 211 31.79 2.46 14.85
CA GLU D 211 33.07 3.18 14.83
C GLU D 211 34.21 2.42 15.50
N GLU D 212 33.88 1.56 16.47
CA GLU D 212 34.89 0.81 17.17
C GLU D 212 35.31 -0.48 16.47
N SER D 213 34.67 -0.78 15.34
CA SER D 213 35.03 -1.97 14.59
C SER D 213 36.50 -1.78 14.19
N GLU D 214 37.23 -2.89 14.07
CA GLU D 214 38.66 -2.82 13.73
C GLU D 214 39.18 -4.02 12.95
N LEU D 215 40.40 -3.88 12.44
CA LEU D 215 41.04 -4.97 11.73
C LEU D 215 42.12 -5.54 12.65
N VAL D 216 42.08 -6.85 12.86
CA VAL D 216 43.06 -7.51 13.70
C VAL D 216 43.93 -8.37 12.79
N ARG D 217 45.22 -8.06 12.75
CA ARG D 217 46.16 -8.82 11.92
C ARG D 217 46.48 -10.10 12.68
N GLY D 218 45.47 -10.96 12.74
CA GLY D 218 45.58 -12.21 13.46
C GLY D 218 44.18 -12.80 13.53
N VAL D 219 43.88 -13.51 14.61
CA VAL D 219 42.60 -14.15 14.74
C VAL D 219 41.90 -13.85 16.07
N VAL D 220 40.59 -13.61 16.00
CA VAL D 220 39.80 -13.39 17.20
C VAL D 220 38.94 -14.63 17.30
N ILE D 221 38.88 -15.22 18.48
CA ILE D 221 38.12 -16.43 18.68
C ILE D 221 37.20 -16.37 19.90
N ASP D 222 35.96 -16.78 19.70
CA ASP D 222 34.97 -16.78 20.77
C ASP D 222 35.24 -18.02 21.63
N LYS D 223 36.23 -17.91 22.51
CA LYS D 223 36.62 -19.00 23.40
C LYS D 223 37.27 -18.45 24.65
N GLU D 224 37.45 -19.33 25.63
CA GLU D 224 38.08 -18.96 26.89
C GLU D 224 39.32 -19.79 27.16
N VAL D 225 40.16 -19.29 28.05
CA VAL D 225 41.35 -20.04 28.45
C VAL D 225 40.71 -21.13 29.32
N VAL D 226 40.97 -22.38 28.97
CA VAL D 226 40.38 -23.52 29.68
C VAL D 226 40.61 -23.62 31.20
N HIS D 227 41.80 -23.25 31.66
CA HIS D 227 42.14 -23.34 33.08
C HIS D 227 42.33 -21.95 33.69
N PRO D 228 41.79 -21.72 34.89
CA PRO D 228 41.90 -20.44 35.60
C PRO D 228 43.31 -20.00 35.96
N ARG D 229 44.18 -20.96 36.27
CA ARG D 229 45.55 -20.65 36.66
C ARG D 229 46.46 -20.29 35.49
N MET D 230 46.02 -20.57 34.26
CA MET D 230 46.85 -20.25 33.09
C MET D 230 46.97 -18.74 32.90
N PRO D 231 47.98 -18.29 32.15
CA PRO D 231 48.16 -16.85 31.92
C PRO D 231 47.03 -16.37 31.02
N LYS D 232 46.62 -15.11 31.17
CA LYS D 232 45.55 -14.56 30.34
C LYS D 232 46.13 -13.70 29.23
N ARG D 233 47.45 -13.48 29.31
CA ARG D 233 48.15 -12.69 28.32
C ARG D 233 49.58 -13.22 28.15
N VAL D 234 49.99 -13.39 26.90
CA VAL D 234 51.34 -13.87 26.60
C VAL D 234 51.95 -13.00 25.52
N GLU D 235 53.08 -12.37 25.84
CA GLU D 235 53.75 -11.40 24.95
C GLU D 235 54.18 -11.93 23.58
N ASN D 236 55.40 -12.43 23.47
CA ASN D 236 55.87 -12.99 22.22
C ASN D 236 55.59 -14.49 22.19
N ALA D 237 54.34 -14.80 21.92
CA ALA D 237 53.83 -16.18 21.95
C ALA D 237 54.39 -17.16 20.92
N LYS D 238 54.66 -18.36 21.39
CA LYS D 238 55.12 -19.45 20.54
C LYS D 238 53.90 -20.35 20.57
N ILE D 239 53.12 -20.27 19.49
CA ILE D 239 51.85 -20.98 19.37
C ILE D 239 51.87 -22.39 18.78
N ALA D 240 51.27 -23.33 19.51
CA ALA D 240 51.18 -24.72 19.07
C ALA D 240 49.74 -24.99 18.66
N LEU D 241 49.57 -25.67 17.53
CA LEU D 241 48.25 -26.01 16.99
C LEU D 241 48.12 -27.54 16.90
N ILE D 242 47.28 -28.12 17.76
CA ILE D 242 47.06 -29.57 17.82
C ILE D 242 45.59 -29.89 17.61
N ASN D 243 45.28 -30.85 16.73
CA ASN D 243 43.86 -31.17 16.54
C ASN D 243 43.42 -32.43 17.29
N GLU D 244 44.39 -33.21 17.76
CA GLU D 244 44.10 -34.42 18.52
C GLU D 244 43.76 -34.01 19.96
N ALA D 245 42.82 -34.70 20.58
CA ALA D 245 42.46 -34.38 21.95
C ALA D 245 43.59 -34.74 22.91
N LEU D 246 43.77 -33.93 23.95
CA LEU D 246 44.79 -34.21 24.94
C LEU D 246 44.12 -35.07 26.00
N GLU D 247 43.92 -36.34 25.66
CA GLU D 247 43.26 -37.31 26.55
C GLU D 247 43.92 -38.65 26.37
N VAL D 248 43.57 -39.60 27.25
CA VAL D 248 44.10 -40.96 27.19
C VAL D 248 43.64 -41.59 25.89
N LYS D 249 44.58 -41.84 24.98
CA LYS D 249 44.25 -42.43 23.69
C LYS D 249 43.84 -43.89 23.78
N LYS D 250 42.90 -44.28 22.91
CA LYS D 250 42.41 -45.65 22.84
C LYS D 250 42.64 -46.13 21.41
N THR D 251 42.91 -47.42 21.24
CA THR D 251 43.14 -47.95 19.91
C THR D 251 41.86 -47.97 19.09
N GLU D 252 42.02 -48.01 17.78
CA GLU D 252 40.88 -48.05 16.88
C GLU D 252 40.28 -49.46 16.97
N THR D 253 41.15 -50.44 17.17
CA THR D 253 40.73 -51.83 17.31
C THR D 253 40.19 -52.01 18.73
N ASP D 254 39.06 -52.70 18.86
CA ASP D 254 38.47 -52.93 20.18
C ASP D 254 39.52 -53.49 21.14
N ALA D 255 39.46 -53.07 22.39
CA ALA D 255 40.42 -53.53 23.38
C ALA D 255 39.84 -53.45 24.77
N LYS D 256 40.32 -54.33 25.64
CA LYS D 256 39.87 -54.36 27.01
C LYS D 256 40.97 -54.92 27.90
N ILE D 257 41.20 -54.26 29.02
CA ILE D 257 42.21 -54.68 29.96
C ILE D 257 41.65 -55.87 30.75
N ASN D 258 42.41 -56.95 30.81
CA ASN D 258 42.00 -58.12 31.57
C ASN D 258 42.87 -58.13 32.83
N ILE D 259 42.28 -57.68 33.94
CA ILE D 259 42.97 -57.60 35.22
C ILE D 259 42.95 -58.92 35.98
N THR D 260 44.13 -59.38 36.39
CA THR D 260 44.24 -60.64 37.11
C THR D 260 44.92 -60.52 38.48
N SER D 261 45.35 -59.32 38.84
CA SER D 261 45.97 -59.12 40.14
C SER D 261 45.74 -57.69 40.62
N PRO D 262 45.54 -57.51 41.93
CA PRO D 262 45.30 -56.21 42.58
C PRO D 262 46.25 -55.08 42.23
N ASP D 263 47.53 -55.40 42.02
CA ASP D 263 48.49 -54.35 41.71
C ASP D 263 48.31 -53.77 40.32
N GLN D 264 47.52 -54.42 39.48
CA GLN D 264 47.29 -53.90 38.14
C GLN D 264 46.32 -52.73 38.18
N LEU D 265 45.47 -52.67 39.19
CA LEU D 265 44.51 -51.57 39.31
C LEU D 265 45.24 -50.23 39.33
N MET D 266 46.40 -50.20 40.00
CA MET D 266 47.20 -48.99 40.10
C MET D 266 48.13 -48.80 38.91
N SER D 267 48.73 -49.89 38.45
CA SER D 267 49.66 -49.82 37.32
C SER D 267 49.03 -49.30 36.02
N PHE D 268 47.82 -49.75 35.69
CA PHE D 268 47.17 -49.28 34.47
C PHE D 268 46.73 -47.84 34.64
N LEU D 269 46.29 -47.53 35.86
CA LEU D 269 45.83 -46.20 36.23
C LEU D 269 46.98 -45.22 36.08
N GLU D 270 48.14 -45.59 36.62
CA GLU D 270 49.34 -44.74 36.56
C GLU D 270 49.90 -44.64 35.15
N GLN D 271 49.65 -45.66 34.35
CA GLN D 271 50.14 -45.67 32.97
C GLN D 271 49.33 -44.64 32.15
N GLU D 272 48.05 -44.52 32.41
CA GLU D 272 47.24 -43.55 31.67
C GLU D 272 47.61 -42.14 32.12
N GLU D 273 47.96 -41.99 33.39
CA GLU D 273 48.36 -40.68 33.92
C GLU D 273 49.64 -40.27 33.21
N LYS D 274 50.58 -41.21 33.11
CA LYS D 274 51.86 -40.97 32.46
C LYS D 274 51.70 -40.61 30.98
N MET D 275 50.79 -41.30 30.31
CA MET D 275 50.55 -41.03 28.90
C MET D 275 50.10 -39.58 28.75
N LEU D 276 49.19 -39.17 29.63
CA LEU D 276 48.63 -37.83 29.60
C LEU D 276 49.71 -36.79 29.93
N LYS D 277 50.48 -37.06 30.98
CA LYS D 277 51.54 -36.16 31.40
C LYS D 277 52.61 -36.04 30.31
N ASP D 278 52.93 -37.16 29.67
CA ASP D 278 53.95 -37.14 28.62
C ASP D 278 53.54 -36.21 27.48
N MET D 279 52.28 -36.30 27.07
CA MET D 279 51.79 -35.46 25.98
C MET D 279 52.06 -34.00 26.31
N VAL D 280 51.70 -33.60 27.52
CA VAL D 280 51.90 -32.22 27.97
C VAL D 280 53.38 -31.86 28.06
N ASP D 281 54.17 -32.73 28.70
CA ASP D 281 55.61 -32.50 28.84
C ASP D 281 56.23 -32.28 27.45
N HIS D 282 55.72 -33.01 26.46
CA HIS D 282 56.25 -32.90 25.12
C HIS D 282 55.96 -31.53 24.53
N ILE D 283 54.74 -31.03 24.75
CA ILE D 283 54.36 -29.72 24.25
C ILE D 283 55.26 -28.65 24.88
N ALA D 284 55.42 -28.74 26.20
CA ALA D 284 56.24 -27.77 26.93
C ALA D 284 57.68 -27.74 26.39
N GLN D 285 58.24 -28.92 26.15
CA GLN D 285 59.61 -29.05 25.67
C GLN D 285 59.88 -28.42 24.30
N THR D 286 58.84 -28.18 23.51
CA THR D 286 59.02 -27.55 22.20
C THR D 286 59.23 -26.05 22.37
N GLY D 287 58.81 -25.52 23.52
CA GLY D 287 58.94 -24.11 23.80
C GLY D 287 57.61 -23.38 23.71
N ALA D 288 56.57 -24.08 23.26
CA ALA D 288 55.25 -23.49 23.14
C ALA D 288 54.70 -22.98 24.46
N ASN D 289 54.12 -21.77 24.42
CA ASN D 289 53.53 -21.19 25.63
C ASN D 289 52.04 -20.93 25.39
N VAL D 290 51.58 -21.17 24.16
CA VAL D 290 50.18 -21.02 23.81
C VAL D 290 49.79 -22.25 22.99
N VAL D 291 48.67 -22.87 23.32
CA VAL D 291 48.23 -24.07 22.62
C VAL D 291 46.76 -24.08 22.27
N PHE D 292 46.44 -24.26 20.99
CA PHE D 292 45.05 -24.35 20.56
C PHE D 292 44.80 -25.80 20.16
N VAL D 293 43.83 -26.43 20.82
CA VAL D 293 43.48 -27.82 20.56
C VAL D 293 42.10 -27.86 19.93
N GLN D 294 41.97 -28.59 18.82
CA GLN D 294 40.69 -28.70 18.13
C GLN D 294 39.69 -29.51 18.92
N LYS D 295 40.15 -30.56 19.57
CA LYS D 295 39.27 -31.41 20.38
C LYS D 295 39.36 -31.01 21.85
N GLY D 296 39.08 -31.96 22.74
CA GLY D 296 39.12 -31.66 24.16
C GLY D 296 40.48 -31.74 24.85
N ILE D 297 40.47 -31.42 26.14
CA ILE D 297 41.67 -31.46 26.97
C ILE D 297 41.26 -31.94 28.35
N ASP D 298 41.73 -33.12 28.76
CA ASP D 298 41.39 -33.66 30.07
C ASP D 298 41.88 -32.74 31.18
N ASP D 299 41.19 -32.76 32.32
CA ASP D 299 41.55 -31.92 33.45
C ASP D 299 43.00 -32.08 33.89
N LEU D 300 43.50 -33.30 33.88
CA LEU D 300 44.87 -33.52 34.30
C LEU D 300 45.79 -32.76 33.36
N ALA D 301 45.53 -32.87 32.05
CA ALA D 301 46.33 -32.19 31.05
C ALA D 301 46.30 -30.69 31.30
N GLN D 302 45.10 -30.17 31.56
CA GLN D 302 44.93 -28.75 31.83
C GLN D 302 45.78 -28.36 33.03
N HIS D 303 45.74 -29.20 34.06
CA HIS D 303 46.49 -28.97 35.27
C HIS D 303 47.98 -28.83 34.99
N TYR D 304 48.55 -29.76 34.23
CA TYR D 304 49.97 -29.68 33.93
C TYR D 304 50.30 -28.50 32.99
N LEU D 305 49.42 -28.16 32.06
CA LEU D 305 49.67 -27.03 31.17
C LEU D 305 49.78 -25.78 32.05
N ALA D 306 48.89 -25.69 33.04
CA ALA D 306 48.88 -24.57 33.95
C ALA D 306 50.17 -24.54 34.74
N LYS D 307 50.57 -25.70 35.26
CA LYS D 307 51.80 -25.78 36.03
C LYS D 307 52.95 -25.27 35.19
N TYR D 308 52.94 -25.61 33.91
CA TYR D 308 53.99 -25.18 32.99
C TYR D 308 53.85 -23.71 32.57
N GLY D 309 52.76 -23.07 32.97
CA GLY D 309 52.54 -21.69 32.60
C GLY D 309 52.18 -21.58 31.12
N ILE D 310 51.46 -22.57 30.62
CA ILE D 310 51.05 -22.58 29.23
C ILE D 310 49.55 -22.30 29.10
N MET D 311 49.21 -21.36 28.21
CA MET D 311 47.82 -21.02 27.97
C MET D 311 47.30 -22.01 26.96
N ALA D 312 46.15 -22.60 27.22
CA ALA D 312 45.56 -23.56 26.30
C ALA D 312 44.07 -23.33 26.08
N VAL D 313 43.60 -23.66 24.89
CA VAL D 313 42.19 -23.50 24.53
C VAL D 313 41.75 -24.80 23.88
N ARG D 314 40.64 -25.35 24.35
CA ARG D 314 40.13 -26.61 23.79
C ARG D 314 38.95 -26.40 22.86
N ARG D 315 38.51 -27.48 22.24
CA ARG D 315 37.36 -27.46 21.33
C ARG D 315 37.37 -26.26 20.36
N VAL D 316 38.52 -25.96 19.78
CA VAL D 316 38.62 -24.85 18.84
C VAL D 316 38.10 -25.31 17.48
N LYS D 317 37.25 -24.48 16.86
CA LYS D 317 36.69 -24.80 15.55
C LYS D 317 37.73 -25.04 14.46
N LYS D 318 37.50 -26.08 13.66
CA LYS D 318 38.40 -26.42 12.56
C LYS D 318 38.75 -25.19 11.72
N SER D 319 37.74 -24.44 11.31
CA SER D 319 37.94 -23.24 10.50
C SER D 319 38.84 -22.22 11.22
N ASP D 320 38.74 -22.18 12.54
CA ASP D 320 39.56 -21.26 13.33
C ASP D 320 41.00 -21.77 13.43
N MET D 321 41.16 -23.09 13.42
CA MET D 321 42.49 -23.72 13.49
C MET D 321 43.26 -23.34 12.21
N GLU D 322 42.59 -23.43 11.07
CA GLU D 322 43.21 -23.10 9.79
C GLU D 322 43.59 -21.63 9.74
N LYS D 323 42.72 -20.78 10.29
CA LYS D 323 42.99 -19.35 10.32
C LYS D 323 44.18 -19.03 11.23
N LEU D 324 44.29 -19.74 12.35
CA LEU D 324 45.41 -19.52 13.27
C LEU D 324 46.72 -19.94 12.60
N ALA D 325 46.68 -21.01 11.81
CA ALA D 325 47.85 -21.49 11.11
C ALA D 325 48.35 -20.45 10.11
N LYS D 326 47.45 -20.00 9.23
CA LYS D 326 47.82 -19.02 8.21
C LYS D 326 48.22 -17.67 8.81
N ALA D 327 47.62 -17.33 9.94
CA ALA D 327 47.92 -16.06 10.59
C ALA D 327 49.24 -16.07 11.36
N THR D 328 49.44 -17.07 12.20
CA THR D 328 50.66 -17.15 13.01
C THR D 328 51.83 -17.87 12.36
N GLY D 329 51.54 -18.63 11.32
CA GLY D 329 52.61 -19.36 10.65
C GLY D 329 52.82 -20.74 11.24
N ALA D 330 52.01 -21.11 12.23
CA ALA D 330 52.12 -22.42 12.85
C ALA D 330 51.58 -23.48 11.91
N LYS D 331 52.01 -24.72 12.12
CA LYS D 331 51.54 -25.82 11.30
C LYS D 331 50.70 -26.74 12.17
N ILE D 332 49.49 -27.03 11.71
CA ILE D 332 48.60 -27.90 12.46
C ILE D 332 49.17 -29.31 12.48
N VAL D 333 49.32 -29.86 13.68
CA VAL D 333 49.85 -31.20 13.86
C VAL D 333 48.72 -32.09 14.39
N THR D 334 48.64 -33.32 13.88
CA THR D 334 47.61 -34.25 14.31
C THR D 334 47.89 -34.86 15.67
N ASN D 335 49.06 -35.49 15.83
CA ASN D 335 49.42 -36.09 17.11
C ASN D 335 50.44 -35.22 17.86
N VAL D 336 50.23 -35.07 19.15
CA VAL D 336 51.11 -34.29 20.00
C VAL D 336 52.58 -34.65 19.79
N LYS D 337 52.84 -35.96 19.76
CA LYS D 337 54.20 -36.48 19.60
C LYS D 337 54.93 -35.95 18.36
N ASP D 338 54.21 -35.55 17.33
CA ASP D 338 54.85 -35.06 16.12
C ASP D 338 55.18 -33.57 16.18
N LEU D 339 54.76 -32.92 17.27
CA LEU D 339 55.00 -31.49 17.43
C LEU D 339 56.48 -31.19 17.65
N THR D 340 56.99 -30.20 16.91
CA THR D 340 58.38 -29.78 17.03
C THR D 340 58.38 -28.25 17.12
N PRO D 341 59.52 -27.65 17.51
CA PRO D 341 59.56 -26.19 17.62
C PRO D 341 59.28 -25.53 16.26
N GLU D 342 59.76 -26.16 15.19
CA GLU D 342 59.56 -25.64 13.85
C GLU D 342 58.08 -25.54 13.49
N ASP D 343 57.23 -26.22 14.24
CA ASP D 343 55.79 -26.21 14.00
C ASP D 343 55.08 -25.03 14.66
N LEU D 344 55.75 -24.39 15.61
CA LEU D 344 55.14 -23.29 16.33
C LEU D 344 54.97 -22.02 15.53
N GLY D 345 53.89 -21.30 15.81
CA GLY D 345 53.60 -20.06 15.13
C GLY D 345 53.97 -18.90 16.02
N TYR D 346 53.74 -17.68 15.54
CA TYR D 346 54.08 -16.49 16.32
C TYR D 346 52.98 -15.44 16.36
N ALA D 347 52.86 -14.79 17.51
CA ALA D 347 51.88 -13.72 17.70
C ALA D 347 52.49 -12.74 18.69
N GLU D 348 52.47 -11.46 18.34
CA GLU D 348 53.03 -10.43 19.20
C GLU D 348 52.36 -10.47 20.57
N VAL D 349 51.08 -10.81 20.59
CA VAL D 349 50.30 -10.88 21.82
C VAL D 349 49.15 -11.86 21.63
N VAL D 350 48.88 -12.65 22.67
CA VAL D 350 47.74 -13.56 22.66
C VAL D 350 47.16 -13.28 24.01
N GLU D 351 45.90 -12.85 24.04
CA GLU D 351 45.30 -12.50 25.31
C GLU D 351 43.81 -12.71 25.34
N GLU D 352 43.31 -13.08 26.52
CA GLU D 352 41.90 -13.28 26.71
C GLU D 352 41.36 -11.93 27.18
N ARG D 353 40.33 -11.43 26.51
CA ARG D 353 39.72 -10.15 26.86
C ARG D 353 38.21 -10.29 26.84
N LYS D 354 37.53 -9.49 27.64
CA LYS D 354 36.08 -9.52 27.69
C LYS D 354 35.48 -8.44 26.80
N LEU D 355 34.51 -8.83 25.99
CA LEU D 355 33.80 -7.92 25.11
C LEU D 355 32.35 -8.07 25.50
N ALA D 356 31.74 -6.98 25.96
CA ALA D 356 30.35 -7.06 26.39
C ALA D 356 30.26 -8.16 27.45
N GLY D 357 31.23 -8.16 28.37
CA GLY D 357 31.27 -9.15 29.43
C GLY D 357 31.55 -10.60 29.04
N GLU D 358 31.77 -10.86 27.75
CA GLU D 358 32.05 -12.22 27.28
C GLU D 358 33.51 -12.41 26.90
N ASN D 359 34.13 -13.46 27.42
CA ASN D 359 35.54 -13.72 27.16
C ASN D 359 35.87 -14.15 25.74
N MET D 360 36.95 -13.58 25.22
CA MET D 360 37.40 -13.92 23.88
C MET D 360 38.91 -13.93 23.84
N ILE D 361 39.45 -14.60 22.84
CA ILE D 361 40.87 -14.68 22.70
C ILE D 361 41.37 -13.95 21.46
N PHE D 362 42.29 -13.02 21.70
CA PHE D 362 42.87 -12.23 20.63
C PHE D 362 44.27 -12.72 20.32
N VAL D 363 44.53 -12.99 19.05
CA VAL D 363 45.85 -13.40 18.58
C VAL D 363 46.17 -12.28 17.61
N GLU D 364 46.92 -11.30 18.10
CA GLU D 364 47.27 -10.13 17.31
C GLU D 364 48.75 -9.89 17.13
N GLY D 365 49.06 -8.98 16.21
CA GLY D 365 50.45 -8.66 15.94
C GLY D 365 51.24 -9.74 15.27
N CYS D 366 50.59 -10.55 14.43
CA CYS D 366 51.30 -11.62 13.73
C CYS D 366 52.18 -10.99 12.65
N LYS D 367 53.28 -11.66 12.32
CA LYS D 367 54.23 -11.16 11.33
C LYS D 367 53.56 -10.77 10.00
N ASN D 368 53.40 -11.71 9.08
CA ASN D 368 52.75 -11.39 7.80
C ASN D 368 51.60 -12.37 7.65
N PRO D 369 50.56 -12.21 8.48
CA PRO D 369 49.39 -13.09 8.46
C PRO D 369 48.77 -13.31 7.11
N LYS D 370 48.35 -14.55 6.85
CA LYS D 370 47.70 -14.89 5.60
C LYS D 370 46.19 -15.03 5.84
N ALA D 371 45.80 -14.91 7.11
CA ALA D 371 44.39 -14.96 7.51
C ALA D 371 44.27 -13.78 8.45
N VAL D 372 43.16 -13.08 8.37
CA VAL D 372 42.97 -11.90 9.18
C VAL D 372 41.57 -11.85 9.78
N THR D 373 41.31 -10.91 10.69
CA THR D 373 40.00 -10.79 11.31
C THR D 373 39.49 -9.37 11.42
N ILE D 374 38.24 -9.16 11.03
CA ILE D 374 37.62 -7.83 11.15
C ILE D 374 36.62 -7.97 12.28
N LEU D 375 36.89 -7.30 13.39
CA LEU D 375 36.02 -7.34 14.56
C LEU D 375 34.97 -6.25 14.41
N ILE D 376 33.72 -6.67 14.31
CA ILE D 376 32.61 -5.73 14.16
C ILE D 376 31.95 -5.41 15.49
N ARG D 377 31.75 -4.12 15.74
CA ARG D 377 31.08 -3.65 16.95
C ARG D 377 29.88 -2.81 16.51
N GLY D 378 28.95 -2.60 17.43
CA GLY D 378 27.77 -1.81 17.11
C GLY D 378 26.82 -1.86 18.30
N GLY D 379 25.95 -0.86 18.43
CA GLY D 379 25.05 -0.81 19.57
C GLY D 379 23.90 -1.79 19.61
N THR D 380 23.81 -2.69 18.63
CA THR D 380 22.70 -3.63 18.57
C THR D 380 23.07 -4.84 17.74
N GLU D 381 22.50 -6.00 18.04
CA GLU D 381 22.80 -7.20 17.26
C GLU D 381 22.38 -7.00 15.79
N HIS D 382 21.24 -6.36 15.56
CA HIS D 382 20.80 -6.13 14.19
C HIS D 382 21.76 -5.22 13.42
N VAL D 383 22.26 -4.18 14.09
CA VAL D 383 23.19 -3.27 13.46
C VAL D 383 24.43 -4.09 13.08
N ILE D 384 24.92 -4.86 14.03
CA ILE D 384 26.07 -5.73 13.81
C ILE D 384 25.93 -6.61 12.57
N ASP D 385 24.78 -7.28 12.44
CA ASP D 385 24.56 -8.16 11.30
C ASP D 385 24.54 -7.42 9.98
N GLU D 386 23.90 -6.25 9.94
CA GLU D 386 23.84 -5.50 8.70
C GLU D 386 25.22 -4.94 8.35
N VAL D 387 26.04 -4.67 9.36
CA VAL D 387 27.39 -4.16 9.08
C VAL D 387 28.18 -5.30 8.46
N GLU D 388 28.02 -6.51 9.00
CA GLU D 388 28.73 -7.66 8.46
C GLU D 388 28.36 -7.83 6.99
N ARG D 389 27.07 -7.67 6.68
CA ARG D 389 26.62 -7.80 5.31
C ARG D 389 27.27 -6.76 4.41
N ALA D 390 27.39 -5.53 4.90
CA ALA D 390 28.02 -4.48 4.12
C ALA D 390 29.50 -4.83 3.90
N LEU D 391 30.15 -5.34 4.94
CA LEU D 391 31.56 -5.72 4.83
C LEU D 391 31.76 -6.89 3.87
N GLU D 392 30.79 -7.80 3.81
CA GLU D 392 30.90 -8.94 2.93
C GLU D 392 30.90 -8.45 1.48
N ASP D 393 30.06 -7.46 1.20
CA ASP D 393 30.02 -6.90 -0.15
C ASP D 393 31.30 -6.14 -0.43
N ALA D 394 31.65 -5.24 0.48
CA ALA D 394 32.85 -4.43 0.33
C ALA D 394 34.08 -5.30 0.06
N VAL D 395 34.19 -6.38 0.81
CA VAL D 395 35.32 -7.28 0.64
C VAL D 395 35.29 -8.01 -0.72
N LYS D 396 34.09 -8.32 -1.21
CA LYS D 396 33.95 -8.99 -2.50
C LYS D 396 34.32 -8.10 -3.68
N VAL D 397 33.88 -6.85 -3.67
CA VAL D 397 34.22 -5.96 -4.77
C VAL D 397 35.71 -5.63 -4.78
N VAL D 398 36.31 -5.48 -3.60
CA VAL D 398 37.74 -5.18 -3.56
C VAL D 398 38.41 -6.38 -4.21
N LYS D 399 37.98 -7.58 -3.83
CA LYS D 399 38.51 -8.80 -4.40
C LYS D 399 38.37 -8.79 -5.92
N ASP D 400 37.19 -8.40 -6.41
CA ASP D 400 36.94 -8.37 -7.84
C ASP D 400 37.99 -7.57 -8.58
N VAL D 401 38.30 -6.38 -8.07
CA VAL D 401 39.27 -5.51 -8.71
C VAL D 401 40.70 -6.04 -8.67
N MET D 402 41.07 -6.70 -7.58
CA MET D 402 42.41 -7.24 -7.47
C MET D 402 42.61 -8.43 -8.40
N GLU D 403 41.54 -9.18 -8.65
CA GLU D 403 41.63 -10.34 -9.54
C GLU D 403 41.44 -9.91 -11.00
N ASP D 404 40.60 -8.90 -11.20
CA ASP D 404 40.32 -8.33 -12.53
C ASP D 404 40.73 -6.87 -12.38
N GLY D 405 41.89 -6.48 -12.91
CA GLY D 405 42.27 -5.07 -12.75
C GLY D 405 41.43 -4.16 -13.60
N ALA D 406 40.11 -4.14 -13.37
CA ALA D 406 39.22 -3.31 -14.17
C ALA D 406 38.00 -2.77 -13.43
N VAL D 407 37.72 -1.49 -13.65
CA VAL D 407 36.61 -0.84 -13.00
C VAL D 407 35.77 -0.06 -14.00
N LEU D 408 34.63 0.44 -13.53
CA LEU D 408 33.71 1.22 -14.36
C LEU D 408 33.13 2.34 -13.52
N PRO D 409 32.64 3.39 -14.16
CA PRO D 409 32.05 4.45 -13.35
C PRO D 409 30.71 3.91 -12.83
N ALA D 410 30.16 4.52 -11.80
CA ALA D 410 28.88 4.07 -11.26
C ALA D 410 27.82 5.07 -11.67
N GLY D 411 26.82 5.29 -10.82
CA GLY D 411 25.77 6.25 -11.12
C GLY D 411 25.00 6.02 -12.39
N GLY D 412 24.91 4.77 -12.82
CA GLY D 412 24.17 4.46 -14.04
C GLY D 412 24.90 4.80 -15.32
N ALA D 413 26.14 5.26 -15.19
CA ALA D 413 26.93 5.63 -16.37
C ALA D 413 27.08 4.44 -17.31
N PRO D 414 27.47 3.27 -16.77
CA PRO D 414 27.64 2.08 -17.61
C PRO D 414 26.38 1.74 -18.42
N GLU D 415 25.24 1.61 -17.76
CA GLU D 415 24.04 1.28 -18.50
C GLU D 415 23.68 2.35 -19.54
N ILE D 416 23.99 3.61 -19.24
CA ILE D 416 23.71 4.68 -20.20
C ILE D 416 24.61 4.51 -21.43
N GLU D 417 25.88 4.18 -21.19
CA GLU D 417 26.83 3.96 -22.27
C GLU D 417 26.34 2.78 -23.12
N LEU D 418 25.86 1.73 -22.45
CA LEU D 418 25.38 0.56 -23.16
C LEU D 418 24.11 0.88 -23.94
N ALA D 419 23.18 1.59 -23.31
CA ALA D 419 21.94 1.95 -23.97
C ALA D 419 22.19 2.73 -25.25
N ILE D 420 23.16 3.65 -25.22
CA ILE D 420 23.49 4.45 -26.41
C ILE D 420 24.10 3.59 -27.51
N ARG D 421 25.14 2.83 -27.16
CA ARG D 421 25.81 1.98 -28.13
C ARG D 421 24.96 0.83 -28.64
N LEU D 422 24.14 0.26 -27.78
CA LEU D 422 23.28 -0.86 -28.17
C LEU D 422 22.18 -0.37 -29.10
N ASP D 423 21.80 0.88 -28.94
CA ASP D 423 20.74 1.44 -29.78
C ASP D 423 21.27 1.58 -31.20
N GLU D 424 22.55 1.93 -31.33
CA GLU D 424 23.18 2.06 -32.64
C GLU D 424 23.44 0.68 -33.22
N TYR D 425 23.81 -0.26 -32.36
CA TYR D 425 24.06 -1.62 -32.81
C TYR D 425 22.78 -2.16 -33.44
N ALA D 426 21.64 -1.78 -32.86
CA ALA D 426 20.34 -2.21 -33.34
C ALA D 426 20.14 -1.82 -34.80
N LYS D 427 20.38 -0.56 -35.13
CA LYS D 427 20.22 -0.08 -36.49
C LYS D 427 21.08 -0.90 -37.45
N GLN D 428 22.25 -1.30 -36.99
CA GLN D 428 23.14 -2.10 -37.81
C GLN D 428 22.55 -3.49 -38.09
N VAL D 429 21.77 -4.01 -37.15
CA VAL D 429 21.15 -5.33 -37.28
C VAL D 429 19.81 -5.26 -38.01
N GLY D 430 19.05 -4.20 -37.77
CA GLY D 430 17.76 -4.03 -38.41
C GLY D 430 16.76 -5.16 -38.18
N GLY D 431 15.60 -5.05 -38.84
CA GLY D 431 14.58 -6.06 -38.73
C GLY D 431 13.82 -6.06 -37.42
N LYS D 432 13.11 -7.15 -37.15
CA LYS D 432 12.37 -7.28 -35.91
C LYS D 432 13.35 -7.48 -34.76
N GLU D 433 14.52 -8.04 -35.07
CA GLU D 433 15.55 -8.27 -34.06
C GLU D 433 16.05 -6.92 -33.55
N ALA D 434 16.01 -5.92 -34.41
CA ALA D 434 16.43 -4.58 -34.04
C ALA D 434 15.46 -4.04 -33.01
N LEU D 435 14.19 -4.42 -33.14
CA LEU D 435 13.15 -3.99 -32.21
C LEU D 435 13.48 -4.48 -30.81
N ALA D 436 13.90 -5.74 -30.71
CA ALA D 436 14.23 -6.33 -29.42
C ALA D 436 15.52 -5.72 -28.85
N ILE D 437 16.51 -5.49 -29.71
CA ILE D 437 17.76 -4.90 -29.25
C ILE D 437 17.52 -3.49 -28.72
N GLU D 438 16.70 -2.71 -29.41
CA GLU D 438 16.43 -1.36 -28.98
C GLU D 438 15.74 -1.41 -27.63
N ASN D 439 14.86 -2.40 -27.46
CA ASN D 439 14.12 -2.54 -26.21
C ASN D 439 15.03 -3.01 -25.08
N PHE D 440 16.03 -3.81 -25.41
CA PHE D 440 16.97 -4.30 -24.42
C PHE D 440 17.75 -3.09 -23.91
N ALA D 441 18.18 -2.24 -24.84
CA ALA D 441 18.95 -1.04 -24.49
C ALA D 441 18.14 -0.11 -23.60
N ASP D 442 16.89 0.13 -23.99
CA ASP D 442 16.02 1.01 -23.23
C ASP D 442 15.80 0.47 -21.83
N ALA D 443 15.76 -0.85 -21.71
CA ALA D 443 15.55 -1.53 -20.44
C ALA D 443 16.67 -1.24 -19.46
N LEU D 444 17.90 -1.13 -19.96
CA LEU D 444 19.05 -0.87 -19.10
C LEU D 444 18.94 0.47 -18.39
N LYS D 445 18.05 1.34 -18.87
CA LYS D 445 17.89 2.64 -18.25
C LYS D 445 17.17 2.65 -16.89
N ILE D 446 16.60 1.53 -16.45
CA ILE D 446 15.94 1.56 -15.13
C ILE D 446 16.95 1.84 -14.07
N ILE D 447 18.20 1.46 -14.27
CA ILE D 447 19.20 1.74 -13.24
C ILE D 447 19.28 3.26 -13.00
N PRO D 448 19.63 4.03 -14.04
CA PRO D 448 19.71 5.48 -13.85
C PRO D 448 18.36 6.00 -13.37
N LYS D 449 17.30 5.41 -13.92
CA LYS D 449 15.94 5.81 -13.60
C LYS D 449 15.55 5.62 -12.14
N THR D 450 15.73 4.42 -11.61
CA THR D 450 15.34 4.20 -10.23
C THR D 450 16.33 4.81 -9.25
N LEU D 451 17.59 5.00 -9.67
CA LEU D 451 18.57 5.65 -8.80
C LEU D 451 18.00 7.02 -8.49
N ALA D 452 17.48 7.66 -9.53
CA ALA D 452 16.90 8.99 -9.40
C ALA D 452 15.57 8.92 -8.66
N GLU D 453 14.76 7.92 -9.01
CA GLU D 453 13.46 7.75 -8.41
C GLU D 453 13.57 7.62 -6.89
N ASN D 454 14.49 6.77 -6.42
CA ASN D 454 14.65 6.58 -4.99
C ASN D 454 15.14 7.86 -4.32
N ALA D 455 15.73 8.77 -5.10
CA ALA D 455 16.22 10.04 -4.57
C ALA D 455 15.14 11.11 -4.58
N GLY D 456 13.99 10.77 -5.17
CA GLY D 456 12.89 11.72 -5.24
C GLY D 456 13.02 12.73 -6.36
N LEU D 457 13.94 12.46 -7.29
CA LEU D 457 14.16 13.36 -8.42
C LEU D 457 13.14 13.13 -9.53
N ASP D 458 13.09 14.04 -10.48
CA ASP D 458 12.17 13.90 -11.60
C ASP D 458 12.80 13.01 -12.65
N THR D 459 12.39 11.75 -12.63
CA THR D 459 12.87 10.72 -13.52
C THR D 459 13.01 11.12 -14.99
N VAL D 460 11.92 11.56 -15.60
CA VAL D 460 11.95 11.94 -17.01
C VAL D 460 13.02 12.98 -17.28
N GLU D 461 13.11 14.00 -16.42
CA GLU D 461 14.09 15.06 -16.62
C GLU D 461 15.52 14.58 -16.39
N MET D 462 15.77 13.88 -15.28
CA MET D 462 17.11 13.38 -15.01
C MET D 462 17.63 12.54 -16.16
N LEU D 463 16.78 11.70 -16.73
CA LEU D 463 17.23 10.86 -17.83
C LEU D 463 17.64 11.70 -19.03
N VAL D 464 16.79 12.64 -19.43
CA VAL D 464 17.11 13.49 -20.57
C VAL D 464 18.46 14.18 -20.37
N LYS D 465 18.64 14.78 -19.20
CA LYS D 465 19.89 15.48 -18.91
C LYS D 465 21.12 14.60 -18.84
N VAL D 466 21.02 13.43 -18.22
CA VAL D 466 22.19 12.57 -18.11
C VAL D 466 22.60 11.96 -19.43
N ILE D 467 21.63 11.54 -20.22
CA ILE D 467 21.93 10.94 -21.51
C ILE D 467 22.60 11.98 -22.41
N SER D 468 22.10 13.21 -22.32
CA SER D 468 22.64 14.32 -23.09
C SER D 468 24.08 14.64 -22.65
N GLU D 469 24.25 14.87 -21.35
CA GLU D 469 25.58 15.16 -20.82
C GLU D 469 26.53 14.01 -21.11
N HIS D 470 26.03 12.78 -21.02
CA HIS D 470 26.83 11.61 -21.27
C HIS D 470 27.31 11.60 -22.72
N LYS D 471 26.47 12.09 -23.64
CA LYS D 471 26.86 12.14 -25.04
C LYS D 471 27.91 13.21 -25.29
N ASN D 472 27.86 14.31 -24.53
CA ASN D 472 28.83 15.36 -24.70
C ASN D 472 30.13 15.09 -23.98
N ARG D 473 30.05 14.69 -22.72
CA ARG D 473 31.24 14.45 -21.92
C ARG D 473 31.76 13.03 -21.82
N GLY D 474 31.00 12.05 -22.28
CA GLY D 474 31.51 10.68 -22.26
C GLY D 474 31.16 9.64 -21.21
N LEU D 475 31.97 8.58 -21.22
CA LEU D 475 31.85 7.42 -20.36
C LEU D 475 31.55 7.59 -18.87
N GLY D 476 32.22 8.53 -18.21
CA GLY D 476 32.00 8.69 -16.78
C GLY D 476 30.78 9.43 -16.32
N ILE D 477 29.96 9.93 -17.25
CA ILE D 477 28.78 10.70 -16.85
C ILE D 477 27.60 9.86 -16.38
N GLY D 478 27.29 9.98 -15.09
CA GLY D 478 26.18 9.25 -14.50
C GLY D 478 25.32 10.20 -13.69
N ILE D 479 24.43 9.67 -12.86
CA ILE D 479 23.57 10.51 -12.05
C ILE D 479 24.04 10.68 -10.62
N ASP D 480 24.21 11.94 -10.22
CA ASP D 480 24.63 12.27 -8.87
C ASP D 480 23.33 12.45 -8.08
N VAL D 481 22.88 11.39 -7.41
CA VAL D 481 21.62 11.45 -6.66
C VAL D 481 21.65 12.40 -5.47
N PHE D 482 22.84 12.86 -5.09
CA PHE D 482 22.94 13.78 -3.98
C PHE D 482 22.77 15.21 -4.47
N GLU D 483 23.59 15.58 -5.45
CA GLU D 483 23.52 16.93 -6.01
C GLU D 483 22.30 17.05 -6.92
N GLY D 484 21.67 15.91 -7.22
CA GLY D 484 20.50 15.91 -8.08
C GLY D 484 20.77 16.34 -9.50
N LYS D 485 21.83 15.83 -10.10
CA LYS D 485 22.17 16.20 -11.47
C LYS D 485 23.27 15.31 -12.04
N PRO D 486 23.48 15.37 -13.36
CA PRO D 486 24.52 14.55 -14.00
C PRO D 486 25.89 14.95 -13.46
N ALA D 487 26.84 14.03 -13.47
CA ALA D 487 28.17 14.32 -12.98
C ALA D 487 29.15 13.26 -13.45
N ASP D 488 30.43 13.59 -13.44
CA ASP D 488 31.45 12.64 -13.85
C ASP D 488 31.79 11.76 -12.67
N MET D 489 31.25 10.55 -12.67
CA MET D 489 31.47 9.59 -11.59
C MET D 489 32.95 9.27 -11.37
N LEU D 490 33.73 9.32 -12.44
CA LEU D 490 35.16 9.05 -12.36
C LEU D 490 35.85 10.13 -11.54
N GLU D 491 35.53 11.39 -11.85
CA GLU D 491 36.11 12.51 -11.12
C GLU D 491 35.68 12.44 -9.66
N LYS D 492 34.44 12.00 -9.43
CA LYS D 492 33.90 11.91 -8.08
C LYS D 492 34.43 10.68 -7.32
N GLY D 493 35.11 9.78 -8.01
CA GLY D 493 35.63 8.59 -7.36
C GLY D 493 34.57 7.53 -7.10
N ILE D 494 33.40 7.69 -7.71
CA ILE D 494 32.29 6.76 -7.55
C ILE D 494 32.38 5.68 -8.62
N ILE D 495 33.05 4.58 -8.28
CA ILE D 495 33.27 3.48 -9.21
C ILE D 495 32.85 2.10 -8.70
N GLU D 496 32.78 1.14 -9.62
CA GLU D 496 32.39 -0.23 -9.29
C GLU D 496 33.22 -1.22 -10.10
N PRO D 497 33.36 -2.45 -9.61
CA PRO D 497 34.14 -3.48 -10.34
C PRO D 497 33.49 -3.79 -11.68
N LEU D 498 34.31 -4.10 -12.68
CA LEU D 498 33.82 -4.45 -14.02
C LEU D 498 32.96 -5.70 -13.90
N ARG D 499 33.37 -6.62 -13.02
CA ARG D 499 32.67 -7.88 -12.85
C ARG D 499 31.19 -7.73 -12.46
N VAL D 500 30.86 -6.68 -11.72
CA VAL D 500 29.47 -6.47 -11.32
C VAL D 500 28.56 -6.33 -12.54
N LYS D 501 28.83 -5.33 -13.38
CA LYS D 501 28.04 -5.12 -14.60
C LYS D 501 28.06 -6.32 -15.52
N LYS D 502 29.21 -6.96 -15.64
CA LYS D 502 29.32 -8.13 -16.52
C LYS D 502 28.40 -9.26 -16.09
N GLN D 503 28.43 -9.62 -14.82
CA GLN D 503 27.60 -10.70 -14.30
C GLN D 503 26.13 -10.28 -14.25
N ALA D 504 25.88 -9.02 -13.92
CA ALA D 504 24.51 -8.53 -13.85
C ALA D 504 23.77 -8.75 -15.17
N ILE D 505 24.38 -8.34 -16.27
CA ILE D 505 23.75 -8.49 -17.58
C ILE D 505 23.65 -9.97 -17.97
N LYS D 506 24.69 -10.73 -17.68
CA LYS D 506 24.67 -12.16 -18.01
C LYS D 506 23.50 -12.86 -17.31
N SER D 507 23.40 -12.72 -15.99
CA SER D 507 22.34 -13.36 -15.23
C SER D 507 20.96 -12.84 -15.57
N ALA D 508 20.84 -11.52 -15.74
CA ALA D 508 19.55 -10.91 -16.05
C ALA D 508 19.08 -11.29 -17.46
N SER D 509 20.01 -11.33 -18.42
CA SER D 509 19.65 -11.66 -19.80
C SER D 509 19.20 -13.10 -19.96
N GLU D 510 19.98 -14.02 -19.40
CA GLU D 510 19.67 -15.44 -19.51
C GLU D 510 18.38 -15.80 -18.78
N ALA D 511 18.11 -15.14 -17.67
CA ALA D 511 16.90 -15.39 -16.93
C ALA D 511 15.73 -14.84 -17.75
N ALA D 512 15.85 -13.59 -18.19
CA ALA D 512 14.80 -12.97 -19.00
C ALA D 512 14.46 -13.82 -20.22
N ILE D 513 15.49 -14.29 -20.90
CA ILE D 513 15.29 -15.09 -22.09
C ILE D 513 14.61 -16.41 -21.76
N MET D 514 14.95 -16.98 -20.60
CA MET D 514 14.34 -18.25 -20.20
C MET D 514 12.85 -18.07 -19.92
N ILE D 515 12.51 -17.04 -19.15
CA ILE D 515 11.12 -16.80 -18.82
C ILE D 515 10.32 -16.49 -20.07
N LEU D 516 10.91 -15.71 -20.96
CA LEU D 516 10.30 -15.30 -22.22
C LEU D 516 10.01 -16.49 -23.14
N ARG D 517 10.72 -17.60 -22.90
CA ARG D 517 10.53 -18.80 -23.71
C ARG D 517 9.36 -19.66 -23.24
N ILE D 518 8.87 -19.39 -22.04
CA ILE D 518 7.78 -20.17 -21.46
C ILE D 518 6.41 -19.80 -22.01
N ASP D 519 5.72 -20.78 -22.58
CA ASP D 519 4.39 -20.53 -23.12
C ASP D 519 3.40 -21.53 -22.58
N ASP D 520 3.82 -22.24 -21.52
CA ASP D 520 2.97 -23.22 -20.87
C ASP D 520 3.45 -23.46 -19.43
N VAL D 521 2.56 -23.19 -18.47
CA VAL D 521 2.87 -23.37 -17.05
C VAL D 521 1.89 -24.38 -16.47
N ILE D 522 2.44 -25.49 -15.96
CA ILE D 522 1.62 -26.55 -15.39
C ILE D 522 2.06 -26.82 -13.96
N ALA D 523 1.22 -26.44 -13.01
CA ALA D 523 1.54 -26.62 -11.60
C ALA D 523 0.56 -27.57 -10.92
N ALA D 524 1.11 -28.53 -10.20
CA ALA D 524 0.30 -29.51 -9.47
C ALA D 524 -0.22 -28.90 -8.18
N LYS D 525 -1.20 -29.57 -7.56
CA LYS D 525 -1.77 -29.12 -6.30
C LYS D 525 -0.77 -29.52 -5.22
N ALA D 526 -0.52 -28.64 -4.26
CA ALA D 526 0.43 -28.92 -3.18
C ALA D 526 -0.05 -30.00 -2.20
#